data_7RM0
#
_entry.id   7RM0
#
_cell.length_a   54.520
_cell.length_b   66.310
_cell.length_c   142.320
_cell.angle_alpha   100.453
_cell.angle_beta   92.305
_cell.angle_gamma   91.718
#
_symmetry.space_group_name_H-M   'P 1'
#
loop_
_entity.id
_entity.type
_entity.pdbx_description
1 polymer '2E10.E9 Fab heavy chain'
2 polymer '2E10.E9 Fab light chain'
3 polymer 'peptide from Circumsporozoite protein variant VK247'
4 water water
#
loop_
_entity_poly.entity_id
_entity_poly.type
_entity_poly.pdbx_seq_one_letter_code
_entity_poly.pdbx_strand_id
1 'polypeptide(L)'
;NSQIQLVQSGPELKKPGETVKISCKASGYTFTNYGMNWVKQAPGKGLKWMGWINSNTGEPTYAEEFKGRFAFSLETSAST
AYLQINNLKNEDTATYFCARWANCGCAMDYWGQGTTVTVSSAKTTPPSVYPLAPGSAAQTNSMVTLGCLVKGYFPEPVTV
TWNSGSLSSGVHTFPAVLQSDLYTLSSSVTVPSSTWPSETVTCNVAHPASSTKVDKKIVPR
;
A,C,E,G
2 'polypeptide(L)'
;DIVMTQSPSSLTVTAGEKVSMSCKSSQSLFTSGKQKNYLTWYQQKPGQPPKLLIYWASTRNSGLPDRFTGSGSGTDFTLT
ISSVQAEDLAVYYCQNDYSYPFTFGSGTKLEIKRADAAPTVSIFPPSSEQLTSGGASVVCFLNNFYPKDINVKWKIDGSE
RQNGVLNSWTDQDSKDSTYSMSSTLTLTKDEYERHNSYTCEATHKTSTSPIVKSFNRNA
;
B,D,F,H
3 'polypeptide(L)' ANGAGNQPGANGAGNQPG P,Q,R,S
#
# COMPACT_ATOMS: atom_id res chain seq x y z
N GLN A 3 1.53 13.68 -0.69
CA GLN A 3 2.00 13.39 0.66
C GLN A 3 1.52 14.39 1.71
N ILE A 4 0.65 15.32 1.29
CA ILE A 4 -0.11 16.11 2.24
C ILE A 4 -1.14 15.22 2.91
N GLN A 5 -1.16 15.21 4.23
CA GLN A 5 -2.05 14.30 4.92
C GLN A 5 -2.57 14.95 6.21
N LEU A 6 -3.85 14.70 6.49
CA LEU A 6 -4.51 15.14 7.71
C LEU A 6 -4.99 13.89 8.43
N VAL A 7 -4.43 13.64 9.61
CA VAL A 7 -4.76 12.44 10.36
C VAL A 7 -5.49 12.85 11.64
N GLN A 8 -6.73 12.41 11.75
CA GLN A 8 -7.53 12.75 12.91
C GLN A 8 -7.46 11.61 13.91
N SER A 9 -7.80 11.94 15.15
CA SER A 9 -7.79 11.00 16.25
C SER A 9 -8.95 10.01 16.09
N GLY A 10 -8.90 8.94 16.86
CA GLY A 10 -9.87 7.86 16.77
C GLY A 10 -11.25 8.16 17.34
N PRO A 11 -12.21 7.25 17.08
CA PRO A 11 -13.58 7.47 17.57
C PRO A 11 -13.70 7.48 19.08
N GLU A 12 -14.65 8.28 19.54
CA GLU A 12 -14.83 8.56 20.95
C GLU A 12 -16.27 8.23 21.35
N LEU A 13 -16.42 7.64 22.53
CA LEU A 13 -17.73 7.38 23.12
C LEU A 13 -17.82 8.16 24.42
N LYS A 14 -18.82 9.02 24.53
CA LYS A 14 -19.01 9.83 25.71
C LYS A 14 -20.45 9.66 26.19
N LYS A 15 -20.68 10.06 27.42
CA LYS A 15 -22.00 10.16 28.03
C LYS A 15 -22.51 11.58 27.86
N PRO A 16 -23.84 11.80 27.94
CA PRO A 16 -24.36 13.18 27.85
C PRO A 16 -23.83 14.10 28.95
N GLY A 17 -23.38 15.30 28.55
CA GLY A 17 -22.86 16.32 29.46
C GLY A 17 -21.35 16.45 29.58
N GLU A 18 -20.60 15.55 28.97
CA GLU A 18 -19.15 15.47 29.11
C GLU A 18 -18.43 16.33 28.06
N THR A 19 -17.11 16.21 28.02
CA THR A 19 -16.25 17.04 27.18
C THR A 19 -15.37 16.11 26.33
N VAL A 20 -15.23 16.41 25.03
CA VAL A 20 -14.43 15.59 24.13
C VAL A 20 -13.46 16.49 23.38
N LYS A 21 -12.27 15.95 23.10
CA LYS A 21 -11.28 16.68 22.33
C LYS A 21 -10.74 15.82 21.19
N ILE A 22 -10.97 16.27 19.96
CA ILE A 22 -10.52 15.58 18.75
C ILE A 22 -9.30 16.31 18.23
N SER A 23 -8.28 15.55 17.85
CA SER A 23 -7.09 16.14 17.28
C SER A 23 -7.10 15.88 15.79
N CYS A 24 -6.31 16.69 15.08
CA CYS A 24 -6.14 16.62 13.64
C CYS A 24 -4.70 17.02 13.37
N LYS A 25 -3.85 16.04 13.13
CA LYS A 25 -2.43 16.30 12.90
C LYS A 25 -2.14 16.43 11.41
N ALA A 26 -1.44 17.50 11.04
CA ALA A 26 -1.19 17.81 9.64
C ALA A 26 0.26 17.50 9.31
N SER A 27 0.48 17.00 8.10
CA SER A 27 1.83 16.67 7.64
C SER A 27 1.91 16.91 6.15
N GLY A 28 3.11 17.27 5.69
CA GLY A 28 3.40 17.40 4.28
C GLY A 28 3.38 18.80 3.72
N TYR A 29 3.11 19.81 4.55
CA TYR A 29 3.01 21.18 4.10
C TYR A 29 3.37 22.12 5.24
N THR A 30 3.57 23.38 4.88
CA THR A 30 3.84 24.40 5.89
C THR A 30 2.55 24.75 6.65
N PHE A 31 2.55 24.41 7.94
CA PHE A 31 1.31 24.35 8.72
C PHE A 31 0.68 25.73 8.91
N THR A 32 1.49 26.79 9.03
CA THR A 32 1.00 28.12 9.37
C THR A 32 0.65 28.96 8.14
N ASN A 33 0.46 28.34 6.97
CA ASN A 33 0.01 29.07 5.78
C ASN A 33 -1.41 28.72 5.37
N TYR A 34 -2.06 27.78 6.07
CA TYR A 34 -3.37 27.30 5.69
C TYR A 34 -4.23 27.17 6.94
N GLY A 35 -5.38 27.83 6.97
CA GLY A 35 -6.30 27.68 8.09
C GLY A 35 -6.99 26.32 8.09
N MET A 36 -7.69 26.03 9.18
CA MET A 36 -8.26 24.72 9.41
C MET A 36 -9.76 24.87 9.63
N ASN A 37 -10.56 24.24 8.78
CA ASN A 37 -12.00 24.23 8.94
C ASN A 37 -12.44 23.01 9.70
N TRP A 38 -13.59 23.12 10.36
CA TRP A 38 -14.21 21.96 10.96
C TRP A 38 -15.61 21.79 10.38
N VAL A 39 -15.94 20.56 9.96
CA VAL A 39 -17.20 20.23 9.31
C VAL A 39 -17.87 19.09 10.07
N LYS A 40 -19.15 19.25 10.43
CA LYS A 40 -19.91 18.25 11.17
C LYS A 40 -20.81 17.46 10.21
N GLN A 41 -20.93 16.15 10.44
CA GLN A 41 -21.85 15.31 9.68
C GLN A 41 -22.56 14.33 10.61
N ALA A 42 -23.81 14.65 10.95
CA ALA A 42 -24.69 13.73 11.65
C ALA A 42 -25.02 12.52 10.76
N PRO A 43 -25.31 11.35 11.34
CA PRO A 43 -25.51 10.14 10.53
C PRO A 43 -26.66 10.27 9.53
N GLY A 44 -26.36 9.94 8.28
CA GLY A 44 -27.36 9.99 7.23
C GLY A 44 -27.70 11.38 6.73
N LYS A 45 -27.01 12.42 7.21
CA LYS A 45 -27.31 13.81 6.90
C LYS A 45 -26.17 14.43 6.08
N GLY A 46 -26.31 15.73 5.80
CA GLY A 46 -25.38 16.45 4.95
C GLY A 46 -24.26 17.11 5.74
N LEU A 47 -23.50 17.94 5.03
CA LEU A 47 -22.37 18.65 5.62
C LEU A 47 -22.79 20.00 6.17
N LYS A 48 -22.34 20.30 7.39
CA LYS A 48 -22.51 21.59 8.02
C LYS A 48 -21.15 22.14 8.38
N TRP A 49 -20.85 23.33 7.87
CA TRP A 49 -19.61 24.03 8.19
C TRP A 49 -19.68 24.64 9.59
N MET A 50 -18.72 24.30 10.44
CA MET A 50 -18.81 24.80 11.81
C MET A 50 -18.01 26.05 12.05
N GLY A 51 -16.92 26.25 11.32
CA GLY A 51 -16.03 27.37 11.57
C GLY A 51 -14.62 27.04 11.13
N TRP A 52 -13.73 27.99 11.37
CA TRP A 52 -12.34 27.75 11.02
C TRP A 52 -11.45 28.45 12.03
N ILE A 53 -10.18 28.04 12.03
CA ILE A 53 -9.16 28.61 12.89
C ILE A 53 -7.99 29.01 11.99
N ASN A 54 -7.51 30.23 12.18
CA ASN A 54 -6.37 30.73 11.43
C ASN A 54 -5.09 30.16 12.02
N SER A 55 -4.29 29.48 11.19
CA SER A 55 -3.10 28.79 11.68
C SER A 55 -1.96 29.74 12.03
N ASN A 56 -2.01 30.97 11.54
CA ASN A 56 -0.98 31.96 11.84
C ASN A 56 -1.34 32.80 13.06
N THR A 57 -2.59 33.26 13.18
CA THR A 57 -2.97 34.12 14.29
C THR A 57 -3.49 33.36 15.51
N GLY A 58 -4.10 32.20 15.29
CA GLY A 58 -4.77 31.47 16.32
C GLY A 58 -6.22 31.86 16.53
N GLU A 59 -6.71 32.87 15.83
CA GLU A 59 -8.05 33.38 16.11
C GLU A 59 -9.07 32.47 15.44
N PRO A 60 -10.06 31.97 16.16
CA PRO A 60 -11.09 31.16 15.52
C PRO A 60 -12.34 31.98 15.21
N THR A 61 -13.03 31.53 14.18
CA THR A 61 -14.35 32.05 13.85
C THR A 61 -15.31 30.88 13.74
N TYR A 62 -16.39 30.95 14.51
CA TYR A 62 -17.41 29.89 14.60
C TYR A 62 -18.72 30.36 13.97
N ALA A 63 -19.46 29.42 13.41
CA ALA A 63 -20.81 29.65 12.95
C ALA A 63 -21.75 29.82 14.14
N GLU A 64 -22.96 30.35 13.87
CA GLU A 64 -23.81 30.78 14.97
C GLU A 64 -24.35 29.60 15.79
N GLU A 65 -24.62 28.47 15.15
CA GLU A 65 -25.07 27.31 15.90
C GLU A 65 -23.97 26.73 16.79
N PHE A 66 -22.71 27.04 16.51
CA PHE A 66 -21.58 26.42 17.19
C PHE A 66 -20.83 27.37 18.11
N LYS A 67 -21.45 28.47 18.51
CA LYS A 67 -20.87 29.32 19.54
C LYS A 67 -21.34 28.86 20.91
N GLY A 68 -20.39 28.80 21.84
CA GLY A 68 -20.70 28.55 23.23
C GLY A 68 -20.26 27.19 23.75
N ARG A 69 -20.46 26.14 22.96
CA ARG A 69 -20.12 24.80 23.41
C ARG A 69 -18.93 24.23 22.64
N PHE A 70 -18.44 24.95 21.64
CA PHE A 70 -17.39 24.45 20.75
C PHE A 70 -16.18 25.35 20.82
N ALA A 71 -14.98 24.77 20.76
CA ALA A 71 -13.75 25.55 20.84
C ALA A 71 -12.71 24.98 19.89
N PHE A 72 -12.07 25.85 19.10
CA PHE A 72 -10.98 25.44 18.21
C PHE A 72 -9.65 25.80 18.87
N SER A 73 -8.64 24.96 18.64
CA SER A 73 -7.36 25.16 19.31
C SER A 73 -6.22 24.77 18.37
N LEU A 74 -5.03 25.25 18.69
CA LEU A 74 -3.86 24.98 17.88
C LEU A 74 -2.71 24.53 18.75
N GLU A 75 -1.86 23.69 18.17
CA GLU A 75 -0.54 23.40 18.73
C GLU A 75 0.38 23.42 17.50
N THR A 76 1.01 24.58 17.28
CA THR A 76 1.83 24.80 16.10
C THR A 76 3.10 23.98 16.15
N SER A 77 3.65 23.72 17.34
CA SER A 77 4.84 22.88 17.44
C SER A 77 4.57 21.48 16.89
N ALA A 78 3.36 20.96 17.09
CA ALA A 78 2.99 19.65 16.59
C ALA A 78 2.19 19.69 15.28
N SER A 79 1.96 20.87 14.71
CA SER A 79 1.17 21.03 13.48
C SER A 79 -0.21 20.40 13.65
N THR A 80 -0.85 20.66 14.79
CA THR A 80 -2.09 19.99 15.14
C THR A 80 -3.19 21.00 15.43
N ALA A 81 -4.39 20.69 14.95
CA ALA A 81 -5.59 21.43 15.27
C ALA A 81 -6.48 20.58 16.18
N TYR A 82 -7.21 21.25 17.05
CA TYR A 82 -8.01 20.60 18.05
C TYR A 82 -9.42 21.16 17.99
N LEU A 83 -10.39 20.26 18.20
CA LEU A 83 -11.79 20.61 18.36
C LEU A 83 -12.24 20.10 19.72
N GLN A 84 -12.79 20.98 20.54
CA GLN A 84 -13.30 20.60 21.85
C GLN A 84 -14.81 20.83 21.86
N ILE A 85 -15.55 19.82 22.26
CA ILE A 85 -16.99 19.95 22.43
C ILE A 85 -17.28 19.72 23.91
N ASN A 86 -17.83 20.75 24.54
CA ASN A 86 -18.25 20.76 25.94
C ASN A 86 -19.75 20.51 26.01
N ASN A 87 -20.19 19.86 27.10
CA ASN A 87 -21.61 19.64 27.45
C ASN A 87 -22.35 18.88 26.35
N LEU A 88 -21.91 17.64 26.13
CA LEU A 88 -22.35 16.87 24.97
C LEU A 88 -23.83 16.50 25.06
N LYS A 89 -24.54 16.70 23.94
CA LYS A 89 -25.94 16.28 23.81
C LYS A 89 -26.02 15.20 22.74
N ASN A 90 -27.21 14.61 22.59
CA ASN A 90 -27.37 13.55 21.61
C ASN A 90 -27.35 14.06 20.18
N GLU A 91 -27.57 15.37 19.97
CA GLU A 91 -27.40 15.98 18.66
C GLU A 91 -25.93 16.14 18.28
N ASP A 92 -24.99 15.87 19.20
CA ASP A 92 -23.59 15.97 18.85
C ASP A 92 -23.01 14.66 18.29
N THR A 93 -23.79 13.57 18.34
CA THR A 93 -23.41 12.28 17.77
C THR A 93 -23.29 12.44 16.25
N ALA A 94 -22.05 12.37 15.76
CA ALA A 94 -21.76 12.72 14.38
C ALA A 94 -20.34 12.29 14.04
N THR A 95 -19.96 12.49 12.78
CA THR A 95 -18.58 12.41 12.34
C THR A 95 -18.10 13.82 12.06
N TYR A 96 -16.98 14.19 12.65
CA TYR A 96 -16.41 15.53 12.52
C TYR A 96 -15.15 15.44 11.67
N PHE A 97 -15.05 16.29 10.64
CA PHE A 97 -13.91 16.36 9.74
C PHE A 97 -13.13 17.64 9.95
N CYS A 98 -11.79 17.54 9.96
CA CYS A 98 -10.97 18.72 9.76
C CYS A 98 -10.62 18.84 8.29
N ALA A 99 -10.63 20.06 7.77
CA ALA A 99 -10.36 20.27 6.35
C ALA A 99 -9.49 21.49 6.21
N ARG A 100 -8.45 21.40 5.41
CA ARG A 100 -7.50 22.50 5.22
C ARG A 100 -8.03 23.48 4.16
N TRP A 101 -7.98 24.77 4.47
CA TRP A 101 -8.26 25.79 3.46
C TRP A 101 -7.26 25.68 2.33
N ALA A 102 -7.74 25.82 1.10
CA ALA A 102 -6.80 25.71 0.00
C ALA A 102 -5.98 26.99 -0.14
N ASN A 103 -4.95 26.89 -0.97
CA ASN A 103 -4.09 28.02 -1.25
C ASN A 103 -4.82 29.08 -2.05
N CYS A 104 -5.92 28.72 -2.73
CA CYS A 104 -6.72 29.70 -3.42
C CYS A 104 -7.50 30.59 -2.45
N GLY A 105 -7.74 30.13 -1.22
CA GLY A 105 -8.66 30.77 -0.29
C GLY A 105 -10.12 30.59 -0.64
N CYS A 106 -10.42 29.60 -1.47
CA CYS A 106 -11.72 29.45 -2.09
C CYS A 106 -12.30 28.06 -1.92
N ALA A 107 -11.57 27.13 -1.33
CA ALA A 107 -11.99 25.74 -1.29
C ALA A 107 -11.29 25.05 -0.13
N MET A 108 -11.71 23.81 0.13
CA MET A 108 -11.07 22.96 1.11
C MET A 108 -10.35 21.86 0.35
N ASP A 109 -9.02 21.95 0.39
CA ASP A 109 -8.14 21.18 -0.46
C ASP A 109 -8.05 19.73 0.00
N TYR A 110 -7.65 19.51 1.26
CA TYR A 110 -7.39 18.21 1.86
C TYR A 110 -8.25 17.98 3.09
N TRP A 111 -8.70 16.74 3.28
CA TRP A 111 -9.63 16.43 4.36
C TRP A 111 -9.09 15.30 5.23
N GLY A 112 -9.32 15.38 6.53
CA GLY A 112 -9.05 14.26 7.42
C GLY A 112 -10.07 13.16 7.25
N GLN A 113 -9.77 12.00 7.82
CA GLN A 113 -10.64 10.84 7.60
C GLN A 113 -11.94 10.92 8.39
N GLY A 114 -12.06 11.83 9.35
CA GLY A 114 -13.24 11.98 10.16
C GLY A 114 -13.09 11.30 11.52
N THR A 115 -13.74 11.87 12.52
CA THR A 115 -13.77 11.30 13.86
C THR A 115 -15.23 11.12 14.25
N THR A 116 -15.61 9.89 14.56
CA THR A 116 -16.98 9.62 14.96
C THR A 116 -17.07 9.76 16.47
N VAL A 117 -17.91 10.70 16.90
CA VAL A 117 -18.25 10.93 18.29
C VAL A 117 -19.65 10.37 18.51
N THR A 118 -19.77 9.42 19.43
CA THR A 118 -21.03 8.80 19.81
C THR A 118 -21.34 9.25 21.23
N VAL A 119 -22.54 9.77 21.44
CA VAL A 119 -22.99 10.15 22.78
C VAL A 119 -24.12 9.21 23.17
N SER A 120 -23.89 8.43 24.24
CA SER A 120 -24.85 7.47 24.80
C SER A 120 -24.47 7.15 26.24
N SER A 121 -25.48 6.81 27.04
CA SER A 121 -25.22 6.46 28.42
C SER A 121 -24.71 5.03 28.57
N ALA A 122 -24.78 4.22 27.51
CA ALA A 122 -24.38 2.81 27.59
C ALA A 122 -22.86 2.66 27.67
N LYS A 123 -22.44 1.56 28.27
CA LYS A 123 -21.03 1.29 28.51
C LYS A 123 -20.41 0.54 27.34
N THR A 124 -19.09 0.60 27.28
CA THR A 124 -18.36 -0.06 26.20
C THR A 124 -18.31 -1.56 26.48
N THR A 125 -18.77 -2.37 25.52
CA THR A 125 -18.69 -3.82 25.62
C THR A 125 -17.92 -4.38 24.41
N PRO A 126 -16.96 -5.28 24.65
CA PRO A 126 -16.25 -5.87 23.49
C PRO A 126 -17.12 -6.85 22.76
N PRO A 127 -16.83 -7.09 21.47
CA PRO A 127 -17.62 -8.03 20.67
C PRO A 127 -17.19 -9.48 20.80
N SER A 128 -18.05 -10.36 20.29
CA SER A 128 -17.69 -11.75 20.07
C SER A 128 -17.70 -12.00 18.57
N VAL A 129 -16.62 -12.59 18.06
CA VAL A 129 -16.40 -12.81 16.64
C VAL A 129 -16.51 -14.30 16.34
N TYR A 130 -17.37 -14.63 15.39
CA TYR A 130 -17.63 -16.02 15.07
C TYR A 130 -17.41 -16.26 13.58
N PRO A 131 -16.80 -17.39 13.20
CA PRO A 131 -16.68 -17.72 11.79
C PRO A 131 -17.99 -18.21 11.20
N LEU A 132 -18.11 -18.09 9.88
CA LEU A 132 -19.30 -18.49 9.12
C LEU A 132 -18.79 -19.30 7.93
N ALA A 133 -18.86 -20.68 8.04
CA ALA A 133 -18.41 -21.68 7.09
C ALA A 133 -19.58 -22.40 6.45
N PRO A 134 -19.48 -22.73 5.14
CA PRO A 134 -20.61 -23.42 4.47
C PRO A 134 -20.69 -24.87 4.92
N GLY A 135 -21.93 -25.35 5.07
CA GLY A 135 -22.12 -26.73 5.52
C GLY A 135 -21.65 -27.76 4.50
N SER A 136 -21.90 -27.49 3.21
CA SER A 136 -21.60 -28.42 2.12
C SER A 136 -20.47 -27.86 1.26
N ALA A 137 -19.54 -28.74 0.88
CA ALA A 137 -18.42 -28.35 0.03
C ALA A 137 -18.91 -28.04 -1.39
N ALA A 138 -18.08 -27.27 -2.11
CA ALA A 138 -18.45 -26.80 -3.45
C ALA A 138 -18.45 -27.94 -4.48
N GLN A 139 -19.53 -28.04 -5.26
CA GLN A 139 -19.63 -29.11 -6.25
C GLN A 139 -19.16 -28.67 -7.63
N THR A 140 -19.91 -27.76 -8.26
CA THR A 140 -19.58 -27.29 -9.60
C THR A 140 -19.91 -25.80 -9.74
N ASN A 141 -20.14 -25.09 -8.62
CA ASN A 141 -20.47 -23.66 -8.63
C ASN A 141 -19.28 -22.80 -9.02
N SER A 142 -18.06 -23.31 -8.82
CA SER A 142 -16.72 -22.71 -8.98
C SER A 142 -16.47 -21.54 -8.02
N MET A 143 -17.45 -21.10 -7.23
CA MET A 143 -17.21 -20.04 -6.26
C MET A 143 -17.70 -20.44 -4.87
N VAL A 144 -16.97 -20.02 -3.83
CA VAL A 144 -17.33 -20.26 -2.43
C VAL A 144 -17.52 -18.91 -1.73
N THR A 145 -18.61 -18.80 -0.96
CA THR A 145 -18.90 -17.64 -0.13
C THR A 145 -18.67 -17.99 1.35
N LEU A 146 -17.92 -17.15 2.06
CA LEU A 146 -17.58 -17.31 3.48
C LEU A 146 -17.92 -16.03 4.24
N GLY A 147 -17.90 -16.09 5.57
CA GLY A 147 -18.16 -14.86 6.29
C GLY A 147 -17.75 -14.89 7.76
N CYS A 148 -17.95 -13.76 8.42
CA CYS A 148 -17.74 -13.69 9.87
C CYS A 148 -18.75 -12.74 10.47
N LEU A 149 -19.19 -13.09 11.68
CA LEU A 149 -20.23 -12.36 12.39
C LEU A 149 -19.68 -11.77 13.67
N VAL A 150 -19.87 -10.46 13.85
CA VAL A 150 -19.41 -9.68 15.00
C VAL A 150 -20.63 -9.28 15.83
N LYS A 151 -20.78 -9.86 17.03
CA LYS A 151 -22.02 -9.70 17.77
C LYS A 151 -21.75 -9.04 19.11
N GLY A 152 -22.71 -8.22 19.53
CA GLY A 152 -22.73 -7.71 20.88
C GLY A 152 -21.67 -6.68 21.17
N TYR A 153 -21.49 -5.71 20.27
CA TYR A 153 -20.47 -4.69 20.47
C TYR A 153 -21.14 -3.33 20.61
N PHE A 154 -20.50 -2.47 21.37
CA PHE A 154 -20.90 -1.13 21.55
C PHE A 154 -19.68 -0.35 22.00
N PRO A 155 -19.42 0.83 21.44
CA PRO A 155 -20.22 1.43 20.37
C PRO A 155 -19.64 1.17 18.99
N GLU A 156 -20.31 1.74 17.99
CA GLU A 156 -19.74 1.79 16.65
C GLU A 156 -18.56 2.76 16.61
N PRO A 157 -17.62 2.55 15.67
CA PRO A 157 -17.55 1.56 14.59
C PRO A 157 -16.60 0.41 14.82
N VAL A 158 -16.70 -0.58 13.92
CA VAL A 158 -15.73 -1.64 13.82
C VAL A 158 -15.24 -1.71 12.38
N THR A 159 -13.95 -1.98 12.21
CA THR A 159 -13.35 -2.13 10.89
C THR A 159 -13.18 -3.61 10.62
N VAL A 160 -13.74 -4.09 9.52
CA VAL A 160 -13.62 -5.49 9.15
C VAL A 160 -12.90 -5.57 7.82
N THR A 161 -11.75 -6.24 7.82
CA THR A 161 -10.99 -6.49 6.60
C THR A 161 -10.81 -8.00 6.43
N TRP A 162 -10.38 -8.40 5.23
CA TRP A 162 -10.11 -9.80 4.91
C TRP A 162 -8.69 -9.94 4.42
N ASN A 163 -7.92 -10.84 5.06
CA ASN A 163 -6.49 -11.06 4.79
C ASN A 163 -5.68 -9.77 4.88
N SER A 164 -5.99 -8.96 5.90
CA SER A 164 -5.29 -7.71 6.19
C SER A 164 -5.37 -6.73 5.02
N GLY A 165 -6.50 -6.76 4.31
CA GLY A 165 -6.78 -5.88 3.21
C GLY A 165 -6.44 -6.42 1.84
N SER A 166 -5.68 -7.53 1.75
CA SER A 166 -5.30 -8.07 0.44
C SER A 166 -6.51 -8.63 -0.30
N LEU A 167 -7.52 -9.06 0.44
CA LEU A 167 -8.71 -9.65 -0.17
C LEU A 167 -9.78 -8.59 -0.05
N SER A 168 -9.90 -7.77 -1.11
CA SER A 168 -10.78 -6.62 -1.06
C SER A 168 -11.83 -6.60 -2.16
N SER A 169 -11.65 -7.39 -3.21
CA SER A 169 -12.69 -7.56 -4.21
C SER A 169 -13.55 -8.74 -3.79
N GLY A 170 -14.86 -8.61 -3.98
CA GLY A 170 -15.74 -9.65 -3.48
C GLY A 170 -16.06 -9.56 -2.00
N VAL A 171 -15.88 -8.39 -1.38
CA VAL A 171 -16.20 -8.22 0.03
C VAL A 171 -17.49 -7.42 0.15
N HIS A 172 -18.37 -7.86 1.05
CA HIS A 172 -19.56 -7.12 1.44
C HIS A 172 -19.58 -7.05 2.96
N THR A 173 -19.33 -5.87 3.51
CA THR A 173 -19.52 -5.63 4.94
C THR A 173 -20.85 -4.91 5.15
N PHE A 174 -21.75 -5.55 5.90
CA PHE A 174 -23.11 -5.05 6.07
C PHE A 174 -23.20 -4.06 7.23
N PRO A 175 -24.07 -3.07 7.11
CA PRO A 175 -24.25 -2.10 8.20
C PRO A 175 -24.77 -2.76 9.47
N ALA A 176 -24.33 -2.24 10.61
CA ALA A 176 -24.66 -2.81 11.90
C ALA A 176 -26.08 -2.45 12.29
N VAL A 177 -26.74 -3.37 13.00
CA VAL A 177 -28.09 -3.15 13.50
C VAL A 177 -28.06 -3.25 15.01
N LEU A 178 -28.78 -2.37 15.67
CA LEU A 178 -28.79 -2.31 17.11
C LEU A 178 -30.10 -2.96 17.58
N GLN A 179 -30.05 -4.29 17.83
CA GLN A 179 -31.22 -5.03 18.34
C GLN A 179 -31.58 -4.66 19.78
N SER A 180 -30.56 -4.49 20.61
CA SER A 180 -30.70 -4.22 22.04
C SER A 180 -29.75 -3.05 22.24
N ASP A 181 -29.06 -2.99 23.36
CA ASP A 181 -28.07 -1.93 23.46
C ASP A 181 -26.73 -2.34 22.88
N LEU A 182 -26.71 -3.42 22.09
CA LEU A 182 -25.51 -3.95 21.46
C LEU A 182 -25.67 -4.09 19.96
N TYR A 183 -24.59 -3.79 19.22
CA TYR A 183 -24.58 -3.83 17.77
C TYR A 183 -24.13 -5.20 17.26
N THR A 184 -24.66 -5.57 16.10
CA THR A 184 -24.27 -6.81 15.43
C THR A 184 -24.04 -6.51 13.96
N LEU A 185 -22.93 -7.02 13.44
CA LEU A 185 -22.52 -6.78 12.07
C LEU A 185 -22.05 -8.10 11.47
N SER A 186 -22.12 -8.20 10.16
CA SER A 186 -21.68 -9.40 9.48
C SER A 186 -20.96 -8.97 8.21
N SER A 187 -20.03 -9.81 7.76
CA SER A 187 -19.30 -9.54 6.52
C SER A 187 -19.12 -10.85 5.76
N SER A 188 -19.15 -10.73 4.43
CA SER A 188 -19.05 -11.86 3.51
C SER A 188 -17.93 -11.65 2.50
N VAL A 189 -17.26 -12.74 2.11
CA VAL A 189 -16.27 -12.73 1.03
C VAL A 189 -16.58 -13.85 0.05
N THR A 190 -16.42 -13.58 -1.25
CA THR A 190 -16.65 -14.60 -2.28
C THR A 190 -15.35 -14.77 -3.05
N VAL A 191 -14.80 -15.98 -2.97
CA VAL A 191 -13.52 -16.29 -3.60
C VAL A 191 -13.73 -17.50 -4.50
N PRO A 192 -12.80 -17.75 -5.44
CA PRO A 192 -12.91 -18.97 -6.25
C PRO A 192 -12.76 -20.24 -5.42
N SER A 193 -13.39 -21.32 -5.90
CA SER A 193 -13.30 -22.62 -5.25
C SER A 193 -11.89 -23.21 -5.31
N SER A 194 -11.07 -22.77 -6.27
CA SER A 194 -9.68 -23.18 -6.33
C SER A 194 -8.84 -22.55 -5.22
N THR A 195 -9.17 -21.30 -4.84
CA THR A 195 -8.37 -20.56 -3.86
C THR A 195 -8.61 -21.09 -2.44
N TRP A 196 -9.85 -21.41 -2.10
CA TRP A 196 -10.18 -21.87 -0.76
C TRP A 196 -10.71 -23.30 -0.83
N PRO A 197 -10.30 -24.19 0.09
CA PRO A 197 -9.48 -23.97 1.29
C PRO A 197 -7.96 -24.15 1.15
N SER A 198 -7.39 -24.14 -0.07
CA SER A 198 -5.94 -24.32 -0.19
C SER A 198 -5.19 -23.15 0.44
N GLU A 199 -5.63 -21.94 0.18
CA GLU A 199 -5.00 -20.77 0.77
C GLU A 199 -5.88 -20.22 1.89
N THR A 200 -5.23 -19.59 2.87
CA THR A 200 -5.91 -19.10 4.05
C THR A 200 -6.68 -17.82 3.75
N VAL A 201 -7.81 -17.66 4.42
CA VAL A 201 -8.55 -16.38 4.46
C VAL A 201 -8.89 -16.08 5.91
N THR A 202 -8.60 -14.86 6.34
CA THR A 202 -8.78 -14.50 7.74
C THR A 202 -9.59 -13.22 7.84
N CYS A 203 -10.49 -13.21 8.80
CA CYS A 203 -11.34 -12.06 9.07
C CYS A 203 -10.70 -11.25 10.20
N ASN A 204 -10.35 -9.99 9.89
CA ASN A 204 -9.70 -9.09 10.84
C ASN A 204 -10.73 -8.08 11.29
N VAL A 205 -10.97 -7.99 12.60
CA VAL A 205 -11.97 -7.09 13.16
C VAL A 205 -11.30 -6.19 14.17
N ALA A 206 -11.58 -4.90 14.08
CA ALA A 206 -11.03 -3.91 14.98
C ALA A 206 -12.19 -3.15 15.61
N HIS A 207 -12.23 -3.13 16.95
CA HIS A 207 -13.15 -2.32 17.75
C HIS A 207 -12.29 -1.40 18.59
N PRO A 208 -12.02 -0.19 18.11
CA PRO A 208 -11.03 0.67 18.79
C PRO A 208 -11.50 1.24 20.12
N ALA A 209 -12.82 1.34 20.35
CA ALA A 209 -13.31 1.84 21.63
C ALA A 209 -12.97 0.87 22.76
N SER A 210 -13.11 -0.43 22.50
CA SER A 210 -12.67 -1.45 23.46
C SER A 210 -11.24 -1.93 23.21
N SER A 211 -10.61 -1.53 22.10
CA SER A 211 -9.29 -1.97 21.65
C SER A 211 -9.25 -3.50 21.52
N THR A 212 -10.06 -4.00 20.60
CA THR A 212 -10.28 -5.44 20.45
C THR A 212 -9.93 -5.90 19.01
N LYS A 213 -8.70 -5.67 18.57
CA LYS A 213 -8.22 -6.26 17.32
C LYS A 213 -8.20 -7.78 17.41
N VAL A 214 -8.85 -8.46 16.47
CA VAL A 214 -8.95 -9.91 16.46
C VAL A 214 -8.82 -10.42 15.03
N ASP A 215 -7.90 -11.34 14.79
CA ASP A 215 -7.87 -12.11 13.54
C ASP A 215 -8.46 -13.49 13.80
N LYS A 216 -9.35 -13.91 12.90
CA LYS A 216 -9.96 -15.23 13.02
C LYS A 216 -9.96 -15.93 11.67
N LYS A 217 -9.44 -17.15 11.64
CA LYS A 217 -9.48 -18.01 10.47
C LYS A 217 -10.83 -18.72 10.36
N ILE A 218 -11.23 -19.03 9.13
CA ILE A 218 -12.56 -19.56 8.83
C ILE A 218 -12.46 -20.99 8.31
N VAL A 219 -11.59 -21.80 8.92
CA VAL A 219 -11.21 -23.15 8.46
C VAL A 219 -12.34 -24.11 8.12
N PRO A 220 -13.25 -24.50 9.05
CA PRO A 220 -13.93 -25.80 8.84
C PRO A 220 -15.05 -25.83 7.79
N ASP B 1 -27.86 34.73 6.43
CA ASP B 1 -26.74 34.02 5.79
C ASP B 1 -27.08 33.61 4.35
N ILE B 2 -26.05 33.22 3.60
CA ILE B 2 -26.27 32.77 2.22
C ILE B 2 -26.77 31.34 2.21
N VAL B 3 -27.91 31.12 1.52
CA VAL B 3 -28.51 29.80 1.37
C VAL B 3 -28.13 29.23 0.00
N MET B 4 -27.60 28.00 0.02
CA MET B 4 -27.24 27.24 -1.18
C MET B 4 -28.27 26.12 -1.36
N THR B 5 -28.99 26.17 -2.49
CA THR B 5 -30.06 25.25 -2.84
C THR B 5 -29.57 24.33 -3.93
N GLN B 6 -29.69 23.03 -3.72
CA GLN B 6 -29.21 22.08 -4.72
C GLN B 6 -30.37 21.30 -5.34
N SER B 7 -30.30 21.06 -6.65
CA SER B 7 -31.41 20.38 -7.35
C SER B 7 -30.91 19.55 -8.53
N PRO B 8 -31.42 18.33 -8.76
CA PRO B 8 -32.44 17.58 -8.03
C PRO B 8 -31.83 17.07 -6.73
N SER B 9 -32.67 16.61 -5.80
CA SER B 9 -32.13 16.06 -4.57
C SER B 9 -31.42 14.75 -4.81
N SER B 10 -31.98 13.94 -5.70
CA SER B 10 -31.48 12.62 -6.01
C SER B 10 -31.79 12.33 -7.47
N LEU B 11 -30.93 11.57 -8.13
CA LEU B 11 -31.22 11.15 -9.50
C LEU B 11 -30.47 9.87 -9.79
N THR B 12 -31.06 9.06 -10.67
CA THR B 12 -30.62 7.71 -10.97
C THR B 12 -30.42 7.55 -12.46
N VAL B 13 -29.22 7.11 -12.87
CA VAL B 13 -28.91 6.96 -14.28
C VAL B 13 -28.24 5.62 -14.53
N THR B 14 -28.29 5.20 -15.79
CA THR B 14 -27.51 4.06 -16.25
C THR B 14 -26.08 4.56 -16.53
N ALA B 15 -25.10 3.65 -16.40
CA ALA B 15 -23.71 4.03 -16.65
C ALA B 15 -23.52 4.40 -18.10
N GLY B 16 -22.75 5.44 -18.33
CA GLY B 16 -22.47 5.93 -19.66
C GLY B 16 -23.29 7.13 -20.09
N GLU B 17 -24.27 7.56 -19.30
CA GLU B 17 -25.08 8.70 -19.68
C GLU B 17 -24.54 9.99 -19.05
N LYS B 18 -25.06 11.12 -19.52
CA LYS B 18 -24.67 12.44 -19.03
C LYS B 18 -25.63 12.87 -17.93
N VAL B 19 -25.09 13.46 -16.86
CA VAL B 19 -25.92 14.11 -15.85
C VAL B 19 -25.47 15.54 -15.58
N SER B 20 -26.44 16.36 -15.18
CA SER B 20 -26.24 17.74 -14.79
C SER B 20 -27.00 17.97 -13.50
N MET B 21 -26.39 18.68 -12.57
CA MET B 21 -27.04 19.04 -11.31
C MET B 21 -26.76 20.52 -11.06
N SER B 22 -27.74 21.19 -10.46
CA SER B 22 -27.78 22.62 -10.28
C SER B 22 -27.49 23.01 -8.84
N CYS B 23 -26.81 24.13 -8.66
CA CYS B 23 -26.55 24.76 -7.36
C CYS B 23 -26.88 26.24 -7.49
N LYS B 24 -27.83 26.72 -6.72
CA LYS B 24 -28.20 28.12 -6.75
C LYS B 24 -27.92 28.75 -5.39
N SER B 25 -27.49 30.01 -5.41
CA SER B 25 -27.08 30.69 -4.19
C SER B 25 -27.97 31.90 -3.90
N SER B 26 -28.11 32.18 -2.59
CA SER B 26 -28.92 33.29 -2.11
C SER B 26 -28.29 34.64 -2.48
N GLN B 27 -26.97 34.77 -2.38
CA GLN B 27 -26.24 35.95 -2.84
C GLN B 27 -25.31 35.54 -3.97
N SER B 28 -24.88 36.51 -4.78
CA SER B 28 -23.92 36.24 -5.85
C SER B 28 -22.53 35.94 -5.30
N LEU B 29 -21.85 34.99 -5.95
CA LEU B 29 -20.54 34.54 -5.54
C LEU B 29 -19.46 34.96 -6.52
N PHE B 30 -19.75 35.89 -7.40
CA PHE B 30 -18.78 36.40 -8.34
C PHE B 30 -18.16 37.65 -7.74
N THR B 31 -16.83 37.72 -7.79
CA THR B 31 -16.13 38.96 -7.48
C THR B 31 -15.39 39.41 -8.73
N SER B 32 -15.63 40.64 -9.15
CA SER B 32 -14.93 41.13 -10.32
C SER B 32 -13.46 41.39 -10.04
N GLY B 33 -13.06 41.46 -8.76
CA GLY B 33 -11.68 41.79 -8.44
C GLY B 33 -10.69 40.76 -8.97
N LYS B 34 -11.01 39.48 -8.81
CA LYS B 34 -10.21 38.42 -9.43
C LYS B 34 -10.87 37.81 -10.65
N GLN B 35 -12.11 38.21 -10.98
CA GLN B 35 -12.90 37.64 -12.08
C GLN B 35 -13.09 36.15 -11.87
N LYS B 36 -13.52 35.79 -10.66
CA LYS B 36 -13.68 34.40 -10.28
C LYS B 36 -14.98 34.24 -9.50
N ASN B 37 -15.57 33.04 -9.61
CA ASN B 37 -16.75 32.67 -8.84
C ASN B 37 -16.34 31.82 -7.65
N TYR B 38 -16.63 32.29 -6.44
CA TYR B 38 -16.22 31.55 -5.23
C TYR B 38 -17.27 30.50 -4.85
N LEU B 39 -17.34 29.47 -5.67
CA LEU B 39 -18.18 28.32 -5.41
C LEU B 39 -17.33 27.06 -5.58
N THR B 40 -17.53 26.09 -4.69
CA THR B 40 -16.80 24.83 -4.70
C THR B 40 -17.75 23.63 -4.79
N TRP B 41 -17.31 22.59 -5.51
CA TRP B 41 -18.01 21.31 -5.65
C TRP B 41 -17.16 20.21 -5.02
N TYR B 42 -17.75 19.47 -4.09
CA TYR B 42 -17.14 18.33 -3.43
C TYR B 42 -17.92 17.08 -3.76
N GLN B 43 -17.23 15.95 -3.74
CA GLN B 43 -17.86 14.65 -3.95
C GLN B 43 -17.64 13.81 -2.71
N GLN B 44 -18.68 13.13 -2.24
CA GLN B 44 -18.55 12.24 -1.09
C GLN B 44 -19.14 10.87 -1.43
N LYS B 45 -18.26 9.87 -1.52
CA LYS B 45 -18.62 8.48 -1.71
C LYS B 45 -18.98 7.87 -0.37
N PRO B 46 -19.72 6.76 -0.37
CA PRO B 46 -20.17 6.17 0.91
C PRO B 46 -19.02 5.71 1.80
N GLY B 47 -19.02 6.22 3.02
CA GLY B 47 -18.01 5.88 4.00
C GLY B 47 -16.75 6.75 3.95
N GLN B 48 -16.59 7.60 2.94
CA GLN B 48 -15.36 8.36 2.79
C GLN B 48 -15.57 9.84 3.18
N PRO B 49 -14.50 10.56 3.46
CA PRO B 49 -14.61 12.00 3.60
C PRO B 49 -14.86 12.68 2.27
N PRO B 50 -15.39 13.89 2.27
CA PRO B 50 -15.63 14.57 1.00
C PRO B 50 -14.34 14.87 0.27
N LYS B 51 -14.37 14.66 -1.04
CA LYS B 51 -13.24 14.88 -1.91
C LYS B 51 -13.51 16.12 -2.76
N LEU B 52 -12.54 17.02 -2.82
CA LEU B 52 -12.65 18.23 -3.63
C LEU B 52 -12.65 17.88 -5.11
N LEU B 53 -13.65 18.39 -5.83
CA LEU B 53 -13.74 18.19 -7.28
C LEU B 53 -13.41 19.45 -8.06
N ILE B 54 -14.12 20.54 -7.79
CA ILE B 54 -14.00 21.75 -8.58
C ILE B 54 -14.02 22.97 -7.67
N TYR B 55 -13.02 23.82 -7.81
CA TYR B 55 -12.99 25.11 -7.17
C TYR B 55 -13.05 26.19 -8.25
N TRP B 56 -13.43 27.40 -7.84
CA TRP B 56 -13.65 28.55 -8.73
C TRP B 56 -14.67 28.27 -9.84
N ALA B 57 -15.59 27.31 -9.58
CA ALA B 57 -16.78 26.97 -10.34
C ALA B 57 -16.50 26.28 -11.67
N SER B 58 -15.24 26.31 -12.14
CA SER B 58 -14.87 25.63 -13.38
C SER B 58 -13.52 24.92 -13.34
N THR B 59 -12.65 25.20 -12.40
CA THR B 59 -11.32 24.61 -12.42
C THR B 59 -11.34 23.23 -11.79
N ARG B 60 -10.82 22.25 -12.51
CA ARG B 60 -10.76 20.92 -11.93
C ARG B 60 -9.59 20.84 -10.94
N ASN B 61 -9.77 20.03 -9.89
CA ASN B 61 -8.67 19.71 -9.00
C ASN B 61 -7.70 18.78 -9.74
N SER B 62 -6.42 18.82 -9.34
CA SER B 62 -5.38 18.07 -10.03
C SER B 62 -5.61 16.57 -9.92
N GLY B 63 -5.52 15.88 -11.07
CA GLY B 63 -5.75 14.46 -11.12
C GLY B 63 -7.18 14.06 -11.41
N LEU B 64 -8.08 15.02 -11.55
CA LEU B 64 -9.49 14.69 -11.75
C LEU B 64 -9.70 14.09 -13.14
N PRO B 65 -10.51 13.04 -13.26
CA PRO B 65 -10.90 12.55 -14.59
C PRO B 65 -11.73 13.57 -15.35
N ASP B 66 -11.57 13.57 -16.66
CA ASP B 66 -12.11 14.64 -17.49
C ASP B 66 -13.60 14.52 -17.77
N ARG B 67 -14.31 13.54 -17.18
CA ARG B 67 -15.76 13.52 -17.32
C ARG B 67 -16.45 14.59 -16.48
N PHE B 68 -15.80 15.07 -15.42
CA PHE B 68 -16.36 16.06 -14.51
C PHE B 68 -16.12 17.47 -15.00
N THR B 69 -17.20 18.22 -15.22
CA THR B 69 -17.12 19.61 -15.66
C THR B 69 -17.95 20.53 -14.80
N GLY B 70 -17.35 21.58 -14.27
CA GLY B 70 -18.07 22.60 -13.54
C GLY B 70 -18.41 23.74 -14.46
N SER B 71 -19.51 24.43 -14.17
CA SER B 71 -20.02 25.48 -15.04
C SER B 71 -20.84 26.46 -14.21
N GLY B 72 -21.08 27.64 -14.77
CA GLY B 72 -22.02 28.59 -14.20
C GLY B 72 -21.35 29.86 -13.70
N SER B 73 -22.17 30.79 -13.23
CA SER B 73 -21.65 32.07 -12.78
C SER B 73 -22.61 32.68 -11.80
N GLY B 74 -22.10 33.65 -11.04
CA GLY B 74 -22.98 34.47 -10.22
C GLY B 74 -23.80 33.72 -9.17
N THR B 75 -25.08 33.50 -9.45
CA THR B 75 -25.92 32.72 -8.54
C THR B 75 -26.26 31.32 -9.05
N ASP B 76 -26.08 31.02 -10.34
CA ASP B 76 -26.54 29.76 -10.90
C ASP B 76 -25.35 28.94 -11.35
N PHE B 77 -25.25 27.69 -10.89
CA PHE B 77 -24.06 26.86 -11.15
C PHE B 77 -24.48 25.45 -11.48
N THR B 78 -23.63 24.75 -12.23
CA THR B 78 -23.97 23.41 -12.70
C THR B 78 -22.72 22.52 -12.64
N LEU B 79 -22.91 21.27 -12.24
CA LEU B 79 -21.88 20.24 -12.31
C LEU B 79 -22.35 19.19 -13.31
N THR B 80 -21.48 18.79 -14.25
CA THR B 80 -21.86 17.86 -15.32
C THR B 80 -20.90 16.68 -15.37
N ILE B 81 -21.44 15.47 -15.44
CA ILE B 81 -20.64 14.27 -15.65
C ILE B 81 -21.00 13.69 -17.02
N SER B 82 -19.98 13.60 -17.89
CA SER B 82 -20.21 13.34 -19.31
C SER B 82 -20.66 11.90 -19.54
N SER B 83 -19.93 10.93 -19.02
CA SER B 83 -20.34 9.53 -19.10
C SER B 83 -20.06 8.90 -17.73
N VAL B 84 -21.13 8.66 -16.98
CA VAL B 84 -21.03 8.21 -15.60
C VAL B 84 -20.52 6.78 -15.57
N GLN B 85 -19.59 6.50 -14.66
CA GLN B 85 -19.18 5.14 -14.37
C GLN B 85 -19.79 4.70 -13.03
N ALA B 86 -19.66 3.40 -12.74
CA ALA B 86 -20.21 2.84 -11.52
C ALA B 86 -19.54 3.39 -10.27
N GLU B 87 -18.30 3.88 -10.38
CA GLU B 87 -17.57 4.50 -9.28
C GLU B 87 -18.04 5.91 -8.96
N ASP B 88 -18.87 6.49 -9.81
CA ASP B 88 -19.33 7.86 -9.62
C ASP B 88 -20.53 7.97 -8.70
N LEU B 89 -20.95 6.84 -8.12
CA LEU B 89 -21.99 6.78 -7.11
C LEU B 89 -21.60 7.59 -5.90
N ALA B 90 -22.35 8.65 -5.62
CA ALA B 90 -21.87 9.54 -4.54
C ALA B 90 -22.94 10.58 -4.23
N VAL B 91 -22.65 11.43 -3.25
CA VAL B 91 -23.42 12.64 -3.00
C VAL B 91 -22.52 13.82 -3.37
N TYR B 92 -23.04 14.73 -4.16
CA TYR B 92 -22.28 15.88 -4.63
C TYR B 92 -22.77 17.11 -3.89
N TYR B 93 -21.85 17.84 -3.28
CA TYR B 93 -22.17 19.01 -2.47
C TYR B 93 -21.57 20.26 -3.09
N CYS B 94 -22.28 21.38 -3.00
CA CYS B 94 -21.65 22.65 -3.32
C CYS B 94 -21.49 23.47 -2.05
N GLN B 95 -20.51 24.38 -2.09
CA GLN B 95 -20.22 25.22 -0.93
C GLN B 95 -20.05 26.65 -1.38
N ASN B 96 -20.77 27.54 -0.70
CA ASN B 96 -20.49 28.96 -0.71
C ASN B 96 -19.11 29.23 -0.13
N ASP B 97 -18.27 29.87 -0.91
CA ASP B 97 -16.97 30.27 -0.40
C ASP B 97 -16.75 31.76 -0.59
N TYR B 98 -17.84 32.51 -0.75
CA TYR B 98 -17.77 33.96 -0.87
C TYR B 98 -17.62 34.62 0.49
N SER B 99 -18.52 34.31 1.42
CA SER B 99 -18.59 35.06 2.66
C SER B 99 -18.94 34.14 3.82
N TYR B 100 -18.58 34.59 5.02
CA TYR B 100 -18.94 33.89 6.24
C TYR B 100 -20.44 34.01 6.48
N PRO B 101 -21.11 32.92 6.90
CA PRO B 101 -20.58 31.55 7.06
C PRO B 101 -20.50 30.80 5.72
N PHE B 102 -19.46 29.99 5.56
CA PHE B 102 -19.21 29.33 4.27
C PHE B 102 -20.08 28.09 4.17
N THR B 103 -21.33 28.30 3.79
CA THR B 103 -22.37 27.30 3.94
C THR B 103 -22.38 26.30 2.79
N PHE B 104 -22.81 25.07 3.09
CA PHE B 104 -22.96 24.02 2.09
C PHE B 104 -24.40 23.96 1.60
N GLY B 105 -24.56 23.36 0.43
CA GLY B 105 -25.88 22.96 0.01
C GLY B 105 -26.26 21.64 0.63
N SER B 106 -27.52 21.26 0.42
CA SER B 106 -28.10 20.03 0.94
C SER B 106 -27.71 18.81 0.11
N GLY B 107 -27.09 19.01 -1.06
CA GLY B 107 -26.50 17.92 -1.81
C GLY B 107 -27.41 17.32 -2.86
N THR B 108 -26.77 16.66 -3.83
CA THR B 108 -27.45 15.85 -4.84
C THR B 108 -26.86 14.45 -4.80
N LYS B 109 -27.69 13.45 -4.53
CA LYS B 109 -27.27 12.05 -4.47
C LYS B 109 -27.40 11.41 -5.86
N LEU B 110 -26.30 10.83 -6.35
CA LEU B 110 -26.23 10.12 -7.63
C LEU B 110 -26.20 8.62 -7.37
N GLU B 111 -27.24 7.94 -7.84
CA GLU B 111 -27.41 6.49 -7.84
C GLU B 111 -27.43 5.94 -9.27
N ILE B 112 -27.27 4.62 -9.40
CA ILE B 112 -27.04 3.96 -10.68
C ILE B 112 -28.21 3.03 -10.99
N LYS B 113 -28.66 3.01 -12.25
CA LYS B 113 -29.58 1.97 -12.70
C LYS B 113 -28.75 0.88 -13.40
N ARG B 114 -28.95 -0.37 -12.98
CA ARG B 114 -28.27 -1.53 -13.52
C ARG B 114 -29.30 -2.49 -14.13
N ALA B 115 -28.84 -3.58 -14.73
CA ALA B 115 -29.75 -4.64 -15.14
C ALA B 115 -30.21 -5.41 -13.91
N ASP B 116 -31.31 -6.13 -14.04
CA ASP B 116 -31.81 -6.90 -12.91
C ASP B 116 -30.89 -8.08 -12.63
N ALA B 117 -30.74 -8.42 -11.34
CA ALA B 117 -29.84 -9.51 -10.96
C ALA B 117 -30.41 -10.25 -9.77
N ALA B 118 -30.34 -11.56 -9.82
CA ALA B 118 -30.80 -12.39 -8.72
C ALA B 118 -29.73 -12.49 -7.63
N PRO B 119 -30.12 -12.61 -6.36
CA PRO B 119 -29.11 -12.73 -5.29
C PRO B 119 -28.42 -14.09 -5.27
N THR B 120 -27.13 -14.06 -4.95
CA THR B 120 -26.42 -15.28 -4.57
C THR B 120 -26.64 -15.48 -3.08
N VAL B 121 -27.28 -16.59 -2.73
CA VAL B 121 -27.79 -16.82 -1.39
C VAL B 121 -26.90 -17.87 -0.72
N SER B 122 -26.54 -17.61 0.52
CA SER B 122 -25.66 -18.49 1.29
C SER B 122 -26.22 -18.61 2.69
N ILE B 123 -26.33 -19.84 3.19
CA ILE B 123 -26.82 -20.08 4.55
C ILE B 123 -25.68 -20.63 5.39
N PHE B 124 -25.62 -20.20 6.67
CA PHE B 124 -24.52 -20.57 7.55
C PHE B 124 -25.03 -20.92 8.94
N PRO B 125 -24.73 -22.13 9.42
CA PRO B 125 -25.12 -22.52 10.78
C PRO B 125 -24.23 -21.83 11.80
N PRO B 126 -24.62 -21.81 13.08
CA PRO B 126 -23.79 -21.12 14.10
C PRO B 126 -22.44 -21.80 14.34
N SER B 127 -21.46 -20.98 14.71
CA SER B 127 -20.14 -21.48 15.07
C SER B 127 -20.19 -22.27 16.38
N SER B 128 -19.23 -23.18 16.54
CA SER B 128 -19.13 -23.91 17.80
C SER B 128 -18.67 -22.99 18.93
N GLU B 129 -17.92 -21.92 18.61
CA GLU B 129 -17.51 -20.94 19.61
C GLU B 129 -18.71 -20.18 20.14
N GLN B 130 -19.77 -20.02 19.33
CA GLN B 130 -21.01 -19.44 19.81
C GLN B 130 -21.94 -20.50 20.40
N LEU B 131 -21.95 -21.70 19.83
CA LEU B 131 -22.85 -22.75 20.30
C LEU B 131 -22.50 -23.21 21.71
N THR B 132 -21.21 -23.30 22.04
CA THR B 132 -20.83 -23.65 23.41
C THR B 132 -21.03 -22.47 24.37
N SER B 133 -21.15 -21.26 23.82
CA SER B 133 -21.41 -20.08 24.65
C SER B 133 -22.88 -19.92 24.97
N GLY B 134 -23.75 -20.78 24.43
CA GLY B 134 -25.17 -20.75 24.73
C GLY B 134 -26.04 -20.03 23.72
N GLY B 135 -25.45 -19.16 22.89
CA GLY B 135 -26.18 -18.49 21.85
C GLY B 135 -26.01 -19.16 20.50
N ALA B 136 -26.86 -18.77 19.56
CA ALA B 136 -26.79 -19.30 18.21
C ALA B 136 -27.31 -18.24 17.26
N SER B 137 -26.62 -18.06 16.15
CA SER B 137 -27.07 -17.14 15.10
C SER B 137 -26.88 -17.82 13.77
N VAL B 138 -27.98 -18.05 13.07
CA VAL B 138 -27.97 -18.62 11.73
C VAL B 138 -28.04 -17.45 10.76
N VAL B 139 -27.08 -17.40 9.82
CA VAL B 139 -26.91 -16.23 8.98
C VAL B 139 -27.24 -16.59 7.54
N CYS B 140 -27.78 -15.63 6.80
CA CYS B 140 -28.12 -15.82 5.40
C CYS B 140 -27.66 -14.57 4.66
N PHE B 141 -26.77 -14.75 3.70
CA PHE B 141 -26.29 -13.68 2.85
C PHE B 141 -27.00 -13.76 1.52
N LEU B 142 -27.45 -12.60 1.04
CA LEU B 142 -28.09 -12.44 -0.27
C LEU B 142 -27.30 -11.36 -0.97
N ASN B 143 -26.36 -11.77 -1.82
CA ASN B 143 -25.33 -10.87 -2.30
C ASN B 143 -25.56 -10.53 -3.77
N ASN B 144 -25.27 -9.27 -4.11
CA ASN B 144 -25.10 -8.79 -5.49
C ASN B 144 -26.37 -8.97 -6.32
N PHE B 145 -27.42 -8.29 -5.90
CA PHE B 145 -28.70 -8.26 -6.62
C PHE B 145 -29.05 -6.82 -6.95
N TYR B 146 -29.94 -6.65 -7.93
CA TYR B 146 -30.47 -5.36 -8.32
C TYR B 146 -31.87 -5.64 -8.82
N PRO B 147 -32.87 -4.83 -8.46
CA PRO B 147 -32.83 -3.65 -7.59
C PRO B 147 -32.88 -4.05 -6.12
N LYS B 148 -32.96 -3.03 -5.27
CA LYS B 148 -32.76 -3.23 -3.84
C LYS B 148 -33.91 -3.99 -3.18
N ASP B 149 -35.10 -4.01 -3.79
CA ASP B 149 -36.27 -4.58 -3.12
C ASP B 149 -36.22 -6.12 -3.13
N ILE B 150 -36.30 -6.73 -1.94
CA ILE B 150 -36.10 -8.18 -1.79
C ILE B 150 -36.82 -8.61 -0.53
N ASN B 151 -37.23 -9.89 -0.49
CA ASN B 151 -37.90 -10.41 0.71
C ASN B 151 -37.27 -11.74 1.12
N VAL B 152 -37.09 -11.95 2.42
CA VAL B 152 -36.53 -13.18 2.95
C VAL B 152 -37.50 -13.80 3.96
N LYS B 153 -37.67 -15.12 3.90
CA LYS B 153 -38.43 -15.88 4.87
C LYS B 153 -37.54 -16.98 5.44
N TRP B 154 -37.74 -17.26 6.71
CA TRP B 154 -37.05 -18.31 7.44
C TRP B 154 -38.04 -19.43 7.76
N LYS B 155 -37.64 -20.66 7.46
CA LYS B 155 -38.46 -21.83 7.67
C LYS B 155 -37.75 -22.78 8.62
N ILE B 156 -38.42 -23.10 9.72
CA ILE B 156 -37.96 -24.07 10.69
C ILE B 156 -38.96 -25.21 10.60
N ASP B 157 -38.50 -26.36 10.10
CA ASP B 157 -39.31 -27.57 9.91
C ASP B 157 -40.54 -27.28 9.06
N GLY B 158 -40.38 -26.41 8.08
CA GLY B 158 -41.44 -26.01 7.19
C GLY B 158 -42.35 -24.91 7.70
N SER B 159 -42.30 -24.59 8.99
CA SER B 159 -43.14 -23.54 9.55
C SER B 159 -42.33 -22.25 9.58
N GLU B 160 -42.95 -21.16 9.14
CA GLU B 160 -42.24 -19.92 8.91
C GLU B 160 -42.13 -19.09 10.19
N ARG B 161 -40.93 -18.54 10.42
CA ARG B 161 -40.61 -17.78 11.61
C ARG B 161 -40.16 -16.38 11.19
N GLN B 162 -40.59 -15.38 11.94
CA GLN B 162 -40.16 -14.00 11.74
C GLN B 162 -39.61 -13.34 13.00
N ASN B 163 -39.72 -13.98 14.16
CA ASN B 163 -39.23 -13.42 15.43
C ASN B 163 -37.71 -13.58 15.63
N GLY B 164 -37.06 -12.49 16.04
CA GLY B 164 -35.63 -12.52 16.29
C GLY B 164 -34.73 -12.46 15.07
N VAL B 165 -35.26 -11.95 13.97
CA VAL B 165 -34.56 -11.86 12.69
C VAL B 165 -34.18 -10.40 12.51
N LEU B 166 -32.93 -10.16 12.14
CA LEU B 166 -32.41 -8.83 11.85
C LEU B 166 -31.97 -8.78 10.39
N ASN B 167 -32.31 -7.70 9.71
CA ASN B 167 -31.94 -7.50 8.32
C ASN B 167 -31.07 -6.26 8.14
N SER B 168 -30.16 -6.33 7.17
CA SER B 168 -29.27 -5.21 6.88
C SER B 168 -28.95 -5.16 5.40
N TRP B 169 -29.11 -4.00 4.80
CA TRP B 169 -28.76 -3.79 3.40
C TRP B 169 -27.48 -3.00 3.26
N THR B 170 -26.63 -3.42 2.34
CA THR B 170 -25.54 -2.54 1.99
C THR B 170 -26.05 -1.43 1.10
N ASP B 171 -25.17 -0.45 0.92
CA ASP B 171 -25.36 0.59 -0.06
C ASP B 171 -25.14 0.00 -1.46
N GLN B 172 -25.40 0.82 -2.48
CA GLN B 172 -25.08 0.42 -3.84
C GLN B 172 -23.56 0.30 -4.00
N ASP B 173 -23.13 -0.74 -4.69
CA ASP B 173 -21.71 -1.03 -4.84
C ASP B 173 -21.00 -0.10 -5.84
N SER B 174 -19.79 0.34 -5.49
CA SER B 174 -19.10 1.27 -6.39
C SER B 174 -18.52 0.60 -7.62
N LYS B 175 -18.59 -0.73 -7.72
CA LYS B 175 -17.98 -1.42 -8.85
C LYS B 175 -18.98 -2.20 -9.69
N ASP B 176 -19.93 -2.93 -9.10
CA ASP B 176 -20.93 -3.64 -9.89
C ASP B 176 -22.35 -3.14 -9.67
N SER B 177 -22.54 -2.07 -8.87
CA SER B 177 -23.80 -1.34 -8.76
C SER B 177 -24.95 -2.20 -8.24
N THR B 178 -24.62 -3.26 -7.53
CA THR B 178 -25.62 -4.13 -6.94
C THR B 178 -25.77 -3.81 -5.45
N TYR B 179 -26.80 -4.41 -4.86
CA TYR B 179 -27.11 -4.33 -3.44
C TYR B 179 -26.94 -5.72 -2.85
N SER B 180 -26.75 -5.74 -1.53
CA SER B 180 -26.59 -6.98 -0.80
C SER B 180 -27.27 -6.85 0.55
N MET B 181 -27.75 -7.97 1.09
CA MET B 181 -28.39 -7.87 2.38
C MET B 181 -28.09 -9.14 3.17
N SER B 182 -27.99 -8.98 4.48
CA SER B 182 -27.77 -10.09 5.40
C SER B 182 -28.93 -10.20 6.38
N SER B 183 -29.36 -11.44 6.63
CA SER B 183 -30.45 -11.76 7.56
C SER B 183 -29.92 -12.70 8.61
N THR B 184 -30.12 -12.35 9.86
CA THR B 184 -29.56 -13.11 10.96
C THR B 184 -30.68 -13.50 11.90
N LEU B 185 -30.86 -14.80 12.12
CA LEU B 185 -31.83 -15.32 13.07
C LEU B 185 -31.08 -15.80 14.32
N THR B 186 -31.31 -15.14 15.45
CA THR B 186 -30.60 -15.45 16.70
C THR B 186 -31.53 -16.16 17.70
N LEU B 187 -31.13 -17.36 18.10
CA LEU B 187 -31.79 -18.25 19.05
C LEU B 187 -30.82 -18.64 20.15
N THR B 188 -31.34 -19.37 21.13
CA THR B 188 -30.56 -19.99 22.20
C THR B 188 -29.96 -21.32 21.74
N LYS B 189 -29.22 -21.98 22.64
CA LYS B 189 -28.50 -23.21 22.34
C LYS B 189 -29.46 -24.39 22.12
N ASP B 190 -30.28 -24.68 23.13
CA ASP B 190 -31.15 -25.84 23.05
C ASP B 190 -32.28 -25.64 22.05
N GLU B 191 -32.67 -24.39 21.80
CA GLU B 191 -33.71 -24.16 20.80
C GLU B 191 -33.19 -24.44 19.40
N TYR B 192 -31.92 -24.13 19.14
CA TYR B 192 -31.33 -24.46 17.86
C TYR B 192 -31.08 -25.97 17.74
N GLU B 193 -30.66 -26.60 18.82
CA GLU B 193 -30.28 -28.01 18.71
C GLU B 193 -31.46 -28.97 18.74
N ARG B 194 -32.66 -28.52 19.10
CA ARG B 194 -33.82 -29.40 19.15
C ARG B 194 -34.62 -29.46 17.86
N HIS B 195 -34.22 -28.72 16.82
CA HIS B 195 -34.75 -28.89 15.47
C HIS B 195 -33.60 -29.14 14.49
N ASN B 196 -33.95 -29.72 13.33
CA ASN B 196 -32.99 -30.27 12.38
C ASN B 196 -32.82 -29.43 11.12
N SER B 197 -33.90 -29.19 10.39
CA SER B 197 -33.80 -28.57 9.06
C SER B 197 -34.06 -27.07 9.16
N TYR B 198 -33.14 -26.27 8.61
CA TYR B 198 -33.23 -24.81 8.58
C TYR B 198 -33.16 -24.30 7.15
N THR B 199 -34.14 -23.46 6.77
CA THR B 199 -34.33 -23.06 5.39
C THR B 199 -34.42 -21.53 5.29
N CYS B 200 -33.59 -20.96 4.42
CA CYS B 200 -33.61 -19.54 4.10
C CYS B 200 -34.08 -19.39 2.66
N GLU B 201 -35.23 -18.73 2.46
CA GLU B 201 -35.81 -18.60 1.13
C GLU B 201 -35.95 -17.13 0.73
N ALA B 202 -35.63 -16.82 -0.53
CA ALA B 202 -35.49 -15.45 -1.00
C ALA B 202 -36.34 -15.20 -2.23
N THR B 203 -37.20 -14.18 -2.16
CA THR B 203 -38.04 -13.77 -3.28
C THR B 203 -37.58 -12.42 -3.80
N HIS B 204 -37.37 -12.36 -5.11
CA HIS B 204 -36.85 -11.18 -5.80
C HIS B 204 -37.61 -10.99 -7.10
N LYS B 205 -37.42 -9.82 -7.73
CA LYS B 205 -38.08 -9.46 -8.98
C LYS B 205 -37.69 -10.37 -10.14
N THR B 206 -36.51 -10.97 -10.07
CA THR B 206 -35.95 -11.71 -11.20
C THR B 206 -36.65 -13.03 -11.46
N SER B 207 -37.16 -13.70 -10.44
CA SER B 207 -37.77 -15.02 -10.58
C SER B 207 -39.10 -15.06 -9.85
N THR B 208 -40.07 -15.72 -10.46
CA THR B 208 -41.35 -15.90 -9.77
C THR B 208 -41.24 -16.91 -8.64
N SER B 209 -40.41 -17.94 -8.83
CA SER B 209 -40.19 -18.89 -7.75
C SER B 209 -39.00 -18.42 -6.91
N PRO B 210 -39.07 -18.58 -5.59
CA PRO B 210 -37.98 -18.12 -4.72
C PRO B 210 -36.75 -19.02 -4.77
N ILE B 211 -35.61 -18.40 -4.52
CA ILE B 211 -34.34 -19.12 -4.40
C ILE B 211 -34.21 -19.63 -2.98
N VAL B 212 -33.99 -20.94 -2.83
CA VAL B 212 -34.08 -21.60 -1.54
C VAL B 212 -32.72 -22.22 -1.20
N LYS B 213 -32.22 -21.95 0.03
CA LYS B 213 -31.04 -22.62 0.58
C LYS B 213 -31.36 -23.22 1.94
N SER B 214 -30.71 -24.35 2.29
CA SER B 214 -31.10 -25.09 3.48
C SER B 214 -29.90 -25.88 4.02
N PHE B 215 -30.04 -26.33 5.29
CA PHE B 215 -29.09 -27.27 5.87
C PHE B 215 -29.75 -28.11 6.96
N ASN B 216 -29.07 -29.21 7.30
CA ASN B 216 -29.50 -30.18 8.30
C ASN B 216 -28.38 -30.38 9.32
N ARG B 217 -28.71 -31.11 10.39
CA ARG B 217 -27.76 -31.43 11.46
C ARG B 217 -27.01 -32.70 11.12
N ASN B 218 -25.68 -32.59 11.03
CA ASN B 218 -24.79 -33.70 10.70
C ASN B 218 -24.67 -34.67 11.88
N GLY C 3 -0.25 34.38 -1.16
CA GLY C 3 -0.90 33.07 -1.14
C GLY C 3 -1.43 32.66 0.22
N ALA C 4 -2.76 32.71 0.35
CA ALA C 4 -3.44 32.43 1.63
C ALA C 4 -4.91 32.19 1.31
N GLY C 5 -5.48 31.08 1.79
CA GLY C 5 -4.91 30.14 2.75
C GLY C 5 -5.34 30.45 4.17
N ASN C 6 -4.97 31.64 4.68
CA ASN C 6 -5.49 32.12 5.95
C ASN C 6 -6.31 33.38 5.73
N GLN C 7 -6.66 33.70 4.48
CA GLN C 7 -7.48 34.87 4.14
C GLN C 7 -8.56 34.42 3.15
N PRO C 8 -9.48 33.57 3.57
CA PRO C 8 -10.35 32.91 2.60
C PRO C 8 -11.56 33.75 2.26
N GLY C 9 -12.09 33.50 1.08
CA GLY C 9 -13.27 34.19 0.62
C GLY C 9 -12.98 35.35 -0.30
N ALA C 10 -14.06 36.07 -0.61
CA ALA C 10 -14.01 37.26 -1.44
C ALA C 10 -13.46 38.49 -0.72
N ASN C 11 -13.65 38.58 0.60
CA ASN C 11 -13.27 39.74 1.43
C ASN C 11 -13.92 41.04 0.95
N GLN D 3 -3.41 -12.66 1.13
CA GLN D 3 -2.39 -13.16 0.22
C GLN D 3 -1.17 -12.24 0.26
N ILE D 4 -0.10 -12.76 0.86
CA ILE D 4 1.02 -11.95 1.31
C ILE D 4 1.95 -11.61 0.15
N GLN D 5 2.28 -10.32 0.02
CA GLN D 5 3.16 -9.86 -1.03
C GLN D 5 3.99 -8.69 -0.52
N LEU D 6 5.23 -8.63 -1.00
CA LEU D 6 6.14 -7.50 -0.79
C LEU D 6 6.52 -6.93 -2.14
N VAL D 7 6.22 -5.65 -2.33
CA VAL D 7 6.46 -4.95 -3.58
C VAL D 7 7.50 -3.85 -3.35
N GLN D 8 8.63 -3.92 -4.06
CA GLN D 8 9.68 -2.92 -3.89
C GLN D 8 9.62 -1.85 -4.96
N SER D 9 10.35 -0.76 -4.70
CA SER D 9 10.39 0.36 -5.63
C SER D 9 11.21 0.01 -6.87
N GLY D 10 11.10 0.87 -7.88
CA GLY D 10 11.74 0.64 -9.15
C GLY D 10 13.24 0.83 -9.15
N PRO D 11 13.89 0.42 -10.24
CA PRO D 11 15.34 0.54 -10.34
C PRO D 11 15.75 1.99 -10.36
N GLU D 12 16.90 2.26 -9.77
CA GLU D 12 17.34 3.65 -9.63
C GLU D 12 18.78 3.78 -10.12
N LEU D 13 19.04 4.92 -10.74
CA LEU D 13 20.36 5.33 -11.17
C LEU D 13 20.70 6.60 -10.41
N LYS D 14 21.77 6.57 -9.64
CA LYS D 14 22.20 7.76 -8.95
C LYS D 14 23.67 8.00 -9.28
N LYS D 15 24.10 9.22 -9.14
CA LYS D 15 25.51 9.50 -9.37
C LYS D 15 26.29 9.25 -8.08
N PRO D 16 27.62 9.04 -8.17
CA PRO D 16 28.41 8.84 -6.95
C PRO D 16 28.32 10.03 -5.98
N GLY D 17 28.16 9.69 -4.70
CA GLY D 17 28.06 10.68 -3.64
C GLY D 17 26.64 11.01 -3.25
N GLU D 18 25.67 10.53 -4.01
CA GLU D 18 24.28 10.88 -3.78
C GLU D 18 23.66 9.91 -2.80
N THR D 19 22.36 10.06 -2.57
CA THR D 19 21.65 9.31 -1.54
C THR D 19 20.47 8.65 -2.22
N VAL D 20 20.21 7.39 -1.89
CA VAL D 20 19.09 6.67 -2.49
C VAL D 20 18.20 6.15 -1.35
N LYS D 21 16.89 6.14 -1.59
CA LYS D 21 15.93 5.63 -0.62
C LYS D 21 15.02 4.65 -1.35
N ILE D 22 15.07 3.39 -0.93
CA ILE D 22 14.31 2.30 -1.54
C ILE D 22 13.14 2.00 -0.63
N SER D 23 11.97 1.83 -1.21
CA SER D 23 10.78 1.49 -0.46
C SER D 23 10.45 0.01 -0.66
N CYS D 24 9.67 -0.53 0.30
CA CYS D 24 9.21 -1.91 0.27
C CYS D 24 7.86 -1.94 0.95
N LYS D 25 6.78 -2.05 0.19
CA LYS D 25 5.43 -2.03 0.75
C LYS D 25 4.91 -3.44 0.95
N ALA D 26 4.29 -3.68 2.09
CA ALA D 26 3.82 -5.00 2.47
C ALA D 26 2.30 -5.05 2.43
N SER D 27 1.77 -6.21 2.05
CA SER D 27 0.32 -6.41 2.01
C SER D 27 -0.01 -7.85 2.39
N GLY D 28 -1.17 -8.03 3.03
CA GLY D 28 -1.73 -9.33 3.30
C GLY D 28 -1.53 -9.89 4.69
N TYR D 29 -0.86 -9.17 5.58
CA TYR D 29 -0.64 -9.66 6.93
C TYR D 29 -0.53 -8.45 7.83
N THR D 30 -0.70 -8.69 9.14
CA THR D 30 -0.56 -7.59 10.10
C THR D 30 0.93 -7.22 10.20
N PHE D 31 1.23 -5.98 9.80
CA PHE D 31 2.59 -5.56 9.50
C PHE D 31 3.50 -5.57 10.74
N THR D 32 2.96 -5.25 11.90
CA THR D 32 3.79 -5.00 13.06
C THR D 32 4.07 -6.25 13.91
N ASN D 33 3.86 -7.45 13.36
CA ASN D 33 4.22 -8.69 14.05
C ASN D 33 5.40 -9.37 13.43
N TYR D 34 5.93 -8.84 12.33
CA TYR D 34 7.03 -9.47 11.58
C TYR D 34 8.02 -8.40 11.16
N GLY D 35 9.29 -8.57 11.57
CA GLY D 35 10.33 -7.64 11.19
C GLY D 35 10.75 -7.74 9.73
N MET D 36 11.50 -6.76 9.30
CA MET D 36 11.88 -6.64 7.90
C MET D 36 13.40 -6.65 7.75
N ASN D 37 13.93 -7.64 7.04
CA ASN D 37 15.33 -7.79 6.69
C ASN D 37 15.65 -7.17 5.33
N TRP D 38 16.90 -6.79 5.19
CA TRP D 38 17.40 -6.33 3.90
C TRP D 38 18.60 -7.19 3.53
N VAL D 39 18.63 -7.62 2.27
CA VAL D 39 19.68 -8.49 1.76
C VAL D 39 20.29 -7.81 0.53
N LYS D 40 21.61 -7.76 0.49
CA LYS D 40 22.30 -7.17 -0.65
C LYS D 40 22.83 -8.25 -1.59
N GLN D 41 22.71 -8.03 -2.89
CA GLN D 41 23.32 -8.93 -3.87
C GLN D 41 24.04 -8.12 -4.93
N ALA D 42 25.36 -8.01 -4.80
CA ALA D 42 26.17 -7.39 -5.84
C ALA D 42 26.11 -8.25 -7.12
N PRO D 43 26.24 -7.63 -8.30
CA PRO D 43 26.03 -8.40 -9.55
C PRO D 43 27.04 -9.52 -9.65
N GLY D 44 26.52 -10.73 -9.87
CA GLY D 44 27.33 -11.91 -9.93
C GLY D 44 27.79 -12.46 -8.58
N LYS D 45 27.38 -11.86 -7.47
CA LYS D 45 27.81 -12.33 -6.17
C LYS D 45 26.63 -12.93 -5.40
N GLY D 46 26.93 -13.38 -4.17
CA GLY D 46 25.96 -14.05 -3.35
C GLY D 46 25.23 -13.08 -2.45
N LEU D 47 24.49 -13.65 -1.52
CA LEU D 47 23.65 -12.88 -0.62
C LEU D 47 24.38 -12.49 0.66
N LYS D 48 24.19 -11.23 1.07
CA LYS D 48 24.70 -10.66 2.30
C LYS D 48 23.54 -10.12 3.11
N TRP D 49 23.39 -10.63 4.33
CA TRP D 49 22.40 -10.07 5.24
C TRP D 49 22.89 -8.70 5.71
N MET D 50 22.06 -7.67 5.56
CA MET D 50 22.45 -6.31 5.97
C MET D 50 21.95 -5.95 7.36
N GLY D 51 20.85 -6.54 7.76
CA GLY D 51 20.23 -6.19 9.01
C GLY D 51 18.72 -6.36 8.89
N TRP D 52 18.05 -5.99 9.98
CA TRP D 52 16.61 -6.04 10.01
C TRP D 52 16.13 -4.86 10.84
N ILE D 53 14.84 -4.55 10.71
CA ILE D 53 14.19 -3.49 11.48
C ILE D 53 12.97 -4.10 12.15
N ASN D 54 12.81 -3.80 13.43
CA ASN D 54 11.68 -4.28 14.23
C ASN D 54 10.42 -3.52 13.87
N SER D 55 9.39 -4.22 13.42
CA SER D 55 8.15 -3.57 12.99
C SER D 55 7.29 -3.14 14.15
N ASN D 56 7.50 -3.72 15.34
CA ASN D 56 6.69 -3.31 16.48
C ASN D 56 7.31 -2.13 17.23
N THR D 57 8.62 -2.16 17.46
CA THR D 57 9.32 -1.11 18.20
C THR D 57 9.96 -0.05 17.31
N GLY D 58 10.37 -0.40 16.09
CA GLY D 58 11.11 0.52 15.23
C GLY D 58 12.62 0.49 15.34
N GLU D 59 13.19 -0.43 16.14
CA GLU D 59 14.64 -0.48 16.35
C GLU D 59 15.33 -1.19 15.18
N PRO D 60 16.29 -0.55 14.53
CA PRO D 60 17.05 -1.23 13.48
C PRO D 60 18.26 -1.94 14.07
N THR D 61 18.64 -3.03 13.42
CA THR D 61 19.84 -3.80 13.73
C THR D 61 20.63 -3.96 12.44
N TYR D 62 21.89 -3.52 12.44
CA TYR D 62 22.69 -3.58 11.23
C TYR D 62 23.81 -4.60 11.36
N ALA D 63 24.18 -5.20 10.23
CA ALA D 63 25.43 -5.95 10.21
C ALA D 63 26.63 -5.00 10.16
N GLU D 64 27.81 -5.53 10.52
CA GLU D 64 29.00 -4.71 10.78
C GLU D 64 29.46 -3.96 9.53
N GLU D 65 29.34 -4.57 8.35
CA GLU D 65 29.71 -3.88 7.11
C GLU D 65 28.72 -2.80 6.72
N PHE D 66 27.52 -2.82 7.29
CA PHE D 66 26.48 -1.88 6.89
C PHE D 66 26.22 -0.82 7.92
N LYS D 67 27.15 -0.60 8.82
CA LYS D 67 27.05 0.53 9.72
C LYS D 67 27.74 1.73 9.07
N GLY D 68 27.06 2.85 9.13
CA GLY D 68 27.62 4.14 8.73
C GLY D 68 26.94 4.84 7.58
N ARG D 69 26.66 4.12 6.53
CA ARG D 69 26.08 4.70 5.34
C ARG D 69 24.67 4.22 5.08
N PHE D 70 24.16 3.31 5.91
CA PHE D 70 22.91 2.62 5.63
C PHE D 70 21.92 2.90 6.73
N ALA D 71 20.66 3.04 6.33
CA ALA D 71 19.64 3.41 7.29
C ALA D 71 18.32 2.74 6.97
N PHE D 72 17.75 2.06 7.97
CA PHE D 72 16.44 1.45 7.84
C PHE D 72 15.44 2.35 8.52
N SER D 73 14.24 2.44 7.95
CA SER D 73 13.16 3.25 8.51
C SER D 73 11.82 2.59 8.21
N LEU D 74 10.78 3.09 8.88
CA LEU D 74 9.43 2.56 8.74
C LEU D 74 8.41 3.69 8.55
N GLU D 75 7.33 3.37 7.86
CA GLU D 75 6.13 4.20 7.77
C GLU D 75 5.00 3.20 7.99
N THR D 76 4.58 3.07 9.26
CA THR D 76 3.67 2.00 9.61
C THR D 76 2.28 2.21 9.03
N SER D 77 1.86 3.47 8.90
CA SER D 77 0.57 3.78 8.30
C SER D 77 0.49 3.28 6.85
N ALA D 78 1.61 3.33 6.12
CA ALA D 78 1.64 2.84 4.75
C ALA D 78 2.16 1.41 4.64
N SER D 79 2.48 0.77 5.78
CA SER D 79 3.01 -0.60 5.84
C SER D 79 4.25 -0.70 4.97
N THR D 80 5.15 0.27 5.11
CA THR D 80 6.30 0.38 4.22
C THR D 80 7.60 0.40 5.01
N ALA D 81 8.59 -0.32 4.55
CA ALA D 81 9.93 -0.25 5.11
C ALA D 81 10.87 0.37 4.09
N TYR D 82 11.84 1.12 4.58
CA TYR D 82 12.72 1.88 3.69
C TYR D 82 14.18 1.59 4.04
N LEU D 83 15.00 1.52 2.98
CA LEU D 83 16.46 1.41 3.06
C LEU D 83 17.07 2.63 2.39
N GLN D 84 17.89 3.39 3.13
CA GLN D 84 18.52 4.59 2.62
C GLN D 84 20.04 4.42 2.63
N ILE D 85 20.68 4.74 1.51
CA ILE D 85 22.13 4.67 1.36
C ILE D 85 22.69 6.06 1.06
N ASN D 86 23.57 6.54 1.96
CA ASN D 86 24.27 7.81 1.82
C ASN D 86 25.57 7.58 1.08
N ASN D 87 26.05 8.66 0.44
CA ASN D 87 27.41 8.80 -0.10
C ASN D 87 27.78 7.61 -0.98
N LEU D 88 27.00 7.45 -2.06
CA LEU D 88 27.02 6.23 -2.85
C LEU D 88 28.36 6.01 -3.53
N LYS D 89 28.85 4.79 -3.43
CA LYS D 89 30.08 4.28 -4.04
C LYS D 89 29.77 3.23 -5.08
N ASN D 90 30.81 2.83 -5.82
CA ASN D 90 30.62 1.83 -6.85
C ASN D 90 30.42 0.44 -6.25
N GLU D 91 30.77 0.26 -4.97
CA GLU D 91 30.47 -0.98 -4.25
C GLU D 91 28.96 -1.10 -3.98
N ASP D 92 28.20 -0.02 -4.14
CA ASP D 92 26.79 -0.04 -3.82
C ASP D 92 25.93 -0.42 -5.01
N THR D 93 26.51 -0.55 -6.20
CA THR D 93 25.81 -1.04 -7.39
C THR D 93 25.45 -2.49 -7.14
N ALA D 94 24.15 -2.77 -6.96
CA ALA D 94 23.66 -4.09 -6.54
C ALA D 94 22.14 -4.14 -6.65
N THR D 95 21.60 -5.31 -6.34
CA THR D 95 20.17 -5.52 -6.12
C THR D 95 19.90 -5.71 -4.63
N TYR D 96 18.98 -4.91 -4.09
CA TYR D 96 18.64 -4.95 -2.66
C TYR D 96 17.24 -5.54 -2.51
N PHE D 97 17.11 -6.56 -1.68
CA PHE D 97 15.85 -7.24 -1.40
C PHE D 97 15.37 -6.92 0.00
N CYS D 98 14.09 -6.68 0.16
CA CYS D 98 13.48 -6.74 1.49
C CYS D 98 12.88 -8.13 1.66
N ALA D 99 12.99 -8.66 2.87
CA ALA D 99 12.47 -9.98 3.19
C ALA D 99 11.91 -9.98 4.60
N ARG D 100 10.72 -10.53 4.76
CA ARG D 100 10.01 -10.55 6.04
C ARG D 100 10.51 -11.70 6.91
N TRP D 101 10.66 -11.43 8.20
CA TRP D 101 10.87 -12.53 9.15
C TRP D 101 9.62 -13.40 9.25
N ALA D 102 9.80 -14.72 9.30
CA ALA D 102 8.66 -15.62 9.46
C ALA D 102 8.16 -15.61 10.91
N ASN D 103 7.02 -16.28 11.13
CA ASN D 103 6.43 -16.29 12.46
C ASN D 103 7.27 -17.06 13.47
N CYS D 104 8.08 -18.00 12.99
CA CYS D 104 8.98 -18.71 13.87
C CYS D 104 10.12 -17.84 14.36
N GLY D 105 10.46 -16.76 13.66
CA GLY D 105 11.70 -16.07 13.97
C GLY D 105 12.91 -16.85 13.51
N CYS D 106 12.72 -17.78 12.56
CA CYS D 106 13.69 -18.78 12.16
C CYS D 106 13.99 -18.79 10.66
N ALA D 107 13.28 -17.99 9.88
CA ALA D 107 13.48 -17.98 8.44
C ALA D 107 12.98 -16.66 7.88
N MET D 108 13.28 -16.44 6.61
CA MET D 108 12.78 -15.28 5.88
C MET D 108 11.75 -15.82 4.91
N ASP D 109 10.50 -15.47 5.21
CA ASP D 109 9.28 -16.04 4.68
C ASP D 109 8.99 -15.56 3.26
N TYR D 110 8.80 -14.26 3.09
CA TYR D 110 8.39 -13.65 1.84
C TYR D 110 9.42 -12.60 1.45
N TRP D 111 9.64 -12.45 0.15
CA TRP D 111 10.68 -11.58 -0.36
C TRP D 111 10.12 -10.56 -1.37
N GLY D 112 10.67 -9.35 -1.34
CA GLY D 112 10.39 -8.42 -2.42
C GLY D 112 11.09 -8.86 -3.71
N GLN D 113 10.68 -8.23 -4.82
CA GLN D 113 11.21 -8.62 -6.13
C GLN D 113 12.61 -8.06 -6.36
N GLY D 114 13.06 -7.15 -5.51
CA GLY D 114 14.38 -6.55 -5.58
C GLY D 114 14.36 -5.19 -6.25
N THR D 115 15.29 -4.35 -5.84
CA THR D 115 15.50 -3.06 -6.46
C THR D 115 16.96 -2.99 -6.90
N THR D 116 17.19 -2.76 -8.18
CA THR D 116 18.55 -2.63 -8.68
C THR D 116 18.98 -1.17 -8.62
N VAL D 117 20.06 -0.92 -7.88
CA VAL D 117 20.66 0.39 -7.74
C VAL D 117 21.95 0.42 -8.53
N THR D 118 22.03 1.38 -9.44
CA THR D 118 23.18 1.60 -10.30
C THR D 118 23.85 2.91 -9.92
N VAL D 119 25.16 2.87 -9.66
CA VAL D 119 25.93 4.07 -9.38
C VAL D 119 26.90 4.30 -10.54
N SER D 120 26.71 5.40 -11.27
CA SER D 120 27.59 5.74 -12.39
C SER D 120 27.44 7.21 -12.73
N SER D 121 28.48 7.76 -13.35
CA SER D 121 28.47 9.14 -13.80
C SER D 121 27.76 9.34 -15.14
N ALA D 122 27.49 8.26 -15.87
CA ALA D 122 26.95 8.39 -17.22
C ALA D 122 25.49 8.85 -17.19
N LYS D 123 25.07 9.45 -18.30
CA LYS D 123 23.77 10.12 -18.41
C LYS D 123 22.75 9.21 -19.09
N THR D 124 21.49 9.50 -18.81
CA THR D 124 20.38 8.73 -19.37
C THR D 124 20.17 9.11 -20.83
N THR D 125 20.23 8.10 -21.69
CA THR D 125 19.98 8.18 -23.13
C THR D 125 18.93 7.15 -23.52
N PRO D 126 17.94 7.55 -24.31
CA PRO D 126 16.93 6.58 -24.76
C PRO D 126 17.53 5.64 -25.79
N PRO D 127 16.95 4.46 -25.98
CA PRO D 127 17.47 3.52 -26.96
C PRO D 127 17.00 3.83 -28.38
N SER D 128 17.71 3.22 -29.33
CA SER D 128 17.29 3.14 -30.72
C SER D 128 16.92 1.68 -30.96
N VAL D 129 15.71 1.44 -31.45
CA VAL D 129 15.19 0.09 -31.63
C VAL D 129 15.05 -0.21 -33.11
N TYR D 130 15.73 -1.26 -33.55
CA TYR D 130 15.82 -1.61 -34.95
C TYR D 130 15.30 -3.03 -35.20
N PRO D 131 14.53 -3.24 -36.27
CA PRO D 131 14.06 -4.59 -36.58
C PRO D 131 15.17 -5.41 -37.21
N LEU D 132 15.03 -6.72 -37.08
CA LEU D 132 15.99 -7.69 -37.60
C LEU D 132 15.16 -8.71 -38.35
N ALA D 133 15.13 -8.56 -39.69
CA ALA D 133 14.43 -9.44 -40.62
C ALA D 133 15.43 -10.23 -41.43
N PRO D 134 15.14 -11.46 -41.78
CA PRO D 134 16.08 -12.25 -42.60
C PRO D 134 16.19 -11.69 -44.01
N GLY D 135 17.32 -12.03 -44.65
CA GLY D 135 17.60 -11.60 -46.00
C GLY D 135 16.68 -12.25 -47.04
N SER D 136 16.99 -11.99 -48.31
CA SER D 136 16.12 -12.42 -49.41
C SER D 136 16.07 -13.94 -49.59
N ALA D 137 17.03 -14.68 -49.05
CA ALA D 137 17.09 -16.13 -49.12
C ALA D 137 16.48 -16.75 -47.87
N ALA D 138 16.69 -18.05 -47.69
CA ALA D 138 16.55 -18.76 -46.40
C ALA D 138 15.11 -18.76 -45.87
N GLN D 139 14.19 -19.31 -46.67
CA GLN D 139 12.77 -19.38 -46.33
C GLN D 139 12.22 -20.80 -46.25
N THR D 140 13.04 -21.83 -46.48
CA THR D 140 12.52 -23.17 -46.69
C THR D 140 12.29 -23.96 -45.39
N ASN D 141 12.87 -23.52 -44.26
CA ASN D 141 12.66 -24.26 -43.02
C ASN D 141 11.26 -23.98 -42.46
N SER D 142 10.80 -24.85 -41.57
CA SER D 142 9.45 -24.72 -41.04
C SER D 142 9.32 -23.57 -40.07
N MET D 143 10.42 -23.06 -39.54
CA MET D 143 10.37 -21.96 -38.60
C MET D 143 11.27 -20.84 -39.07
N VAL D 144 10.88 -19.61 -38.82
CA VAL D 144 11.67 -18.43 -39.16
C VAL D 144 12.02 -17.74 -37.85
N THR D 145 13.24 -17.29 -37.76
CA THR D 145 13.70 -16.54 -36.61
C THR D 145 13.74 -15.06 -36.98
N LEU D 146 13.24 -14.22 -36.07
CA LEU D 146 13.21 -12.79 -36.22
C LEU D 146 13.80 -12.16 -34.96
N GLY D 147 14.07 -10.85 -35.01
CA GLY D 147 14.57 -10.25 -33.79
C GLY D 147 14.52 -8.74 -33.82
N CYS D 148 14.98 -8.14 -32.73
CA CYS D 148 15.16 -6.69 -32.72
C CYS D 148 16.33 -6.33 -31.82
N LEU D 149 17.00 -5.26 -32.23
CA LEU D 149 18.20 -4.77 -31.60
C LEU D 149 17.85 -3.46 -30.90
N VAL D 150 18.18 -3.39 -29.60
CA VAL D 150 17.99 -2.24 -28.73
C VAL D 150 19.38 -1.69 -28.45
N LYS D 151 19.73 -0.58 -29.09
CA LYS D 151 21.11 -0.12 -29.13
C LYS D 151 21.18 1.27 -28.52
N GLY D 152 22.26 1.50 -27.75
CA GLY D 152 22.60 2.83 -27.28
C GLY D 152 21.76 3.43 -26.17
N TYR D 153 21.50 2.69 -25.11
CA TYR D 153 20.69 3.21 -24.03
C TYR D 153 21.45 3.17 -22.71
N PHE D 154 21.03 4.02 -21.80
CA PHE D 154 21.55 3.98 -20.46
C PHE D 154 20.49 4.58 -19.57
N PRO D 155 20.23 4.02 -18.38
CA PRO D 155 20.81 2.82 -17.77
C PRO D 155 19.98 1.57 -18.01
N GLU D 156 20.40 0.49 -17.36
CA GLU D 156 19.58 -0.69 -17.31
C GLU D 156 18.39 -0.43 -16.39
N PRO D 157 17.25 -1.11 -16.62
CA PRO D 157 16.94 -2.16 -17.58
C PRO D 157 16.12 -1.71 -18.77
N VAL D 158 15.99 -2.64 -19.70
CA VAL D 158 15.08 -2.53 -20.82
C VAL D 158 14.22 -3.79 -20.81
N THR D 159 12.92 -3.63 -21.06
CA THR D 159 11.98 -4.73 -21.14
C THR D 159 11.64 -4.95 -22.60
N VAL D 160 11.84 -6.17 -23.07
CA VAL D 160 11.48 -6.53 -24.42
C VAL D 160 10.44 -7.64 -24.37
N THR D 161 9.29 -7.41 -24.98
CA THR D 161 8.28 -8.43 -25.18
C THR D 161 7.98 -8.54 -26.67
N TRP D 162 7.29 -9.61 -27.04
CA TRP D 162 6.91 -9.88 -28.42
C TRP D 162 5.41 -10.08 -28.49
N ASN D 163 4.75 -9.31 -29.39
CA ASN D 163 3.28 -9.31 -29.56
C ASN D 163 2.53 -9.08 -28.26
N SER D 164 3.01 -8.11 -27.45
CA SER D 164 2.39 -7.73 -26.19
C SER D 164 2.28 -8.90 -25.22
N GLY D 165 3.26 -9.81 -25.26
CA GLY D 165 3.26 -10.94 -24.37
C GLY D 165 2.59 -12.17 -24.92
N SER D 166 1.87 -12.05 -26.04
CA SER D 166 1.16 -13.17 -26.65
C SER D 166 2.11 -14.22 -27.21
N LEU D 167 3.31 -13.81 -27.56
CA LEU D 167 4.32 -14.67 -28.13
C LEU D 167 5.50 -14.71 -27.15
N SER D 168 5.57 -15.72 -26.27
CA SER D 168 6.67 -15.77 -25.31
C SER D 168 7.50 -17.05 -25.36
N SER D 169 7.00 -18.11 -25.99
CA SER D 169 7.77 -19.33 -26.17
C SER D 169 8.58 -19.18 -27.45
N GLY D 170 9.84 -19.62 -27.42
CA GLY D 170 10.72 -19.38 -28.54
C GLY D 170 11.33 -17.99 -28.56
N VAL D 171 11.32 -17.31 -27.42
CA VAL D 171 11.91 -16.00 -27.23
C VAL D 171 13.19 -16.14 -26.44
N HIS D 172 14.25 -15.49 -26.92
CA HIS D 172 15.53 -15.37 -26.26
C HIS D 172 15.84 -13.89 -26.18
N THR D 173 15.84 -13.32 -24.99
CA THR D 173 16.33 -11.94 -24.80
C THR D 173 17.74 -12.00 -24.22
N PHE D 174 18.69 -11.47 -24.95
CA PHE D 174 20.07 -11.63 -24.52
C PHE D 174 20.47 -10.55 -23.53
N PRO D 175 21.35 -10.88 -22.60
CA PRO D 175 21.81 -9.87 -21.63
C PRO D 175 22.51 -8.73 -22.32
N ALA D 176 22.39 -7.55 -21.72
CA ALA D 176 22.98 -6.36 -22.30
C ALA D 176 24.49 -6.32 -22.09
N VAL D 177 25.19 -5.74 -23.08
CA VAL D 177 26.63 -5.55 -23.03
C VAL D 177 26.93 -4.07 -23.20
N LEU D 178 27.91 -3.59 -22.44
CA LEU D 178 28.29 -2.19 -22.35
C LEU D 178 29.59 -1.91 -23.10
N GLN D 179 29.49 -1.44 -24.35
CA GLN D 179 30.68 -1.07 -25.12
C GLN D 179 31.27 0.28 -24.73
N SER D 180 30.42 1.22 -24.39
CA SER D 180 30.78 2.61 -24.11
C SER D 180 30.04 3.00 -22.84
N ASP D 181 29.60 4.24 -22.74
CA ASP D 181 28.62 4.54 -21.71
C ASP D 181 27.21 4.11 -22.10
N LEU D 182 27.06 3.26 -23.13
CA LEU D 182 25.76 2.84 -23.63
C LEU D 182 25.63 1.32 -23.68
N TYR D 183 24.43 0.83 -23.38
CA TYR D 183 24.14 -0.60 -23.43
C TYR D 183 23.58 -0.99 -24.78
N THR D 184 23.86 -2.23 -25.17
CA THR D 184 23.32 -2.84 -26.38
C THR D 184 22.81 -4.22 -26.04
N LEU D 185 21.58 -4.48 -26.45
CA LEU D 185 20.84 -5.71 -26.16
C LEU D 185 20.13 -6.17 -27.42
N SER D 186 19.84 -7.45 -27.49
CA SER D 186 19.14 -7.98 -28.66
C SER D 186 18.16 -9.06 -28.21
N SER D 187 17.11 -9.25 -28.99
CA SER D 187 16.12 -10.27 -28.66
C SER D 187 15.72 -11.01 -29.93
N SER D 188 15.45 -12.30 -29.80
CA SER D 188 15.06 -13.16 -30.90
C SER D 188 13.73 -13.82 -30.57
N VAL D 189 12.92 -14.01 -31.60
CA VAL D 189 11.69 -14.77 -31.51
C VAL D 189 11.65 -15.73 -32.70
N THR D 190 11.10 -16.91 -32.49
CA THR D 190 11.00 -17.91 -33.55
C THR D 190 9.53 -18.26 -33.76
N VAL D 191 9.04 -18.00 -34.96
CA VAL D 191 7.62 -18.24 -35.29
C VAL D 191 7.60 -19.19 -36.49
N PRO D 192 6.48 -19.91 -36.69
CA PRO D 192 6.37 -20.73 -37.90
C PRO D 192 6.37 -19.89 -39.17
N SER D 193 6.85 -20.50 -40.27
CA SER D 193 6.91 -19.82 -41.57
C SER D 193 5.54 -19.50 -42.13
N SER D 194 4.51 -20.22 -41.69
CA SER D 194 3.15 -19.95 -42.11
C SER D 194 2.64 -18.62 -41.56
N THR D 195 3.05 -18.27 -40.34
CA THR D 195 2.55 -17.06 -39.69
C THR D 195 3.22 -15.80 -40.22
N TRP D 196 4.52 -15.84 -40.47
CA TRP D 196 5.23 -14.64 -40.91
C TRP D 196 5.74 -14.80 -42.34
N PRO D 197 5.62 -13.75 -43.20
CA PRO D 197 5.16 -12.38 -42.89
C PRO D 197 3.66 -12.20 -43.04
N SER D 198 2.92 -13.31 -43.01
CA SER D 198 1.48 -13.25 -43.17
C SER D 198 0.83 -12.46 -42.04
N GLU D 199 1.25 -12.74 -40.81
CA GLU D 199 0.82 -12.08 -39.57
C GLU D 199 1.92 -11.14 -39.08
N THR D 200 1.55 -10.19 -38.22
CA THR D 200 2.40 -9.03 -37.94
C THR D 200 3.11 -9.21 -36.60
N VAL D 201 4.39 -9.55 -36.65
CA VAL D 201 5.19 -9.67 -35.45
C VAL D 201 5.76 -8.31 -35.08
N THR D 202 5.54 -7.92 -33.82
CA THR D 202 5.96 -6.63 -33.31
C THR D 202 6.76 -6.88 -32.04
N CYS D 203 7.89 -6.19 -31.92
CA CYS D 203 8.72 -6.23 -30.73
C CYS D 203 8.41 -4.98 -29.92
N ASN D 204 8.05 -5.18 -28.64
CA ASN D 204 7.69 -4.11 -27.73
C ASN D 204 8.86 -3.87 -26.80
N VAL D 205 9.38 -2.65 -26.80
CA VAL D 205 10.55 -2.28 -26.03
C VAL D 205 10.15 -1.14 -25.11
N ALA D 206 10.48 -1.27 -23.82
CA ALA D 206 10.19 -0.27 -22.81
C ALA D 206 11.49 0.04 -22.07
N HIS D 207 11.85 1.33 -22.02
CA HIS D 207 12.97 1.82 -21.22
C HIS D 207 12.38 2.81 -20.24
N PRO D 208 12.08 2.40 -19.01
CA PRO D 208 11.34 3.29 -18.11
C PRO D 208 12.14 4.50 -17.64
N ALA D 209 13.48 4.43 -17.66
CA ALA D 209 14.28 5.58 -17.22
C ALA D 209 14.15 6.76 -18.18
N SER D 210 14.16 6.51 -19.48
CA SER D 210 13.98 7.57 -20.46
C SER D 210 12.52 7.76 -20.84
N SER D 211 11.61 6.96 -20.25
CA SER D 211 10.18 6.95 -20.55
C SER D 211 9.95 6.67 -22.04
N THR D 212 10.40 5.50 -22.48
CA THR D 212 10.33 5.10 -23.88
C THR D 212 9.51 3.82 -23.95
N LYS D 213 8.56 3.77 -24.89
CA LYS D 213 7.65 2.62 -24.99
C LYS D 213 7.45 2.26 -26.47
N VAL D 214 8.55 2.02 -27.17
CA VAL D 214 8.53 1.88 -28.62
C VAL D 214 8.11 0.47 -29.02
N ASP D 215 7.13 0.37 -29.91
CA ASP D 215 6.78 -0.87 -30.62
C ASP D 215 7.33 -0.81 -32.04
N LYS D 216 7.97 -1.89 -32.50
CA LYS D 216 8.53 -1.94 -33.84
C LYS D 216 8.10 -3.23 -34.52
N LYS D 217 7.33 -3.08 -35.58
CA LYS D 217 6.90 -4.18 -36.42
C LYS D 217 8.07 -4.65 -37.27
N ILE D 218 8.22 -5.96 -37.41
CA ILE D 218 9.29 -6.52 -38.21
C ILE D 218 8.83 -6.61 -39.66
N VAL D 219 9.41 -5.78 -40.50
CA VAL D 219 9.02 -5.66 -41.90
C VAL D 219 9.99 -6.47 -42.75
N PRO D 220 9.50 -7.32 -43.65
CA PRO D 220 10.41 -8.06 -44.54
C PRO D 220 11.13 -7.15 -45.55
N ARG D 221 12.18 -7.69 -46.15
CA ARG D 221 13.06 -6.94 -47.05
C ARG D 221 13.06 -7.46 -48.50
N ASP E 1 30.47 -13.64 14.69
CA ASP E 1 30.10 -14.03 13.33
C ASP E 1 30.15 -15.53 13.14
N ILE E 2 28.99 -16.17 13.03
CA ILE E 2 28.95 -17.60 12.75
C ILE E 2 29.23 -17.78 11.26
N VAL E 3 30.21 -18.62 10.93
CA VAL E 3 30.61 -18.78 9.54
C VAL E 3 29.91 -19.98 8.92
N MET E 4 29.20 -19.74 7.82
CA MET E 4 28.49 -20.78 7.10
C MET E 4 29.30 -21.15 5.86
N THR E 5 29.77 -22.40 5.85
CA THR E 5 30.58 -22.95 4.80
C THR E 5 29.73 -23.89 3.97
N GLN E 6 29.60 -23.58 2.71
CA GLN E 6 28.71 -24.31 1.83
C GLN E 6 29.56 -25.11 0.86
N SER E 7 29.21 -26.37 0.65
CA SER E 7 30.10 -27.18 -0.17
C SER E 7 29.31 -28.23 -0.92
N PRO E 8 29.57 -28.43 -2.21
CA PRO E 8 30.54 -27.72 -3.05
C PRO E 8 30.04 -26.35 -3.48
N SER E 9 30.92 -25.51 -4.00
CA SER E 9 30.51 -24.21 -4.50
C SER E 9 29.67 -24.34 -5.77
N SER E 10 30.01 -25.32 -6.62
CA SER E 10 29.29 -25.57 -7.85
C SER E 10 29.30 -27.06 -8.18
N LEU E 11 28.23 -27.53 -8.82
CA LEU E 11 28.18 -28.92 -9.28
C LEU E 11 27.27 -29.04 -10.50
N THR E 12 27.58 -30.03 -11.34
CA THR E 12 26.90 -30.21 -12.62
C THR E 12 26.40 -31.65 -12.69
N VAL E 13 25.09 -31.81 -12.86
CA VAL E 13 24.46 -33.13 -12.92
C VAL E 13 23.49 -33.21 -14.07
N THR E 14 23.24 -34.45 -14.48
CA THR E 14 22.19 -34.75 -15.44
C THR E 14 20.85 -34.84 -14.72
N ALA E 15 19.77 -34.52 -15.46
CA ALA E 15 18.43 -34.57 -14.89
C ALA E 15 18.06 -35.99 -14.52
N GLY E 16 17.42 -36.14 -13.35
CA GLY E 16 17.02 -37.43 -12.85
C GLY E 16 17.96 -38.04 -11.84
N GLU E 17 19.11 -37.41 -11.57
CA GLU E 17 20.09 -37.89 -10.62
C GLU E 17 19.90 -37.25 -9.25
N LYS E 18 20.61 -37.77 -8.25
CA LYS E 18 20.57 -37.26 -6.88
C LYS E 18 21.71 -36.28 -6.65
N VAL E 19 21.44 -35.21 -5.89
CA VAL E 19 22.53 -34.35 -5.45
C VAL E 19 22.36 -34.05 -3.97
N SER E 20 23.49 -33.86 -3.33
CA SER E 20 23.58 -33.47 -1.93
C SER E 20 24.57 -32.34 -1.86
N MET E 21 24.24 -31.37 -1.04
CA MET E 21 25.12 -30.26 -0.80
C MET E 21 25.11 -29.99 0.69
N SER E 22 26.27 -29.62 1.18
CA SER E 22 26.53 -29.51 2.59
C SER E 22 26.54 -28.05 2.99
N CYS E 23 26.12 -27.82 4.22
CA CYS E 23 26.21 -26.53 4.88
C CYS E 23 26.78 -26.81 6.26
N LYS E 24 27.95 -26.23 6.55
CA LYS E 24 28.59 -26.41 7.83
C LYS E 24 28.67 -25.05 8.53
N SER E 25 28.52 -25.05 9.84
CA SER E 25 28.58 -23.81 10.59
C SER E 25 29.71 -23.90 11.59
N SER E 26 30.38 -22.78 11.83
CA SER E 26 31.49 -22.79 12.78
C SER E 26 30.98 -22.95 14.21
N GLN E 27 29.78 -22.46 14.51
CA GLN E 27 29.09 -22.62 15.78
C GLN E 27 27.93 -23.57 15.57
N SER E 28 27.46 -24.18 16.65
CA SER E 28 26.28 -25.03 16.58
C SER E 28 25.02 -24.20 16.48
N LEU E 29 24.06 -24.71 15.70
CA LEU E 29 22.79 -24.01 15.52
C LEU E 29 21.63 -24.74 16.21
N PHE E 30 21.91 -25.63 17.17
CA PHE E 30 20.87 -26.36 17.89
C PHE E 30 20.51 -25.64 19.19
N THR E 31 19.21 -25.52 19.47
CA THR E 31 18.75 -24.99 20.74
C THR E 31 18.13 -26.13 21.52
N SER E 32 18.56 -26.31 22.78
CA SER E 32 17.99 -27.38 23.59
C SER E 32 16.55 -27.08 24.01
N GLY E 33 16.21 -25.80 24.22
CA GLY E 33 14.88 -25.45 24.69
C GLY E 33 13.77 -25.81 23.71
N LYS E 34 13.90 -25.39 22.47
CA LYS E 34 12.89 -25.65 21.45
C LYS E 34 13.17 -26.94 20.69
N GLN E 35 14.31 -27.58 20.94
CA GLN E 35 14.74 -28.83 20.29
C GLN E 35 14.72 -28.68 18.77
N LYS E 36 15.34 -27.60 18.28
CA LYS E 36 15.34 -27.25 16.86
C LYS E 36 16.70 -26.75 16.36
N ASN E 37 16.94 -26.92 15.07
CA ASN E 37 18.13 -26.35 14.43
C ASN E 37 17.74 -25.09 13.66
N TYR E 38 18.23 -23.93 14.08
CA TYR E 38 17.85 -22.67 13.44
C TYR E 38 18.74 -22.47 12.21
N LEU E 39 18.47 -23.30 11.20
CA LEU E 39 19.13 -23.34 9.91
C LEU E 39 18.08 -23.24 8.80
N THR E 40 18.37 -22.46 7.73
CA THR E 40 17.42 -22.27 6.63
C THR E 40 18.05 -22.55 5.26
N TRP E 41 17.27 -23.10 4.33
CA TRP E 41 17.68 -23.30 2.94
C TRP E 41 16.79 -22.47 2.01
N TYR E 42 17.42 -21.64 1.17
CA TYR E 42 16.75 -20.83 0.16
C TYR E 42 17.23 -21.23 -1.22
N GLN E 43 16.37 -21.03 -2.22
CA GLN E 43 16.72 -21.28 -3.62
C GLN E 43 16.56 -20.01 -4.43
N GLN E 44 17.56 -19.67 -5.26
CA GLN E 44 17.48 -18.48 -6.11
C GLN E 44 17.73 -18.89 -7.55
N LYS E 45 16.74 -18.76 -8.33
CA LYS E 45 16.85 -18.96 -9.76
C LYS E 45 17.32 -17.69 -10.43
N PRO E 46 17.85 -17.79 -11.64
CA PRO E 46 18.34 -16.59 -12.33
C PRO E 46 17.25 -15.57 -12.63
N GLY E 47 17.49 -14.34 -12.17
CA GLY E 47 16.58 -13.24 -12.38
C GLY E 47 15.51 -13.10 -11.34
N GLN E 48 15.35 -14.08 -10.46
CA GLN E 48 14.31 -14.14 -9.47
C GLN E 48 14.83 -13.79 -8.08
N PRO E 49 13.96 -13.38 -7.17
CA PRO E 49 14.37 -13.29 -5.77
C PRO E 49 14.51 -14.69 -5.19
N PRO E 50 15.28 -14.84 -4.11
CA PRO E 50 15.41 -16.15 -3.48
C PRO E 50 14.10 -16.61 -2.86
N LYS E 51 13.82 -17.90 -3.00
CA LYS E 51 12.60 -18.53 -2.50
C LYS E 51 12.92 -19.38 -1.28
N LEU E 52 12.10 -19.27 -0.23
CA LEU E 52 12.30 -20.09 0.96
C LEU E 52 12.00 -21.55 0.65
N LEU E 53 12.96 -22.43 0.93
CA LEU E 53 12.74 -23.86 0.75
C LEU E 53 12.49 -24.56 2.08
N ILE E 54 13.42 -24.46 3.02
CA ILE E 54 13.38 -25.29 4.22
C ILE E 54 13.79 -24.46 5.42
N TYR E 55 13.00 -24.50 6.48
CA TYR E 55 13.36 -23.91 7.75
C TYR E 55 13.47 -25.00 8.79
N TRP E 56 14.11 -24.68 9.93
CA TRP E 56 14.32 -25.62 11.04
C TRP E 56 15.04 -26.91 10.60
N ALA E 57 15.81 -26.77 9.53
CA ALA E 57 16.79 -27.67 8.94
C ALA E 57 16.17 -28.88 8.25
N SER E 58 14.89 -29.15 8.49
CA SER E 58 14.21 -30.26 7.82
C SER E 58 12.78 -29.94 7.44
N THR E 59 12.17 -28.89 7.97
CA THR E 59 10.76 -28.67 7.75
C THR E 59 10.58 -27.94 6.41
N ARG E 60 9.84 -28.55 5.51
CA ARG E 60 9.70 -27.95 4.21
C ARG E 60 8.66 -26.85 4.22
N ASN E 61 8.91 -25.83 3.40
CA ASN E 61 7.97 -24.76 3.18
C ASN E 61 6.72 -25.30 2.49
N SER E 62 5.61 -24.57 2.66
CA SER E 62 4.33 -25.03 2.14
C SER E 62 4.34 -25.09 0.62
N GLY E 63 3.91 -26.23 0.08
CA GLY E 63 3.81 -26.41 -1.34
C GLY E 63 5.07 -26.90 -2.00
N LEU E 64 6.18 -27.04 -1.24
CA LEU E 64 7.44 -27.47 -1.82
C LEU E 64 7.36 -28.96 -2.19
N PRO E 65 7.88 -29.36 -3.36
CA PRO E 65 7.96 -30.80 -3.66
C PRO E 65 8.94 -31.50 -2.73
N ASP E 66 8.59 -32.72 -2.35
CA ASP E 66 9.40 -33.42 -1.36
C ASP E 66 10.63 -34.09 -1.98
N ARG E 67 10.97 -33.81 -3.24
CA ARG E 67 12.27 -34.25 -3.73
C ARG E 67 13.37 -33.43 -3.05
N PHE E 68 13.06 -32.22 -2.55
CA PHE E 68 13.97 -31.43 -1.73
C PHE E 68 13.86 -31.88 -0.27
N THR E 69 14.96 -32.33 0.31
CA THR E 69 14.97 -32.80 1.70
C THR E 69 16.12 -32.14 2.45
N GLY E 70 15.82 -31.52 3.59
CA GLY E 70 16.83 -31.01 4.49
C GLY E 70 17.05 -32.03 5.61
N SER E 71 18.30 -32.13 6.05
CA SER E 71 18.66 -33.09 7.09
C SER E 71 19.91 -32.60 7.81
N GLY E 72 20.16 -33.17 8.98
CA GLY E 72 21.35 -32.88 9.75
C GLY E 72 21.03 -32.15 11.04
N SER E 73 22.08 -31.85 11.80
CA SER E 73 21.91 -31.21 13.09
C SER E 73 23.22 -30.54 13.50
N GLY E 74 23.13 -29.69 14.53
CA GLY E 74 24.27 -29.07 15.17
C GLY E 74 25.07 -28.14 14.29
N THR E 75 26.21 -28.64 13.81
CA THR E 75 27.04 -27.88 12.89
C THR E 75 26.96 -28.38 11.46
N ASP E 76 26.43 -29.58 11.20
CA ASP E 76 26.48 -30.17 9.87
C ASP E 76 25.08 -30.37 9.31
N PHE E 77 24.85 -29.89 8.09
CA PHE E 77 23.54 -29.91 7.45
C PHE E 77 23.69 -30.28 5.98
N THR E 78 22.62 -30.84 5.42
CA THR E 78 22.57 -31.32 4.05
C THR E 78 21.22 -31.01 3.43
N LEU E 79 21.28 -30.57 2.18
CA LEU E 79 20.12 -30.46 1.30
C LEU E 79 20.31 -31.50 0.21
N THR E 80 19.28 -32.28 -0.06
CA THR E 80 19.30 -33.35 -1.04
C THR E 80 18.14 -33.16 -2.00
N ILE E 81 18.42 -33.25 -3.30
CA ILE E 81 17.39 -33.28 -4.33
C ILE E 81 17.41 -34.69 -4.90
N SER E 82 16.27 -35.39 -4.75
CA SER E 82 16.25 -36.84 -5.01
C SER E 82 16.37 -37.16 -6.50
N SER E 83 15.60 -36.45 -7.34
CA SER E 83 15.72 -36.60 -8.79
C SER E 83 15.65 -35.22 -9.42
N VAL E 84 16.81 -34.70 -9.85
CA VAL E 84 16.96 -33.31 -10.26
C VAL E 84 16.15 -33.07 -11.54
N GLN E 85 15.42 -31.97 -11.56
CA GLN E 85 14.78 -31.54 -12.79
C GLN E 85 15.48 -30.32 -13.34
N ALA E 86 15.20 -30.04 -14.61
CA ALA E 86 15.87 -28.97 -15.33
C ALA E 86 15.54 -27.60 -14.74
N GLU E 87 14.39 -27.47 -14.05
CA GLU E 87 13.99 -26.22 -13.40
C GLU E 87 14.60 -26.02 -12.03
N ASP E 88 15.36 -27.00 -11.53
CA ASP E 88 16.11 -26.84 -10.30
C ASP E 88 17.46 -26.19 -10.52
N LEU E 89 17.74 -25.78 -11.75
CA LEU E 89 18.93 -24.99 -12.02
C LEU E 89 18.82 -23.69 -11.27
N ALA E 90 19.71 -23.50 -10.32
CA ALA E 90 19.59 -22.36 -9.39
C ALA E 90 20.86 -22.30 -8.57
N VAL E 91 20.92 -21.34 -7.65
CA VAL E 91 21.90 -21.33 -6.57
C VAL E 91 21.14 -21.58 -5.28
N TYR E 92 21.66 -22.48 -4.46
CA TYR E 92 21.05 -22.84 -3.19
C TYR E 92 21.86 -22.21 -2.05
N TYR E 93 21.20 -21.46 -1.17
CA TYR E 93 21.87 -20.79 -0.05
C TYR E 93 21.39 -21.34 1.30
N CYS E 94 22.30 -21.51 2.24
CA CYS E 94 21.84 -21.78 3.60
C CYS E 94 22.09 -20.54 4.46
N GLN E 95 21.26 -20.37 5.48
CA GLN E 95 21.34 -19.20 6.32
C GLN E 95 21.35 -19.59 7.79
N ASN E 96 22.37 -19.08 8.50
CA ASN E 96 22.39 -19.05 9.94
C ASN E 96 21.24 -18.22 10.43
N ASP E 97 20.38 -18.83 11.23
CA ASP E 97 19.31 -18.08 11.87
C ASP E 97 19.31 -18.30 13.38
N TYR E 98 20.45 -18.74 13.93
CA TYR E 98 20.57 -18.91 15.37
C TYR E 98 20.78 -17.55 16.03
N SER E 99 21.79 -16.79 15.61
CA SER E 99 22.09 -15.53 16.29
C SER E 99 22.60 -14.49 15.30
N TYR E 100 22.51 -13.24 15.73
CA TYR E 100 23.02 -12.12 14.96
C TYR E 100 24.54 -12.23 14.84
N PRO E 101 25.11 -11.90 13.66
CA PRO E 101 24.39 -11.60 12.42
C PRO E 101 23.94 -12.88 11.70
N PHE E 102 22.76 -12.82 11.09
CA PHE E 102 22.13 -13.98 10.47
C PHE E 102 22.72 -14.20 9.08
N THR E 103 23.87 -14.87 9.05
CA THR E 103 24.72 -14.88 7.87
C THR E 103 24.32 -15.95 6.84
N PHE E 104 24.57 -15.65 5.58
CA PHE E 104 24.32 -16.61 4.52
C PHE E 104 25.60 -17.38 4.22
N GLY E 105 25.44 -18.52 3.60
CA GLY E 105 26.59 -19.14 2.99
C GLY E 105 26.87 -18.56 1.61
N SER E 106 28.00 -18.98 1.05
CA SER E 106 28.43 -18.48 -0.25
C SER E 106 27.69 -19.14 -1.39
N GLY E 107 26.86 -20.12 -1.09
CA GLY E 107 25.98 -20.72 -2.07
C GLY E 107 26.58 -21.92 -2.74
N THR E 108 25.69 -22.76 -3.27
CA THR E 108 26.05 -23.88 -4.14
C THR E 108 25.31 -23.69 -5.46
N LYS E 109 26.07 -23.57 -6.55
CA LYS E 109 25.47 -23.42 -7.88
C LYS E 109 25.18 -24.81 -8.44
N LEU E 110 23.91 -25.07 -8.77
CA LEU E 110 23.49 -26.29 -9.42
C LEU E 110 23.25 -25.99 -10.89
N GLU E 111 24.08 -26.60 -11.74
CA GLU E 111 23.98 -26.55 -13.18
C GLU E 111 23.66 -27.92 -13.74
N ILE E 112 23.18 -27.93 -14.99
CA ILE E 112 22.61 -29.12 -15.59
C ILE E 112 23.49 -29.56 -16.74
N LYS E 113 23.74 -30.86 -16.82
CA LYS E 113 24.35 -31.48 -17.98
C LYS E 113 23.27 -32.16 -18.79
N ARG E 114 23.14 -31.77 -20.05
CA ARG E 114 22.17 -32.42 -20.92
C ARG E 114 22.91 -33.05 -22.08
N ALA E 115 22.14 -33.61 -23.00
CA ALA E 115 22.69 -34.09 -24.24
C ALA E 115 23.17 -32.89 -25.08
N ASP E 116 24.06 -33.18 -26.03
CA ASP E 116 24.54 -32.15 -26.94
C ASP E 116 23.41 -31.66 -27.82
N ALA E 117 23.52 -30.39 -28.20
CA ALA E 117 22.50 -29.78 -29.06
C ALA E 117 23.20 -28.78 -29.96
N ALA E 118 22.86 -28.81 -31.23
CA ALA E 118 23.44 -27.92 -32.22
C ALA E 118 22.79 -26.54 -32.16
N PRO E 119 23.55 -25.48 -32.43
CA PRO E 119 22.95 -24.15 -32.49
C PRO E 119 22.15 -24.00 -33.76
N THR E 120 20.99 -23.34 -33.62
CA THR E 120 20.20 -22.84 -34.74
C THR E 120 20.74 -21.44 -35.02
N VAL E 121 21.35 -21.25 -36.18
CA VAL E 121 22.11 -20.04 -36.45
C VAL E 121 21.37 -19.22 -37.49
N SER E 122 21.24 -17.90 -37.22
CA SER E 122 20.52 -16.98 -38.09
C SER E 122 21.31 -15.69 -38.25
N ILE E 123 21.44 -15.20 -39.48
CA ILE E 123 22.18 -13.97 -39.77
C ILE E 123 21.18 -12.92 -40.24
N PHE E 124 21.44 -11.69 -39.86
CA PHE E 124 20.50 -10.59 -40.09
C PHE E 124 21.20 -9.34 -40.60
N PRO E 125 20.81 -8.88 -41.78
CA PRO E 125 21.40 -7.69 -42.34
C PRO E 125 20.89 -6.46 -41.59
N PRO E 126 21.55 -5.31 -41.75
CA PRO E 126 21.10 -4.12 -41.03
C PRO E 126 19.72 -3.67 -41.48
N SER E 127 19.00 -3.02 -40.57
CA SER E 127 17.74 -2.40 -40.94
C SER E 127 17.99 -1.13 -41.74
N SER E 128 17.00 -0.73 -42.53
CA SER E 128 17.10 0.56 -43.24
C SER E 128 17.06 1.74 -42.28
N GLU E 129 16.34 1.59 -41.16
CA GLU E 129 16.26 2.63 -40.16
C GLU E 129 17.61 2.90 -39.51
N GLN E 130 18.44 1.86 -39.38
CA GLN E 130 19.77 2.09 -38.84
C GLN E 130 20.70 2.64 -39.90
N LEU E 131 20.57 2.13 -41.14
CA LEU E 131 21.44 2.54 -42.25
C LEU E 131 21.24 4.00 -42.62
N THR E 132 20.02 4.52 -42.50
CA THR E 132 19.79 5.94 -42.77
C THR E 132 20.41 6.82 -41.69
N SER E 133 20.75 6.27 -40.53
CA SER E 133 21.41 7.02 -39.47
C SER E 133 22.92 6.97 -39.56
N GLY E 134 23.49 6.22 -40.51
CA GLY E 134 24.93 6.15 -40.70
C GLY E 134 25.60 4.94 -40.08
N GLY E 135 24.93 4.24 -39.17
CA GLY E 135 25.45 3.01 -38.61
C GLY E 135 24.85 1.78 -39.27
N ALA E 136 25.50 0.64 -39.04
CA ALA E 136 25.00 -0.64 -39.54
C ALA E 136 25.44 -1.70 -38.56
N SER E 137 24.56 -2.66 -38.27
CA SER E 137 24.88 -3.78 -37.39
C SER E 137 24.41 -5.06 -38.03
N VAL E 138 25.33 -5.99 -38.26
CA VAL E 138 24.97 -7.33 -38.71
C VAL E 138 24.88 -8.23 -37.49
N VAL E 139 23.73 -8.88 -37.33
CA VAL E 139 23.46 -9.60 -36.09
C VAL E 139 23.40 -11.09 -36.39
N CYS E 140 23.87 -11.90 -35.44
CA CYS E 140 23.87 -13.34 -35.58
C CYS E 140 23.34 -13.94 -34.28
N PHE E 141 22.25 -14.70 -34.39
CA PHE E 141 21.67 -15.42 -33.27
C PHE E 141 22.09 -16.87 -33.33
N LEU E 142 22.53 -17.41 -32.20
CA LEU E 142 22.95 -18.81 -32.11
C LEU E 142 22.16 -19.41 -30.97
N ASN E 143 21.10 -20.11 -31.32
CA ASN E 143 20.08 -20.48 -30.34
C ASN E 143 20.13 -21.95 -29.97
N ASN E 144 19.91 -22.19 -28.69
CA ASN E 144 19.52 -23.47 -28.08
C ASN E 144 20.54 -24.56 -28.33
N PHE E 145 21.75 -24.32 -27.84
CA PHE E 145 22.83 -25.28 -27.95
C PHE E 145 23.34 -25.64 -26.56
N TYR E 146 24.03 -26.78 -26.51
CA TYR E 146 24.75 -27.29 -25.36
C TYR E 146 25.88 -28.14 -25.94
N PRO E 147 27.12 -28.02 -25.41
CA PRO E 147 27.50 -27.17 -24.29
C PRO E 147 27.74 -25.71 -24.59
N LYS E 148 28.17 -24.99 -23.55
CA LYS E 148 28.19 -23.52 -23.56
C LYS E 148 29.27 -22.96 -24.46
N ASP E 149 30.33 -23.74 -24.74
CA ASP E 149 31.48 -23.18 -25.44
C ASP E 149 31.21 -23.10 -26.93
N ILE E 150 31.37 -21.91 -27.49
CA ILE E 150 31.17 -21.70 -28.91
C ILE E 150 32.12 -20.60 -29.34
N ASN E 151 32.52 -20.61 -30.61
CA ASN E 151 33.37 -19.54 -31.12
C ASN E 151 32.73 -18.97 -32.37
N VAL E 152 32.70 -17.65 -32.48
CA VAL E 152 32.05 -16.99 -33.61
C VAL E 152 33.04 -16.12 -34.34
N LYS E 153 33.20 -16.40 -35.64
CA LYS E 153 34.07 -15.66 -36.54
C LYS E 153 33.23 -14.95 -37.59
N TRP E 154 33.40 -13.65 -37.71
CA TRP E 154 32.77 -12.89 -38.77
C TRP E 154 33.73 -12.77 -39.96
N LYS E 155 33.23 -13.07 -41.15
CA LYS E 155 34.03 -12.91 -42.36
C LYS E 155 33.34 -11.98 -43.34
N ILE E 156 34.07 -10.95 -43.78
CA ILE E 156 33.58 -9.97 -44.74
C ILE E 156 34.40 -10.12 -46.03
N ASP E 157 33.72 -10.58 -47.11
CA ASP E 157 34.36 -10.92 -48.40
C ASP E 157 35.48 -11.93 -48.20
N GLY E 158 35.26 -12.89 -47.30
CA GLY E 158 36.23 -13.91 -47.01
C GLY E 158 37.28 -13.53 -45.99
N SER E 159 37.38 -12.24 -45.65
CA SER E 159 38.35 -11.75 -44.68
C SER E 159 37.73 -11.66 -43.30
N GLU E 160 38.41 -12.22 -42.31
CA GLU E 160 37.90 -12.24 -40.96
C GLU E 160 38.04 -10.85 -40.33
N ARG E 161 36.92 -10.32 -39.82
CA ARG E 161 36.89 -9.06 -39.08
C ARG E 161 36.29 -9.31 -37.70
N GLN E 162 37.03 -8.97 -36.65
CA GLN E 162 36.52 -9.06 -35.29
C GLN E 162 36.52 -7.70 -34.59
N ASN E 163 36.86 -6.62 -35.30
CA ASN E 163 36.81 -5.30 -34.69
C ASN E 163 35.37 -4.79 -34.71
N GLY E 164 34.90 -4.29 -33.57
CA GLY E 164 33.52 -3.81 -33.50
C GLY E 164 32.49 -4.91 -33.30
N VAL E 165 32.91 -6.01 -32.70
CA VAL E 165 32.08 -7.18 -32.46
C VAL E 165 31.75 -7.21 -30.97
N LEU E 166 30.47 -7.38 -30.65
CA LEU E 166 29.98 -7.56 -29.29
C LEU E 166 29.28 -8.89 -29.19
N ASN E 167 29.56 -9.63 -28.11
CA ASN E 167 28.94 -10.94 -27.88
C ASN E 167 28.15 -10.97 -26.58
N SER E 168 27.06 -11.74 -26.57
CA SER E 168 26.22 -11.84 -25.38
C SER E 168 25.74 -13.27 -25.30
N TRP E 169 25.84 -13.87 -24.12
CA TRP E 169 25.39 -15.23 -23.86
C TRP E 169 24.18 -15.20 -22.93
N THR E 170 23.19 -16.06 -23.16
CA THR E 170 22.18 -16.22 -22.12
C THR E 170 22.71 -17.07 -20.97
N ASP E 171 21.95 -17.11 -19.89
CA ASP E 171 22.17 -18.15 -18.89
C ASP E 171 21.62 -19.47 -19.44
N GLN E 172 21.87 -20.55 -18.70
CA GLN E 172 21.30 -21.85 -19.04
C GLN E 172 19.78 -21.80 -18.89
N ASP E 173 19.06 -22.38 -19.85
CA ASP E 173 17.61 -22.29 -19.82
C ASP E 173 16.99 -23.24 -18.80
N SER E 174 15.97 -22.77 -18.09
CA SER E 174 15.35 -23.52 -17.01
C SER E 174 14.44 -24.65 -17.49
N LYS E 175 14.20 -24.81 -18.79
CA LYS E 175 13.34 -25.88 -19.27
C LYS E 175 14.08 -26.88 -20.15
N ASP E 176 14.89 -26.43 -21.10
CA ASP E 176 15.59 -27.36 -21.97
C ASP E 176 17.10 -27.41 -21.71
N SER E 177 17.59 -26.65 -20.73
CA SER E 177 18.98 -26.68 -20.24
C SER E 177 20.03 -26.28 -21.30
N THR E 178 19.62 -25.52 -22.34
CA THR E 178 20.55 -25.08 -23.37
C THR E 178 20.99 -23.64 -23.10
N TYR E 179 21.95 -23.18 -23.92
CA TYR E 179 22.46 -21.82 -23.94
C TYR E 179 22.13 -21.18 -25.29
N SER E 180 22.18 -19.85 -25.35
CA SER E 180 22.03 -19.13 -26.61
C SER E 180 22.91 -17.90 -26.55
N MET E 181 23.40 -17.45 -27.71
CA MET E 181 24.28 -16.27 -27.76
C MET E 181 24.05 -15.45 -29.02
N SER E 182 24.22 -14.13 -28.91
CA SER E 182 24.09 -13.22 -30.03
C SER E 182 25.42 -12.51 -30.27
N SER E 183 25.76 -12.31 -31.53
CA SER E 183 26.96 -11.60 -31.92
C SER E 183 26.59 -10.46 -32.85
N THR E 184 27.04 -9.26 -32.51
CA THR E 184 26.68 -8.08 -33.27
C THR E 184 27.94 -7.42 -33.79
N LEU E 185 28.04 -7.34 -35.11
CA LEU E 185 29.15 -6.68 -35.79
C LEU E 185 28.67 -5.31 -36.25
N THR E 186 29.24 -4.23 -35.71
CA THR E 186 28.81 -2.88 -36.01
C THR E 186 29.85 -2.16 -36.87
N LEU E 187 29.39 -1.62 -38.02
CA LEU E 187 30.20 -0.90 -38.98
C LEU E 187 29.58 0.47 -39.22
N THR E 188 30.28 1.31 -39.96
CA THR E 188 29.62 2.52 -40.43
C THR E 188 28.82 2.18 -41.69
N LYS E 189 28.03 3.15 -42.18
CA LYS E 189 27.22 2.92 -43.38
C LYS E 189 28.11 2.69 -44.59
N ASP E 190 29.12 3.57 -44.77
CA ASP E 190 30.03 3.47 -45.90
C ASP E 190 30.96 2.26 -45.76
N GLU E 191 31.27 1.87 -44.53
CA GLU E 191 32.09 0.68 -44.33
C GLU E 191 31.30 -0.56 -44.73
N TYR E 192 29.99 -0.56 -44.44
CA TYR E 192 29.12 -1.65 -44.85
C TYR E 192 28.86 -1.62 -46.35
N GLU E 193 28.76 -0.44 -46.95
CA GLU E 193 28.47 -0.36 -48.38
C GLU E 193 29.67 -0.66 -49.27
N ARG E 194 30.88 -0.70 -48.73
CA ARG E 194 32.03 -1.01 -49.58
C ARG E 194 32.26 -2.53 -49.74
N HIS E 195 31.43 -3.37 -49.13
CA HIS E 195 31.63 -4.81 -49.15
C HIS E 195 30.32 -5.54 -49.46
N ASN E 196 30.45 -6.80 -49.88
CA ASN E 196 29.33 -7.56 -50.47
C ASN E 196 28.89 -8.74 -49.61
N SER E 197 29.80 -9.63 -49.26
CA SER E 197 29.51 -10.90 -48.60
C SER E 197 29.70 -10.79 -47.08
N TYR E 198 28.67 -11.17 -46.32
CA TYR E 198 28.76 -11.17 -44.86
C TYR E 198 28.46 -12.56 -44.30
N THR E 199 29.41 -13.07 -43.51
CA THR E 199 29.43 -14.45 -43.08
C THR E 199 29.57 -14.52 -41.57
N CYS E 200 28.67 -15.27 -40.96
CA CYS E 200 28.69 -15.57 -39.54
C CYS E 200 29.02 -17.05 -39.39
N GLU E 201 30.15 -17.35 -38.75
CA GLU E 201 30.73 -18.68 -38.69
C GLU E 201 30.85 -19.14 -37.23
N ALA E 202 30.46 -20.38 -36.97
CA ALA E 202 30.41 -20.89 -35.61
C ALA E 202 31.16 -22.21 -35.51
N THR E 203 32.05 -22.31 -34.53
CA THR E 203 32.71 -23.57 -34.25
C THR E 203 32.16 -24.09 -32.92
N HIS E 204 31.61 -25.31 -32.97
CA HIS E 204 30.99 -25.96 -31.80
C HIS E 204 31.32 -27.46 -31.87
N LYS E 205 31.12 -28.13 -30.72
CA LYS E 205 31.37 -29.57 -30.56
C LYS E 205 30.46 -30.42 -31.44
N THR E 206 29.28 -29.89 -31.82
CA THR E 206 28.28 -30.66 -32.54
C THR E 206 28.68 -30.96 -33.98
N SER E 207 29.52 -30.12 -34.61
CA SER E 207 29.93 -30.30 -35.99
C SER E 207 31.44 -30.23 -36.10
N THR E 208 32.03 -31.10 -36.94
CA THR E 208 33.47 -30.99 -37.16
C THR E 208 33.79 -29.80 -38.06
N SER E 209 32.94 -29.55 -39.05
CA SER E 209 33.02 -28.42 -39.95
C SER E 209 32.36 -27.21 -39.30
N PRO E 210 32.78 -26.01 -39.65
CA PRO E 210 32.12 -24.83 -39.05
C PRO E 210 30.72 -24.62 -39.65
N ILE E 211 29.81 -24.10 -38.82
CA ILE E 211 28.43 -23.78 -39.24
C ILE E 211 28.40 -22.37 -39.80
N VAL E 212 27.89 -22.24 -41.01
CA VAL E 212 28.02 -21.02 -41.80
C VAL E 212 26.64 -20.49 -42.16
N LYS E 213 26.37 -19.23 -41.83
CA LYS E 213 25.19 -18.59 -42.36
C LYS E 213 25.63 -17.26 -42.95
N SER E 214 25.05 -16.87 -44.08
CA SER E 214 25.60 -15.76 -44.85
C SER E 214 24.54 -15.06 -45.65
N PHE E 215 24.91 -13.88 -46.14
CA PHE E 215 24.14 -13.19 -47.16
C PHE E 215 25.05 -12.32 -48.02
N ASN E 216 24.54 -11.95 -49.20
CA ASN E 216 25.18 -10.99 -50.09
C ASN E 216 24.27 -9.80 -50.29
N ARG E 217 24.86 -8.60 -50.33
CA ARG E 217 24.06 -7.37 -50.48
C ARG E 217 23.39 -7.29 -51.84
N ASN E 218 24.01 -7.83 -52.89
CA ASN E 218 23.39 -7.76 -54.22
C ASN E 218 22.19 -8.69 -54.31
N ALA E 219 22.39 -9.98 -54.02
CA ALA E 219 21.31 -10.96 -54.10
C ALA E 219 20.47 -10.95 -52.83
N ASN F 2 2.60 -17.41 21.78
CA ASN F 2 2.46 -16.54 20.59
C ASN F 2 3.52 -16.82 19.51
N GLY F 3 3.91 -15.78 18.79
CA GLY F 3 4.95 -15.95 17.78
C GLY F 3 5.51 -14.62 17.32
N ALA F 4 6.81 -14.57 17.04
CA ALA F 4 7.51 -13.36 16.60
C ALA F 4 8.85 -13.79 16.05
N GLY F 5 9.19 -13.39 14.84
CA GLY F 5 8.48 -12.43 14.01
C GLY F 5 9.15 -11.10 14.16
N ASN F 6 9.11 -10.56 15.37
CA ASN F 6 9.91 -9.40 15.69
C ASN F 6 10.91 -9.79 16.76
N GLN F 7 11.07 -11.08 17.00
CA GLN F 7 11.99 -11.64 17.98
C GLN F 7 12.67 -12.85 17.36
N PRO F 8 13.64 -12.65 16.48
CA PRO F 8 14.21 -13.78 15.73
C PRO F 8 15.41 -14.37 16.43
N GLY F 9 15.68 -15.64 16.09
CA GLY F 9 16.82 -16.34 16.67
C GLY F 9 16.48 -17.20 17.87
N ALA F 10 17.53 -17.67 18.52
CA ALA F 10 17.34 -18.45 19.73
C ALA F 10 16.78 -17.58 20.86
N ASN F 11 17.16 -16.30 20.88
CA ASN F 11 16.61 -15.29 21.81
C ASN F 11 16.71 -15.67 23.30
N GLN G 3 66.13 -11.58 30.12
CA GLN G 3 66.84 -11.70 28.83
C GLN G 3 65.95 -12.41 27.81
N ILE G 4 64.66 -12.48 28.10
CA ILE G 4 63.68 -13.05 27.18
C ILE G 4 63.26 -11.95 26.21
N GLN G 5 63.43 -12.19 24.91
CA GLN G 5 63.21 -11.13 23.93
C GLN G 5 62.65 -11.68 22.62
N LEU G 6 61.74 -10.90 22.01
CA LEU G 6 61.18 -11.14 20.69
C LEU G 6 61.45 -9.92 19.81
N VAL G 7 62.27 -10.09 18.79
CA VAL G 7 62.68 -8.98 17.93
C VAL G 7 62.18 -9.24 16.51
N GLN G 8 61.40 -8.31 15.98
CA GLN G 8 60.79 -8.45 14.67
C GLN G 8 61.59 -7.68 13.64
N SER G 9 61.32 -7.97 12.36
CA SER G 9 62.03 -7.32 11.27
C SER G 9 61.58 -5.87 11.11
N GLY G 10 62.30 -5.14 10.27
CA GLY G 10 62.05 -3.71 10.08
C GLY G 10 60.79 -3.41 9.28
N PRO G 11 60.35 -2.15 9.28
CA PRO G 11 59.11 -1.80 8.59
C PRO G 11 59.22 -1.96 7.09
N GLU G 12 58.10 -2.28 6.47
CA GLU G 12 58.14 -2.61 5.05
C GLU G 12 57.13 -1.77 4.27
N LEU G 13 57.53 -1.37 3.06
CA LEU G 13 56.64 -0.72 2.11
C LEU G 13 56.49 -1.61 0.89
N LYS G 14 55.26 -2.02 0.58
CA LYS G 14 54.97 -2.86 -0.58
C LYS G 14 53.85 -2.23 -1.41
N LYS G 15 53.76 -2.65 -2.69
CA LYS G 15 52.69 -2.20 -3.59
C LYS G 15 51.52 -3.18 -3.56
N PRO G 16 50.31 -2.74 -3.96
CA PRO G 16 49.16 -3.66 -3.99
C PRO G 16 49.38 -4.84 -4.92
N GLY G 17 49.07 -6.02 -4.41
CA GLY G 17 49.22 -7.26 -5.15
C GLY G 17 50.50 -7.98 -4.85
N GLU G 18 51.43 -7.35 -4.13
CA GLU G 18 52.71 -7.98 -3.87
C GLU G 18 52.63 -8.79 -2.59
N THR G 19 53.77 -9.29 -2.13
CA THR G 19 53.88 -10.21 -1.01
C THR G 19 54.91 -9.71 -0.01
N VAL G 20 54.60 -9.83 1.28
CA VAL G 20 55.50 -9.40 2.34
C VAL G 20 55.73 -10.58 3.31
N LYS G 21 56.95 -10.69 3.84
CA LYS G 21 57.29 -11.68 4.86
C LYS G 21 58.00 -10.98 6.01
N ILE G 22 57.44 -11.07 7.21
CA ILE G 22 58.00 -10.45 8.40
C ILE G 22 58.57 -11.57 9.28
N SER G 23 59.68 -11.27 9.92
CA SER G 23 60.44 -12.16 10.78
C SER G 23 60.18 -11.84 12.25
N CYS G 24 60.46 -12.83 13.12
CA CYS G 24 60.38 -12.68 14.58
C CYS G 24 61.39 -13.65 15.21
N LYS G 25 62.53 -13.11 15.67
CA LYS G 25 63.61 -13.91 16.26
C LYS G 25 63.46 -13.92 17.77
N ALA G 26 63.66 -15.10 18.37
CA ALA G 26 63.49 -15.30 19.80
C ALA G 26 64.82 -15.57 20.49
N SER G 27 64.95 -15.08 21.73
CA SER G 27 66.12 -15.36 22.56
C SER G 27 65.72 -15.40 24.03
N GLY G 28 66.43 -16.22 24.79
CA GLY G 28 66.30 -16.25 26.23
C GLY G 28 65.45 -17.38 26.79
N TYR G 29 64.90 -18.25 25.94
CA TYR G 29 64.05 -19.34 26.39
C TYR G 29 64.14 -20.49 25.38
N THR G 30 63.66 -21.67 25.80
CA THR G 30 63.62 -22.85 24.92
C THR G 30 62.56 -22.64 23.85
N PHE G 31 63.00 -22.53 22.58
CA PHE G 31 62.14 -22.00 21.52
C PHE G 31 61.00 -22.96 21.21
N THR G 32 61.25 -24.27 21.28
CA THR G 32 60.29 -25.26 20.85
C THR G 32 59.37 -25.72 21.98
N ASN G 33 59.29 -24.95 23.06
CA ASN G 33 58.34 -25.20 24.14
C ASN G 33 57.26 -24.12 24.24
N TYR G 34 57.32 -23.09 23.41
CA TYR G 34 56.35 -21.99 23.44
C TYR G 34 55.97 -21.69 22.00
N GLY G 35 54.68 -21.84 21.68
CA GLY G 35 54.17 -21.51 20.36
C GLY G 35 54.12 -20.02 20.14
N MET G 36 53.91 -19.63 18.88
CA MET G 36 54.03 -18.23 18.46
C MET G 36 52.73 -17.73 17.83
N ASN G 37 52.11 -16.72 18.45
CA ASN G 37 50.92 -16.07 17.93
C ASN G 37 51.27 -14.84 17.11
N TRP G 38 50.40 -14.52 16.16
CA TRP G 38 50.51 -13.27 15.40
C TRP G 38 49.22 -12.46 15.52
N VAL G 39 49.34 -11.15 15.79
CA VAL G 39 48.16 -10.29 15.93
C VAL G 39 48.32 -9.04 15.06
N LYS G 40 47.20 -8.62 14.46
CA LYS G 40 47.13 -7.46 13.59
C LYS G 40 46.57 -6.26 14.33
N GLN G 41 47.10 -5.06 14.01
CA GLN G 41 46.58 -3.81 14.55
C GLN G 41 46.61 -2.78 13.42
N ALA G 42 45.44 -2.56 12.82
CA ALA G 42 45.24 -1.49 11.85
C ALA G 42 45.38 -0.12 12.54
N PRO G 43 45.80 0.92 11.80
CA PRO G 43 46.07 2.22 12.44
C PRO G 43 44.84 2.83 13.08
N GLY G 44 45.00 3.20 14.35
CA GLY G 44 43.91 3.74 15.12
C GLY G 44 42.91 2.70 15.56
N LYS G 45 43.13 1.42 15.25
CA LYS G 45 42.15 0.42 15.62
C LYS G 45 42.78 -0.57 16.59
N GLY G 46 41.97 -1.55 16.96
CA GLY G 46 42.35 -2.50 17.99
C GLY G 46 43.08 -3.72 17.46
N LEU G 47 43.26 -4.67 18.36
CA LEU G 47 43.97 -5.91 18.10
C LEU G 47 43.00 -6.98 17.59
N LYS G 48 43.41 -7.69 16.55
CA LYS G 48 42.67 -8.84 16.02
C LYS G 48 43.62 -10.04 16.05
N TRP G 49 43.28 -11.07 16.82
CA TRP G 49 44.09 -12.29 16.88
C TRP G 49 43.99 -13.04 15.57
N MET G 50 45.14 -13.33 14.99
CA MET G 50 45.14 -13.94 13.68
C MET G 50 45.28 -15.44 13.73
N GLY G 51 46.00 -15.95 14.71
CA GLY G 51 46.33 -17.36 14.73
C GLY G 51 47.65 -17.57 15.44
N TRP G 52 48.06 -18.84 15.46
CA TRP G 52 49.33 -19.23 16.07
C TRP G 52 49.94 -20.40 15.31
N ILE G 53 51.21 -20.65 15.57
CA ILE G 53 51.93 -21.79 15.02
C ILE G 53 52.60 -22.53 16.18
N ASN G 54 52.50 -23.86 16.15
CA ASN G 54 53.10 -24.72 17.16
C ASN G 54 54.60 -24.87 16.96
N SER G 55 55.38 -24.52 17.99
CA SER G 55 56.83 -24.46 17.84
C SER G 55 57.49 -25.83 17.81
N ASN G 56 56.78 -26.87 18.25
CA ASN G 56 57.30 -28.23 18.17
C ASN G 56 56.85 -28.97 16.92
N THR G 57 55.58 -28.84 16.52
CA THR G 57 55.03 -29.53 15.35
C THR G 57 55.14 -28.73 14.06
N GLY G 58 55.02 -27.41 14.14
CA GLY G 58 54.99 -26.60 12.95
C GLY G 58 53.63 -26.42 12.35
N GLU G 59 52.59 -26.89 13.00
CA GLU G 59 51.25 -26.74 12.43
C GLU G 59 50.73 -25.33 12.71
N PRO G 60 50.25 -24.61 11.70
CA PRO G 60 49.59 -23.33 11.94
C PRO G 60 48.09 -23.48 12.11
N THR G 61 47.51 -22.56 12.89
CA THR G 61 46.07 -22.45 13.08
C THR G 61 45.70 -21.01 12.82
N TYR G 62 44.77 -20.78 11.89
CA TYR G 62 44.43 -19.42 11.49
C TYR G 62 42.99 -19.09 11.86
N ALA G 63 42.75 -17.82 12.18
CA ALA G 63 41.39 -17.31 12.30
C ALA G 63 40.75 -17.24 10.93
N GLU G 64 39.43 -17.08 10.90
CA GLU G 64 38.69 -17.27 9.65
C GLU G 64 39.02 -16.21 8.61
N GLU G 65 39.14 -14.95 9.03
CA GLU G 65 39.44 -13.89 8.08
C GLU G 65 40.89 -13.94 7.61
N PHE G 66 41.72 -14.81 8.18
CA PHE G 66 43.12 -14.88 7.79
C PHE G 66 43.46 -16.20 7.12
N LYS G 67 42.47 -17.02 6.76
CA LYS G 67 42.73 -18.22 5.99
C LYS G 67 42.77 -17.91 4.50
N GLY G 68 43.72 -18.53 3.80
CA GLY G 68 43.84 -18.40 2.35
C GLY G 68 45.00 -17.54 1.83
N ARG G 69 45.23 -16.42 2.49
CA ARG G 69 46.25 -15.46 2.05
C ARG G 69 47.42 -15.31 3.00
N PHE G 70 47.36 -15.90 4.20
CA PHE G 70 48.36 -15.71 5.25
C PHE G 70 49.02 -17.04 5.63
N ALA G 71 50.31 -17.00 5.95
CA ALA G 71 51.03 -18.23 6.30
C ALA G 71 52.04 -18.00 7.41
N PHE G 72 52.04 -18.90 8.41
CA PHE G 72 53.02 -18.90 9.49
C PHE G 72 54.05 -19.98 9.22
N SER G 73 55.31 -19.69 9.55
CA SER G 73 56.42 -20.59 9.25
C SER G 73 57.44 -20.53 10.37
N LEU G 74 58.32 -21.54 10.40
CA LEU G 74 59.28 -21.65 11.48
C LEU G 74 60.68 -21.94 10.94
N GLU G 75 61.68 -21.44 11.69
CA GLU G 75 63.10 -21.76 11.52
C GLU G 75 63.62 -22.01 12.94
N THR G 76 63.59 -23.27 13.38
CA THR G 76 63.95 -23.62 14.75
C THR G 76 65.45 -23.46 14.99
N SER G 77 66.27 -23.61 13.95
CA SER G 77 67.72 -23.42 14.08
C SER G 77 68.07 -21.99 14.47
N ALA G 78 67.33 -21.02 13.95
CA ALA G 78 67.55 -19.61 14.27
C ALA G 78 66.58 -19.05 15.31
N SER G 79 65.70 -19.88 15.88
CA SER G 79 64.67 -19.45 16.85
C SER G 79 63.78 -18.34 16.29
N THR G 80 63.32 -18.53 15.03
CA THR G 80 62.59 -17.50 14.30
C THR G 80 61.26 -18.04 13.80
N ALA G 81 60.23 -17.21 13.88
CA ALA G 81 58.94 -17.45 13.25
C ALA G 81 58.69 -16.39 12.19
N TYR G 82 57.95 -16.76 11.13
CA TYR G 82 57.74 -15.88 9.98
C TYR G 82 56.25 -15.79 9.67
N LEU G 83 55.80 -14.59 9.29
CA LEU G 83 54.44 -14.37 8.80
C LEU G 83 54.52 -13.83 7.39
N GLN G 84 53.86 -14.51 6.45
CA GLN G 84 53.87 -14.12 5.04
C GLN G 84 52.45 -13.81 4.59
N ILE G 85 52.27 -12.63 3.98
CA ILE G 85 51.00 -12.15 3.44
C ILE G 85 51.13 -12.02 1.93
N ASN G 86 50.29 -12.75 1.20
CA ASN G 86 50.21 -12.74 -0.25
C ASN G 86 49.07 -11.85 -0.73
N ASN G 87 49.25 -11.29 -1.93
CA ASN G 87 48.23 -10.53 -2.66
C ASN G 87 47.68 -9.38 -1.81
N LEU G 88 48.57 -8.43 -1.52
CA LEU G 88 48.32 -7.40 -0.51
C LEU G 88 47.23 -6.43 -0.95
N LYS G 89 46.35 -6.10 -0.01
CA LYS G 89 45.29 -5.11 -0.16
C LYS G 89 45.56 -3.92 0.76
N ASN G 90 44.76 -2.87 0.64
CA ASN G 90 44.89 -1.75 1.57
C ASN G 90 44.33 -2.06 2.95
N GLU G 91 43.57 -3.13 3.08
CA GLU G 91 43.12 -3.57 4.39
C GLU G 91 44.26 -4.17 5.21
N ASP G 92 45.40 -4.47 4.59
CA ASP G 92 46.52 -5.08 5.29
C ASP G 92 47.54 -4.08 5.81
N THR G 93 47.39 -2.79 5.57
CA THR G 93 48.29 -1.79 6.13
C THR G 93 48.10 -1.75 7.63
N ALA G 94 49.09 -2.26 8.38
CA ALA G 94 48.92 -2.45 9.82
C ALA G 94 50.25 -2.76 10.50
N THR G 95 50.19 -2.80 11.83
CA THR G 95 51.30 -3.23 12.65
C THR G 95 51.03 -4.67 13.07
N TYR G 96 52.00 -5.54 12.83
CA TYR G 96 51.87 -6.96 13.12
C TYR G 96 52.84 -7.33 14.22
N PHE G 97 52.31 -7.97 15.26
CA PHE G 97 53.10 -8.38 16.41
C PHE G 97 53.21 -9.90 16.45
N CYS G 98 54.38 -10.40 16.86
CA CYS G 98 54.52 -11.77 17.32
C CYS G 98 54.49 -11.81 18.85
N ALA G 99 53.83 -12.83 19.41
CA ALA G 99 53.76 -12.98 20.86
C ALA G 99 53.82 -14.45 21.23
N ARG G 100 54.61 -14.80 22.23
CA ARG G 100 54.72 -16.21 22.60
C ARG G 100 53.60 -16.60 23.57
N TRP G 101 53.06 -17.80 23.35
CA TRP G 101 52.14 -18.40 24.32
C TRP G 101 52.87 -18.60 25.64
N ALA G 102 52.18 -18.33 26.74
CA ALA G 102 52.77 -18.52 28.04
C ALA G 102 52.78 -19.99 28.43
N ASN G 103 53.43 -20.27 29.57
CA ASN G 103 53.55 -21.64 30.03
C ASN G 103 52.23 -22.23 30.51
N CYS G 104 51.29 -21.39 30.91
CA CYS G 104 49.98 -21.88 31.29
C CYS G 104 49.16 -22.36 30.12
N GLY G 105 49.47 -21.89 28.91
CA GLY G 105 48.59 -22.06 27.78
C GLY G 105 47.39 -21.17 27.82
N CYS G 106 47.44 -20.08 28.60
CA CYS G 106 46.27 -19.27 28.92
C CYS G 106 46.49 -17.80 28.62
N ALA G 107 47.67 -17.41 28.19
CA ALA G 107 48.02 -16.01 28.01
C ALA G 107 49.18 -15.89 27.05
N MET G 108 49.49 -14.67 26.65
CA MET G 108 50.63 -14.38 25.81
C MET G 108 51.67 -13.61 26.63
N ASP G 109 52.80 -14.27 26.88
CA ASP G 109 53.79 -13.84 27.87
C ASP G 109 54.60 -12.64 27.39
N TYR G 110 55.27 -12.80 26.26
CA TYR G 110 56.17 -11.78 25.75
C TYR G 110 55.76 -11.44 24.32
N TRP G 111 55.98 -10.18 23.96
CA TRP G 111 55.56 -9.66 22.68
C TRP G 111 56.74 -9.03 21.94
N GLY G 112 56.73 -9.16 20.63
CA GLY G 112 57.65 -8.41 19.82
C GLY G 112 57.25 -6.95 19.75
N GLN G 113 58.14 -6.13 19.18
CA GLN G 113 57.91 -4.69 19.08
C GLN G 113 56.94 -4.30 17.98
N GLY G 114 56.61 -5.21 17.08
CA GLY G 114 55.72 -4.91 15.98
C GLY G 114 56.49 -4.55 14.72
N THR G 115 55.91 -4.89 13.57
CA THR G 115 56.42 -4.54 12.26
C THR G 115 55.30 -3.83 11.51
N THR G 116 55.55 -2.62 11.05
CA THR G 116 54.53 -1.89 10.32
C THR G 116 54.66 -2.21 8.84
N VAL G 117 53.59 -2.72 8.27
CA VAL G 117 53.47 -2.97 6.83
C VAL G 117 52.61 -1.86 6.23
N THR G 118 53.17 -1.11 5.28
CA THR G 118 52.46 -0.06 4.57
C THR G 118 52.29 -0.48 3.12
N VAL G 119 51.05 -0.47 2.65
CA VAL G 119 50.73 -0.77 1.26
C VAL G 119 50.22 0.49 0.59
N SER G 120 50.91 0.92 -0.46
CA SER G 120 50.47 2.08 -1.23
C SER G 120 51.10 2.01 -2.60
N SER G 121 50.38 2.53 -3.57
CA SER G 121 50.84 2.54 -4.95
C SER G 121 51.78 3.71 -5.27
N ALA G 122 51.83 4.73 -4.42
CA ALA G 122 52.60 5.93 -4.72
C ALA G 122 54.10 5.67 -4.61
N LYS G 123 54.88 6.63 -5.09
CA LYS G 123 56.33 6.44 -5.18
C LYS G 123 57.02 6.93 -3.91
N THR G 124 58.20 6.40 -3.69
CA THR G 124 58.97 6.70 -2.49
C THR G 124 59.69 8.03 -2.65
N THR G 125 59.49 8.93 -1.69
CA THR G 125 60.16 10.20 -1.70
C THR G 125 60.94 10.37 -0.40
N PRO G 126 62.23 10.70 -0.47
CA PRO G 126 63.00 10.95 0.74
C PRO G 126 62.62 12.28 1.37
N PRO G 127 62.86 12.44 2.66
CA PRO G 127 62.50 13.69 3.34
C PRO G 127 63.59 14.75 3.19
N SER G 128 63.20 15.96 3.53
CA SER G 128 64.10 17.08 3.69
C SER G 128 64.13 17.45 5.15
N VAL G 129 65.32 17.52 5.72
CA VAL G 129 65.48 17.75 7.14
C VAL G 129 66.02 19.17 7.34
N TYR G 130 65.31 19.95 8.14
CA TYR G 130 65.67 21.33 8.41
C TYR G 130 65.80 21.56 9.91
N PRO G 131 66.82 22.28 10.34
CA PRO G 131 66.99 22.58 11.76
C PRO G 131 66.07 23.72 12.19
N LEU G 132 65.79 23.75 13.48
CA LEU G 132 64.90 24.77 14.04
C LEU G 132 65.54 25.31 15.32
N ALA G 133 66.13 26.48 15.22
CA ALA G 133 66.82 27.24 16.26
C ALA G 133 65.94 28.42 16.68
N PRO G 134 66.04 28.92 17.96
CA PRO G 134 65.10 29.96 18.42
C PRO G 134 65.12 31.23 17.59
N GLY G 135 64.00 31.94 17.60
CA GLY G 135 63.73 33.02 16.65
C GLY G 135 64.71 34.18 16.72
N SER G 136 64.52 35.09 15.75
CA SER G 136 65.45 36.19 15.52
C SER G 136 65.57 37.06 16.76
N ALA G 137 64.44 37.31 17.43
CA ALA G 137 64.44 37.87 18.78
C ALA G 137 64.55 36.71 19.76
N ALA G 138 65.76 36.19 19.92
CA ALA G 138 66.01 34.99 20.72
C ALA G 138 66.00 35.34 22.20
N GLN G 139 64.79 35.53 22.74
CA GLN G 139 64.64 35.69 24.19
C GLN G 139 64.94 34.37 24.90
N THR G 140 65.70 34.46 25.99
CA THR G 140 66.21 33.28 26.69
C THR G 140 65.56 33.16 28.06
N ASN G 141 64.82 32.06 28.26
CA ASN G 141 64.28 31.70 29.56
C ASN G 141 65.29 30.80 30.28
N SER G 142 64.86 30.16 31.37
CA SER G 142 65.71 29.21 32.09
C SER G 142 65.85 27.87 31.35
N MET G 143 64.95 27.54 30.44
CA MET G 143 65.07 26.36 29.58
C MET G 143 64.85 26.83 28.15
N VAL G 144 65.55 26.22 27.20
CA VAL G 144 65.42 26.58 25.79
C VAL G 144 64.81 25.42 25.01
N THR G 145 63.86 25.75 24.16
CA THR G 145 63.22 24.80 23.25
C THR G 145 63.77 24.96 21.85
N LEU G 146 64.20 23.85 21.22
CA LEU G 146 64.65 23.83 19.83
C LEU G 146 64.00 22.63 19.12
N GLY G 147 64.18 22.52 17.80
CA GLY G 147 63.47 21.45 17.13
C GLY G 147 64.03 21.09 15.75
N CYS G 148 63.33 20.18 15.09
CA CYS G 148 63.77 19.70 13.78
C CYS G 148 62.55 19.41 12.94
N LEU G 149 62.57 19.85 11.68
CA LEU G 149 61.43 19.72 10.78
C LEU G 149 61.78 18.74 9.67
N VAL G 150 60.99 17.69 9.52
CA VAL G 150 61.18 16.64 8.54
C VAL G 150 60.04 16.75 7.57
N LYS G 151 60.31 17.23 6.36
CA LYS G 151 59.26 17.62 5.43
C LYS G 151 59.35 16.86 4.10
N GLY G 152 58.18 16.50 3.55
CA GLY G 152 58.09 15.99 2.18
C GLY G 152 58.58 14.58 1.91
N TYR G 153 58.18 13.61 2.73
CA TYR G 153 58.55 12.22 2.58
C TYR G 153 57.33 11.34 2.39
N PHE G 154 57.55 10.20 1.73
CA PHE G 154 56.57 9.19 1.53
C PHE G 154 57.33 7.89 1.33
N PRO G 155 56.90 6.80 1.99
CA PRO G 155 55.79 6.74 2.94
C PRO G 155 56.24 6.85 4.39
N GLU G 156 55.29 6.68 5.30
CA GLU G 156 55.60 6.54 6.72
C GLU G 156 56.27 5.19 6.94
N PRO G 157 57.10 5.04 8.00
CA PRO G 157 57.48 5.98 9.06
C PRO G 157 58.86 6.57 8.88
N VAL G 158 59.15 7.54 9.74
CA VAL G 158 60.50 8.05 9.95
C VAL G 158 60.80 7.93 11.44
N THR G 159 62.04 7.59 11.77
CA THR G 159 62.48 7.54 13.16
C THR G 159 63.34 8.76 13.42
N VAL G 160 62.95 9.54 14.43
CA VAL G 160 63.65 10.76 14.82
C VAL G 160 64.20 10.56 16.22
N THR G 161 65.52 10.63 16.36
CA THR G 161 66.16 10.62 17.67
C THR G 161 66.98 11.90 17.81
N TRP G 162 67.40 12.16 19.04
CA TRP G 162 68.20 13.33 19.34
C TRP G 162 69.47 12.89 20.03
N ASN G 163 70.62 13.31 19.49
CA ASN G 163 71.96 12.95 19.99
C ASN G 163 72.09 11.43 20.07
N SER G 164 71.63 10.78 19.00
CA SER G 164 71.68 9.32 18.81
C SER G 164 70.96 8.55 19.91
N GLY G 165 69.89 9.14 20.46
CA GLY G 165 69.11 8.50 21.48
C GLY G 165 69.52 8.81 22.89
N SER G 166 70.70 9.42 23.09
CA SER G 166 71.17 9.80 24.41
C SER G 166 70.30 10.91 24.99
N LEU G 167 69.66 11.70 24.15
CA LEU G 167 68.77 12.77 24.55
C LEU G 167 67.34 12.31 24.25
N SER G 168 66.67 11.78 25.26
CA SER G 168 65.32 11.28 25.05
C SER G 168 64.26 11.90 25.95
N SER G 169 64.66 12.59 27.02
CA SER G 169 63.70 13.31 27.85
C SER G 169 63.55 14.75 27.35
N GLY G 170 62.32 15.25 27.40
CA GLY G 170 61.95 16.53 26.87
C GLY G 170 61.74 16.53 25.38
N VAL G 171 61.57 15.37 24.80
CA VAL G 171 61.40 15.22 23.36
C VAL G 171 59.92 14.99 23.08
N HIS G 172 59.40 15.72 22.10
CA HIS G 172 58.02 15.59 21.63
C HIS G 172 58.13 15.39 20.13
N THR G 173 57.89 14.18 19.65
CA THR G 173 57.82 13.94 18.21
C THR G 173 56.36 13.89 17.78
N PHE G 174 55.94 14.89 16.96
CA PHE G 174 54.54 15.03 16.61
C PHE G 174 54.18 14.10 15.45
N PRO G 175 52.94 13.64 15.42
CA PRO G 175 52.49 12.79 14.31
C PRO G 175 52.58 13.51 12.99
N ALA G 176 52.84 12.74 11.95
CA ALA G 176 52.99 13.31 10.62
C ALA G 176 51.62 13.65 10.05
N VAL G 177 51.59 14.71 9.27
CA VAL G 177 50.39 15.14 8.57
C VAL G 177 50.68 15.06 7.09
N LEU G 178 49.71 14.58 6.33
CA LEU G 178 49.85 14.37 4.88
C LEU G 178 49.19 15.55 4.18
N GLN G 179 49.98 16.59 3.85
CA GLN G 179 49.40 17.79 3.24
C GLN G 179 48.98 17.56 1.80
N SER G 180 49.79 16.81 1.07
CA SER G 180 49.57 16.49 -0.34
C SER G 180 49.78 14.99 -0.46
N ASP G 181 50.54 14.53 -1.43
CA ASP G 181 50.90 13.12 -1.45
C ASP G 181 52.15 12.85 -0.64
N LEU G 182 52.57 13.82 0.20
CA LEU G 182 53.78 13.75 1.03
C LEU G 182 53.51 14.09 2.49
N TYR G 183 54.26 13.45 3.39
CA TYR G 183 54.14 13.63 4.85
C TYR G 183 55.09 14.71 5.38
N THR G 184 54.66 15.37 6.46
CA THR G 184 55.47 16.35 7.14
C THR G 184 55.36 16.14 8.64
N LEU G 185 56.51 16.07 9.29
CA LEU G 185 56.60 15.75 10.69
C LEU G 185 57.57 16.76 11.32
N SER G 186 57.46 16.88 12.63
CA SER G 186 58.33 17.76 13.38
C SER G 186 58.66 17.09 14.71
N SER G 187 59.79 17.49 15.30
CA SER G 187 60.17 17.01 16.61
C SER G 187 60.72 18.18 17.42
N SER G 188 60.48 18.13 18.72
CA SER G 188 60.85 19.17 19.67
C SER G 188 61.70 18.59 20.80
N VAL G 189 62.69 19.38 21.26
CA VAL G 189 63.48 19.08 22.46
C VAL G 189 63.64 20.33 23.31
N THR G 190 63.61 20.15 24.63
CA THR G 190 63.85 21.24 25.56
C THR G 190 65.01 20.87 26.46
N VAL G 191 66.03 21.72 26.45
CA VAL G 191 67.23 21.48 27.26
C VAL G 191 67.44 22.70 28.14
N PRO G 192 68.27 22.64 29.18
CA PRO G 192 68.58 23.86 29.95
C PRO G 192 69.33 24.87 29.11
N SER G 193 69.23 26.14 29.53
CA SER G 193 69.93 27.22 28.84
C SER G 193 71.45 27.11 28.95
N SER G 194 71.95 26.49 30.01
CA SER G 194 73.40 26.35 30.13
C SER G 194 73.94 25.37 29.10
N THR G 195 73.18 24.34 28.77
CA THR G 195 73.71 23.30 27.90
C THR G 195 73.84 23.77 26.45
N TRP G 196 72.86 24.53 25.96
CA TRP G 196 72.88 24.95 24.56
C TRP G 196 73.02 26.46 24.45
N PRO G 197 73.86 26.96 23.52
CA PRO G 197 74.58 26.23 22.48
C PRO G 197 75.95 25.66 22.90
N SER G 198 76.22 25.55 24.20
CA SER G 198 77.50 25.02 24.67
C SER G 198 77.67 23.55 24.28
N GLU G 199 76.62 22.73 24.42
CA GLU G 199 76.63 21.31 24.04
C GLU G 199 75.86 21.10 22.75
N THR G 200 76.45 20.33 21.82
CA THR G 200 75.87 20.11 20.50
C THR G 200 74.58 19.28 20.58
N VAL G 201 73.53 19.76 19.91
CA VAL G 201 72.28 19.01 19.80
C VAL G 201 71.99 18.76 18.34
N THR G 202 71.79 17.50 17.99
CA THR G 202 71.56 17.03 16.63
C THR G 202 70.35 16.11 16.55
N CYS G 203 69.55 16.28 15.51
CA CYS G 203 68.45 15.36 15.24
C CYS G 203 68.89 14.37 14.17
N ASN G 204 68.69 13.11 14.46
CA ASN G 204 68.98 12.00 13.57
C ASN G 204 67.65 11.51 13.04
N VAL G 205 67.50 11.52 11.72
CA VAL G 205 66.25 11.18 11.04
C VAL G 205 66.54 10.02 10.11
N ALA G 206 65.68 9.01 10.15
CA ALA G 206 65.85 7.85 9.30
C ALA G 206 64.56 7.57 8.53
N HIS G 207 64.64 7.50 7.20
CA HIS G 207 63.55 7.09 6.32
C HIS G 207 63.99 5.84 5.58
N PRO G 208 63.62 4.64 6.07
CA PRO G 208 64.18 3.40 5.52
C PRO G 208 63.67 3.05 4.14
N ALA G 209 62.49 3.52 3.75
CA ALA G 209 61.97 3.20 2.43
C ALA G 209 62.80 3.86 1.33
N SER G 210 63.28 5.08 1.57
CA SER G 210 64.20 5.72 0.64
C SER G 210 65.65 5.39 0.95
N SER G 211 65.90 4.67 2.06
CA SER G 211 67.24 4.36 2.59
C SER G 211 68.05 5.64 2.82
N THR G 212 67.47 6.51 3.67
CA THR G 212 68.03 7.83 3.99
C THR G 212 68.27 7.93 5.49
N LYS G 213 69.49 8.28 5.87
CA LYS G 213 69.71 8.72 7.24
C LYS G 213 70.38 10.08 7.15
N VAL G 214 69.94 10.99 8.00
CA VAL G 214 70.40 12.38 7.98
C VAL G 214 70.63 12.81 9.41
N ASP G 215 71.83 13.31 9.69
CA ASP G 215 72.11 14.00 10.95
C ASP G 215 72.11 15.49 10.68
N LYS G 216 71.40 16.24 11.50
CA LYS G 216 71.34 17.68 11.31
C LYS G 216 71.56 18.36 12.66
N LYS G 217 72.67 19.06 12.77
CA LYS G 217 72.97 19.81 13.97
C LYS G 217 72.19 21.10 13.98
N ILE G 218 71.81 21.52 15.18
CA ILE G 218 71.02 22.73 15.36
C ILE G 218 71.98 23.84 15.70
N VAL G 219 72.22 24.71 14.73
CA VAL G 219 73.18 25.81 14.85
C VAL G 219 72.38 27.06 15.23
N PRO G 220 72.88 27.89 16.15
CA PRO G 220 72.14 29.11 16.50
C PRO G 220 72.25 30.18 15.42
N ARG G 221 71.17 30.96 15.29
CA ARG G 221 71.12 32.20 14.51
C ARG G 221 71.48 32.00 13.03
N ASP H 1 32.63 -18.91 18.22
CA ASP H 1 32.96 -17.49 18.15
C ASP H 1 32.49 -16.77 19.42
N ILE H 2 33.37 -16.70 20.41
CA ILE H 2 33.08 -15.99 21.66
C ILE H 2 33.28 -14.51 21.47
N VAL H 3 32.28 -13.72 21.84
CA VAL H 3 32.33 -12.27 21.74
C VAL H 3 32.72 -11.69 23.10
N MET H 4 33.77 -10.88 23.10
CA MET H 4 34.27 -10.22 24.28
C MET H 4 33.84 -8.77 24.24
N THR H 5 33.00 -8.40 25.19
CA THR H 5 32.43 -7.08 25.26
C THR H 5 33.10 -6.33 26.39
N GLN H 6 33.72 -5.22 26.06
CA GLN H 6 34.47 -4.46 27.04
C GLN H 6 33.72 -3.17 27.34
N SER H 7 33.67 -2.79 28.62
CA SER H 7 32.90 -1.63 28.99
C SER H 7 33.53 -0.93 30.19
N PRO H 8 33.64 0.40 30.19
CA PRO H 8 33.24 1.42 29.21
C PRO H 8 34.18 1.44 28.02
N SER H 9 33.84 2.17 26.94
CA SER H 9 34.78 2.29 25.83
C SER H 9 35.97 3.15 26.21
N SER H 10 35.73 4.26 26.91
CA SER H 10 36.80 5.13 27.35
C SER H 10 36.41 5.68 28.72
N LEU H 11 37.44 6.05 29.46
CA LEU H 11 37.34 6.41 30.86
C LEU H 11 38.39 7.48 31.15
N THR H 12 38.06 8.46 31.99
CA THR H 12 38.99 9.53 32.31
C THR H 12 38.98 9.75 33.80
N VAL H 13 40.15 9.61 34.44
CA VAL H 13 40.30 9.75 35.88
C VAL H 13 41.51 10.58 36.25
N THR H 14 41.47 11.13 37.45
CA THR H 14 42.61 11.79 38.05
C THR H 14 43.48 10.76 38.76
N ALA H 15 44.79 11.04 38.81
CA ALA H 15 45.75 10.13 39.40
C ALA H 15 45.48 9.95 40.89
N GLY H 16 45.60 8.71 41.36
CA GLY H 16 45.35 8.38 42.74
C GLY H 16 43.96 7.79 43.00
N GLU H 17 43.10 7.76 41.99
CA GLU H 17 41.75 7.24 42.15
C GLU H 17 41.72 5.77 41.74
N LYS H 18 40.61 5.12 42.12
CA LYS H 18 40.32 3.74 41.78
C LYS H 18 39.56 3.72 40.45
N VAL H 19 39.94 2.81 39.55
CA VAL H 19 39.20 2.68 38.30
C VAL H 19 38.90 1.22 38.10
N SER H 20 37.77 0.96 37.47
CA SER H 20 37.38 -0.40 37.16
C SER H 20 36.87 -0.44 35.76
N MET H 21 37.20 -1.50 35.05
CA MET H 21 36.67 -1.70 33.72
C MET H 21 36.25 -3.15 33.64
N SER H 22 35.18 -3.40 32.91
CA SER H 22 34.51 -4.68 32.84
C SER H 22 34.77 -5.33 31.48
N CYS H 23 34.85 -6.67 31.50
CA CYS H 23 34.91 -7.51 30.32
C CYS H 23 33.93 -8.65 30.51
N LYS H 24 32.94 -8.74 29.64
CA LYS H 24 31.96 -9.82 29.71
C LYS H 24 32.06 -10.68 28.47
N SER H 25 31.82 -11.99 28.63
CA SER H 25 31.95 -12.91 27.51
C SER H 25 30.61 -13.57 27.21
N SER H 26 30.43 -13.84 25.92
CA SER H 26 29.21 -14.47 25.46
C SER H 26 29.11 -15.93 25.91
N GLN H 27 30.24 -16.60 26.12
CA GLN H 27 30.29 -17.96 26.66
C GLN H 27 31.17 -18.00 27.91
N SER H 28 30.96 -19.04 28.72
CA SER H 28 31.68 -19.17 29.98
C SER H 28 33.11 -19.63 29.73
N LEU H 29 34.06 -19.01 30.45
CA LEU H 29 35.49 -19.22 30.28
C LEU H 29 36.12 -19.94 31.45
N PHE H 30 35.31 -20.63 32.25
CA PHE H 30 35.78 -21.40 33.39
C PHE H 30 35.99 -22.85 32.97
N THR H 31 37.10 -23.43 33.42
CA THR H 31 37.38 -24.83 33.19
C THR H 31 37.18 -25.58 34.51
N SER H 32 36.39 -26.65 34.46
CA SER H 32 36.07 -27.40 35.66
C SER H 32 37.27 -28.19 36.19
N GLY H 33 38.09 -28.74 35.30
CA GLY H 33 39.20 -29.59 35.71
C GLY H 33 40.30 -28.86 36.46
N LYS H 34 40.70 -27.71 35.94
CA LYS H 34 41.78 -26.93 36.54
C LYS H 34 41.30 -25.82 37.46
N GLN H 35 39.97 -25.63 37.56
CA GLN H 35 39.33 -24.60 38.40
C GLN H 35 39.90 -23.21 38.13
N LYS H 36 39.95 -22.82 36.85
CA LYS H 36 40.54 -21.55 36.46
C LYS H 36 39.69 -20.86 35.40
N ASN H 37 39.77 -19.54 35.33
CA ASN H 37 39.12 -18.79 34.27
C ASN H 37 40.15 -18.37 33.23
N TYR H 38 39.98 -18.84 31.99
CA TYR H 38 40.94 -18.58 30.91
C TYR H 38 40.60 -17.24 30.25
N LEU H 39 40.82 -16.18 31.03
CA LEU H 39 40.63 -14.83 30.54
C LEU H 39 41.86 -14.03 30.90
N THR H 40 42.35 -13.22 29.93
CA THR H 40 43.60 -12.47 30.07
C THR H 40 43.36 -10.97 29.90
N TRP H 41 44.15 -10.16 30.61
CA TRP H 41 44.17 -8.71 30.52
C TRP H 41 45.55 -8.23 30.04
N TYR H 42 45.54 -7.39 29.00
CA TYR H 42 46.73 -6.75 28.46
C TYR H 42 46.59 -5.24 28.53
N GLN H 43 47.75 -4.58 28.59
CA GLN H 43 47.88 -3.12 28.57
C GLN H 43 48.69 -2.71 27.36
N GLN H 44 48.20 -1.74 26.61
CA GLN H 44 48.93 -1.18 25.47
C GLN H 44 48.96 0.33 25.63
N LYS H 45 50.15 0.84 25.91
CA LYS H 45 50.38 2.27 25.97
C LYS H 45 50.60 2.77 24.55
N PRO H 46 50.40 4.07 24.31
CA PRO H 46 50.55 4.58 22.93
C PRO H 46 51.97 4.39 22.44
N GLY H 47 52.08 3.79 21.26
CA GLY H 47 53.37 3.57 20.65
C GLY H 47 54.07 2.31 21.09
N GLN H 48 53.57 1.65 22.13
CA GLN H 48 54.24 0.47 22.65
C GLN H 48 53.48 -0.78 22.26
N PRO H 49 54.15 -1.93 22.19
CA PRO H 49 53.44 -3.20 22.00
C PRO H 49 52.59 -3.54 23.21
N PRO H 50 51.60 -4.43 23.08
CA PRO H 50 50.79 -4.81 24.24
C PRO H 50 51.61 -5.60 25.24
N LYS H 51 51.45 -5.29 26.53
CA LYS H 51 52.12 -5.98 27.63
C LYS H 51 51.08 -6.80 28.43
N LEU H 52 51.42 -8.04 28.77
CA LEU H 52 50.51 -8.86 29.58
C LEU H 52 50.44 -8.32 31.00
N LEU H 53 49.21 -8.12 31.51
CA LEU H 53 49.05 -7.73 32.90
C LEU H 53 48.62 -8.89 33.77
N ILE H 54 47.53 -9.56 33.42
CA ILE H 54 46.92 -10.54 34.32
C ILE H 54 46.44 -11.74 33.51
N TYR H 55 46.85 -12.93 33.93
CA TYR H 55 46.42 -14.19 33.36
C TYR H 55 45.59 -14.95 34.38
N TRP H 56 44.80 -15.91 33.88
CA TRP H 56 43.86 -16.73 34.68
C TRP H 56 42.90 -15.88 35.50
N ALA H 57 42.65 -14.68 35.01
CA ALA H 57 41.66 -13.70 35.42
C ALA H 57 42.02 -13.07 36.76
N SER H 58 42.93 -13.65 37.53
CA SER H 58 43.21 -13.01 38.82
C SER H 58 44.69 -12.95 39.18
N THR H 59 45.55 -13.80 38.63
CA THR H 59 46.95 -13.84 39.03
C THR H 59 47.75 -12.83 38.20
N ARG H 60 48.49 -11.97 38.89
CA ARG H 60 49.27 -10.91 38.27
C ARG H 60 50.56 -11.49 37.72
N ASN H 61 51.01 -10.92 36.61
CA ASN H 61 52.30 -11.31 36.07
C ASN H 61 53.41 -10.79 36.99
N SER H 62 54.55 -11.45 36.94
CA SER H 62 55.65 -11.12 37.83
C SER H 62 56.17 -9.71 37.58
N GLY H 63 56.34 -8.95 38.65
CA GLY H 63 56.82 -7.59 38.60
C GLY H 63 55.75 -6.55 38.47
N LEU H 64 54.50 -6.98 38.26
CA LEU H 64 53.38 -6.06 38.09
C LEU H 64 53.10 -5.37 39.41
N PRO H 65 52.84 -4.06 39.41
CA PRO H 65 52.44 -3.38 40.66
C PRO H 65 51.13 -3.91 41.22
N ASP H 66 51.03 -3.89 42.55
CA ASP H 66 49.89 -4.47 43.24
C ASP H 66 48.64 -3.60 43.15
N ARG H 67 48.69 -2.48 42.41
CA ARG H 67 47.46 -1.73 42.15
C ARG H 67 46.57 -2.43 41.13
N PHE H 68 47.13 -3.26 40.25
CA PHE H 68 46.38 -4.00 39.24
C PHE H 68 45.84 -5.28 39.86
N THR H 69 44.52 -5.41 39.85
CA THR H 69 43.82 -6.54 40.44
C THR H 69 42.83 -7.10 39.43
N GLY H 70 42.85 -8.41 39.20
CA GLY H 70 41.84 -9.06 38.38
C GLY H 70 40.80 -9.78 39.24
N SER H 71 39.56 -9.81 38.74
CA SER H 71 38.48 -10.47 39.50
C SER H 71 37.40 -10.96 38.54
N GLY H 72 36.57 -11.86 39.05
CA GLY H 72 35.40 -12.35 38.32
C GLY H 72 35.54 -13.80 37.95
N SER H 73 34.48 -14.32 37.32
CA SER H 73 34.44 -15.73 36.94
C SER H 73 33.34 -15.94 35.90
N GLY H 74 33.37 -17.13 35.28
CA GLY H 74 32.35 -17.49 34.33
C GLY H 74 32.33 -16.60 33.11
N THR H 75 31.36 -15.70 33.07
CA THR H 75 31.23 -14.76 31.97
C THR H 75 31.61 -13.32 32.32
N ASP H 76 31.67 -12.94 33.60
CA ASP H 76 31.82 -11.53 33.98
C ASP H 76 33.16 -11.32 34.66
N PHE H 77 33.92 -10.34 34.20
CA PHE H 77 35.27 -10.11 34.68
C PHE H 77 35.55 -8.63 34.81
N THR H 78 36.45 -8.31 35.72
CA THR H 78 36.75 -6.94 36.06
C THR H 78 38.26 -6.81 36.24
N LEU H 79 38.80 -5.71 35.73
CA LEU H 79 40.15 -5.28 35.98
C LEU H 79 40.07 -4.01 36.80
N THR H 80 40.84 -3.95 37.87
CA THR H 80 40.79 -2.83 38.78
C THR H 80 42.19 -2.27 38.94
N ILE H 81 42.28 -0.94 38.95
CA ILE H 81 43.49 -0.28 39.38
C ILE H 81 43.18 0.51 40.63
N SER H 82 43.90 0.21 41.71
CA SER H 82 43.61 0.73 43.02
C SER H 82 43.89 2.23 43.09
N SER H 83 45.08 2.65 42.63
CA SER H 83 45.45 4.06 42.56
C SER H 83 46.21 4.29 41.26
N VAL H 84 45.55 4.92 40.26
CA VAL H 84 46.14 5.06 38.94
C VAL H 84 47.30 6.05 38.99
N GLN H 85 48.35 5.72 38.27
CA GLN H 85 49.48 6.61 38.05
C GLN H 85 49.42 7.15 36.63
N ALA H 86 50.26 8.13 36.33
CA ALA H 86 50.21 8.74 35.01
C ALA H 86 50.65 7.77 33.93
N GLU H 87 51.48 6.78 34.27
CA GLU H 87 51.96 5.79 33.33
C GLU H 87 50.92 4.72 32.99
N ASP H 88 49.80 4.69 33.69
CA ASP H 88 48.73 3.74 33.42
C ASP H 88 47.82 4.18 32.27
N LEU H 89 48.16 5.30 31.64
CA LEU H 89 47.46 5.78 30.44
C LEU H 89 47.67 4.79 29.33
N ALA H 90 46.58 4.20 28.85
CA ALA H 90 46.73 3.09 27.90
C ALA H 90 45.35 2.66 27.43
N VAL H 91 45.34 1.74 26.46
CA VAL H 91 44.14 0.99 26.11
C VAL H 91 44.34 -0.43 26.65
N TYR H 92 43.35 -0.90 27.40
CA TYR H 92 43.39 -2.19 28.08
C TYR H 92 42.48 -3.18 27.38
N TYR H 93 43.04 -4.31 26.99
CA TYR H 93 42.33 -5.31 26.23
C TYR H 93 42.11 -6.56 27.06
N CYS H 94 40.97 -7.21 26.90
CA CYS H 94 40.79 -8.54 27.44
C CYS H 94 40.77 -9.53 26.29
N GLN H 95 41.14 -10.76 26.60
CA GLN H 95 41.21 -11.83 25.63
C GLN H 95 40.59 -13.12 26.16
N ASN H 96 39.66 -13.65 25.37
CA ASN H 96 39.23 -15.04 25.52
C ASN H 96 40.39 -15.96 25.22
N ASP H 97 40.74 -16.80 26.18
CA ASP H 97 41.76 -17.81 25.96
C ASP H 97 41.22 -19.21 26.24
N TYR H 98 39.89 -19.33 26.30
CA TYR H 98 39.24 -20.61 26.53
C TYR H 98 39.27 -21.47 25.27
N SER H 99 38.77 -20.94 24.14
CA SER H 99 38.64 -21.75 22.92
C SER H 99 38.91 -20.90 21.68
N TYR H 100 39.20 -21.62 20.60
CA TYR H 100 39.43 -20.99 19.31
C TYR H 100 38.13 -20.42 18.74
N PRO H 101 38.18 -19.25 18.08
CA PRO H 101 39.33 -18.36 17.92
C PRO H 101 39.50 -17.53 19.21
N PHE H 102 40.74 -17.27 19.61
CA PHE H 102 41.05 -16.60 20.88
C PHE H 102 40.93 -15.09 20.70
N THR H 103 39.71 -14.61 20.81
CA THR H 103 39.34 -13.27 20.38
C THR H 103 39.59 -12.23 21.47
N PHE H 104 39.76 -11.00 21.02
CA PHE H 104 39.96 -9.84 21.88
C PHE H 104 38.64 -9.11 22.12
N GLY H 105 38.67 -8.24 23.13
CA GLY H 105 37.67 -7.21 23.28
C GLY H 105 38.06 -6.01 22.43
N SER H 106 37.18 -5.00 22.44
CA SER H 106 37.44 -3.76 21.73
C SER H 106 38.34 -2.81 22.51
N GLY H 107 38.59 -3.11 23.77
CA GLY H 107 39.47 -2.31 24.59
C GLY H 107 38.73 -1.25 25.39
N THR H 108 39.35 -0.86 26.50
CA THR H 108 38.90 0.27 27.28
C THR H 108 40.06 1.25 27.31
N LYS H 109 39.84 2.46 26.81
CA LYS H 109 40.86 3.48 26.83
C LYS H 109 40.78 4.17 28.19
N LEU H 110 41.89 4.16 28.92
CA LEU H 110 42.04 4.87 30.17
C LEU H 110 42.87 6.13 29.86
N GLU H 111 42.25 7.29 30.07
CA GLU H 111 42.86 8.60 29.96
C GLU H 111 43.00 9.25 31.33
N ILE H 112 43.86 10.27 31.42
CA ILE H 112 44.18 10.88 32.71
C ILE H 112 43.71 12.32 32.66
N LYS H 113 43.11 12.76 33.74
CA LYS H 113 42.80 14.16 34.02
C LYS H 113 43.82 14.70 35.02
N ARG H 114 44.43 15.83 34.67
CA ARG H 114 45.32 16.52 35.59
C ARG H 114 44.81 17.95 35.78
N ALA H 115 45.52 18.72 36.60
CA ALA H 115 45.17 20.13 36.71
C ALA H 115 45.55 20.85 35.42
N ASP H 116 44.92 22.00 35.21
CA ASP H 116 45.16 22.77 33.98
C ASP H 116 46.58 23.25 33.94
N ALA H 117 47.10 23.34 32.73
CA ALA H 117 48.49 23.73 32.53
C ALA H 117 48.60 24.57 31.27
N ALA H 118 49.37 25.66 31.35
CA ALA H 118 49.58 26.57 30.24
C ALA H 118 50.64 26.03 29.28
N PRO H 119 50.48 26.25 27.99
CA PRO H 119 51.49 25.81 27.02
C PRO H 119 52.77 26.62 27.12
N THR H 120 53.87 25.92 26.93
CA THR H 120 55.15 26.56 26.67
C THR H 120 55.23 26.75 25.16
N VAL H 121 55.26 28.00 24.72
CA VAL H 121 55.12 28.36 23.31
C VAL H 121 56.49 28.81 22.80
N SER H 122 56.90 28.27 21.66
CA SER H 122 58.14 28.71 21.02
C SER H 122 57.97 28.77 19.50
N ILE H 123 58.42 29.87 18.88
CA ILE H 123 58.31 30.06 17.43
C ILE H 123 59.70 30.01 16.79
N PHE H 124 59.75 29.43 15.58
CA PHE H 124 60.99 29.13 14.87
C PHE H 124 60.88 29.63 13.43
N PRO H 125 61.78 30.51 13.00
CA PRO H 125 61.76 31.01 11.61
C PRO H 125 62.28 29.92 10.69
N PRO H 126 62.12 30.06 9.38
CA PRO H 126 62.60 29.00 8.49
C PRO H 126 64.12 28.87 8.50
N SER H 127 64.57 27.64 8.27
CA SER H 127 66.00 27.38 8.17
C SER H 127 66.53 28.00 6.89
N SER H 128 67.84 28.28 6.89
CA SER H 128 68.47 28.73 5.66
C SER H 128 68.50 27.64 4.60
N GLU H 129 68.61 26.37 5.04
CA GLU H 129 68.56 25.24 4.13
C GLU H 129 67.24 25.18 3.39
N GLN H 130 66.15 25.47 4.10
CA GLN H 130 64.87 25.47 3.43
C GLN H 130 64.67 26.71 2.57
N LEU H 131 65.14 27.88 3.04
CA LEU H 131 64.93 29.12 2.30
C LEU H 131 65.62 29.07 0.96
N THR H 132 66.79 28.42 0.89
CA THR H 132 67.46 28.31 -0.40
C THR H 132 66.74 27.37 -1.35
N SER H 133 65.83 26.53 -0.86
CA SER H 133 65.05 25.64 -1.72
C SER H 133 63.77 26.29 -2.25
N GLY H 134 63.45 27.53 -1.85
CA GLY H 134 62.27 28.21 -2.35
C GLY H 134 61.08 28.20 -1.43
N GLY H 135 61.06 27.29 -0.45
CA GLY H 135 60.02 27.25 0.55
C GLY H 135 60.43 27.91 1.86
N ALA H 136 59.43 28.12 2.72
CA ALA H 136 59.68 28.63 4.07
C ALA H 136 58.60 28.04 4.98
N SER H 137 59.00 27.52 6.15
CA SER H 137 58.06 26.96 7.12
C SER H 137 58.35 27.59 8.46
N VAL H 138 57.37 28.32 8.98
CA VAL H 138 57.44 28.94 10.29
C VAL H 138 56.75 28.02 11.27
N VAL H 139 57.47 27.53 12.28
CA VAL H 139 56.85 26.52 13.13
C VAL H 139 56.67 27.05 14.54
N CYS H 140 55.65 26.53 15.18
CA CYS H 140 55.28 26.94 16.51
C CYS H 140 55.00 25.68 17.30
N PHE H 141 55.70 25.51 18.42
CA PHE H 141 55.44 24.43 19.35
C PHE H 141 54.66 24.98 20.52
N LEU H 142 53.64 24.23 20.93
CA LEU H 142 52.83 24.51 22.11
C LEU H 142 52.97 23.25 22.93
N ASN H 143 53.87 23.27 23.91
CA ASN H 143 54.27 22.04 24.59
C ASN H 143 53.70 22.00 25.98
N ASN H 144 53.31 20.78 26.39
CA ASN H 144 52.98 20.41 27.77
C ASN H 144 51.83 21.24 28.34
N PHE H 145 50.68 21.11 27.72
CA PHE H 145 49.50 21.78 28.24
C PHE H 145 48.41 20.76 28.54
N TYR H 146 47.42 21.19 29.33
CA TYR H 146 46.24 20.38 29.60
C TYR H 146 45.10 21.35 29.83
N PRO H 147 43.91 21.10 29.28
CA PRO H 147 43.47 19.97 28.44
C PRO H 147 43.82 20.14 26.95
N LYS H 148 43.37 19.23 26.10
CA LYS H 148 43.82 19.17 24.72
C LYS H 148 43.25 20.30 23.85
N ASP H 149 42.12 20.89 24.26
CA ASP H 149 41.47 21.92 23.47
C ASP H 149 42.26 23.22 23.59
N ILE H 150 42.72 23.72 22.44
CA ILE H 150 43.58 24.89 22.37
C ILE H 150 43.37 25.56 21.01
N ASN H 151 43.57 26.86 20.97
CA ASN H 151 43.40 27.63 19.75
C ASN H 151 44.73 28.27 19.40
N VAL H 152 45.10 28.19 18.13
CA VAL H 152 46.35 28.77 17.64
C VAL H 152 46.01 29.72 16.50
N LYS H 153 46.41 30.97 16.64
CA LYS H 153 46.23 31.97 15.59
C LYS H 153 47.61 32.38 15.08
N TRP H 154 47.71 32.51 13.76
CA TRP H 154 48.87 33.11 13.10
C TRP H 154 48.50 34.53 12.70
N LYS H 155 49.38 35.46 13.01
CA LYS H 155 49.20 36.85 12.64
C LYS H 155 50.46 37.33 11.92
N ILE H 156 50.29 37.78 10.69
CA ILE H 156 51.35 38.30 9.84
C ILE H 156 51.12 39.80 9.63
N ASP H 157 52.06 40.60 10.10
CA ASP H 157 51.98 42.06 10.08
C ASP H 157 50.72 42.53 10.81
N GLY H 158 50.36 41.80 11.86
CA GLY H 158 49.20 42.10 12.66
C GLY H 158 47.89 41.54 12.13
N SER H 159 47.83 41.08 10.89
CA SER H 159 46.61 40.54 10.32
C SER H 159 46.63 39.01 10.39
N GLU H 160 45.48 38.43 10.72
CA GLU H 160 45.40 36.97 10.87
C GLU H 160 45.58 36.27 9.53
N ARG H 161 46.38 35.20 9.53
CA ARG H 161 46.51 34.33 8.36
C ARG H 161 46.21 32.90 8.74
N GLN H 162 45.50 32.21 7.85
CA GLN H 162 45.16 30.82 8.07
C GLN H 162 45.57 29.92 6.91
N ASN H 163 45.96 30.47 5.76
CA ASN H 163 46.37 29.67 4.60
C ASN H 163 47.77 29.08 4.81
N GLY H 164 47.91 27.79 4.49
CA GLY H 164 49.17 27.07 4.58
C GLY H 164 49.58 26.63 5.96
N VAL H 165 48.61 26.48 6.88
CA VAL H 165 48.85 26.15 8.26
C VAL H 165 48.49 24.69 8.42
N LEU H 166 49.39 23.93 9.05
CA LEU H 166 49.11 22.56 9.44
C LEU H 166 49.28 22.40 10.95
N ASN H 167 48.34 21.70 11.58
CA ASN H 167 48.32 21.48 13.02
C ASN H 167 48.49 20.00 13.32
N SER H 168 49.18 19.71 14.43
CA SER H 168 49.37 18.30 14.78
C SER H 168 49.44 18.17 16.29
N TRP H 169 48.67 17.25 16.86
CA TRP H 169 48.69 17.05 18.30
C TRP H 169 49.39 15.74 18.66
N THR H 170 50.17 15.78 19.73
CA THR H 170 50.65 14.54 20.29
C THR H 170 49.55 13.81 21.06
N ASP H 171 49.86 12.58 21.44
CA ASP H 171 49.01 11.92 22.41
C ASP H 171 49.35 12.45 23.79
N GLN H 172 48.53 12.05 24.76
CA GLN H 172 48.76 12.41 26.15
C GLN H 172 50.06 11.77 26.62
N ASP H 173 50.84 12.54 27.35
CA ASP H 173 52.13 12.07 27.79
C ASP H 173 52.00 11.05 28.91
N SER H 174 52.84 10.00 28.84
CA SER H 174 52.80 8.91 29.81
C SER H 174 53.41 9.31 31.14
N LYS H 175 54.19 10.39 31.19
CA LYS H 175 54.81 10.76 32.46
C LYS H 175 54.16 11.95 33.14
N ASP H 176 53.65 12.94 32.40
CA ASP H 176 53.07 14.11 33.07
C ASP H 176 51.68 14.44 32.58
N SER H 177 51.07 13.59 31.75
CA SER H 177 49.65 13.64 31.34
C SER H 177 49.29 14.88 30.55
N THR H 178 50.25 15.52 29.92
CA THR H 178 49.96 16.73 29.17
C THR H 178 49.85 16.40 27.69
N TYR H 179 49.46 17.40 26.94
CA TYR H 179 49.41 17.33 25.50
C TYR H 179 50.39 18.33 24.92
N SER H 180 50.73 18.13 23.65
CA SER H 180 51.54 19.09 22.91
C SER H 180 51.04 19.17 21.46
N MET H 181 51.20 20.33 20.83
CA MET H 181 50.79 20.48 19.43
C MET H 181 51.78 21.40 18.72
N SER H 182 51.97 21.13 17.42
CA SER H 182 52.86 21.90 16.56
C SER H 182 52.01 22.50 15.45
N SER H 183 52.33 23.75 15.07
CA SER H 183 51.63 24.42 13.99
C SER H 183 52.67 24.95 13.02
N THR H 184 52.54 24.58 11.76
CA THR H 184 53.55 24.88 10.75
C THR H 184 52.89 25.68 9.64
N LEU H 185 53.35 26.91 9.48
CA LEU H 185 52.87 27.81 8.44
C LEU H 185 53.88 27.78 7.31
N THR H 186 53.50 27.26 6.17
CA THR H 186 54.38 27.12 5.02
C THR H 186 53.99 28.11 3.93
N LEU H 187 54.96 28.94 3.56
CA LEU H 187 54.86 29.95 2.53
C LEU H 187 55.97 29.68 1.54
N THR H 188 55.95 30.38 0.42
CA THR H 188 57.11 30.40 -0.45
C THR H 188 58.14 31.40 0.07
N LYS H 189 59.30 31.42 -0.57
CA LYS H 189 60.36 32.34 -0.15
C LYS H 189 59.99 33.78 -0.47
N ASP H 190 59.51 34.05 -1.69
CA ASP H 190 59.18 35.44 -2.00
C ASP H 190 57.96 35.89 -1.21
N GLU H 191 57.07 34.98 -0.87
CA GLU H 191 55.95 35.38 -0.04
C GLU H 191 56.41 35.61 1.38
N TYR H 192 57.34 34.80 1.87
CA TYR H 192 57.88 34.99 3.22
C TYR H 192 58.69 36.27 3.31
N GLU H 193 59.43 36.59 2.27
CA GLU H 193 60.17 37.83 2.28
C GLU H 193 59.31 39.02 1.88
N ARG H 194 58.03 38.80 1.60
CA ARG H 194 57.12 39.93 1.42
C ARG H 194 56.61 40.49 2.74
N HIS H 195 56.84 39.78 3.85
CA HIS H 195 56.23 40.12 5.13
C HIS H 195 57.31 40.22 6.20
N ASN H 196 56.98 40.91 7.29
CA ASN H 196 58.00 41.20 8.29
C ASN H 196 57.79 40.52 9.63
N SER H 197 56.66 40.74 10.30
CA SER H 197 56.46 40.25 11.66
C SER H 197 55.59 39.00 11.64
N TYR H 198 56.07 37.93 12.28
CA TYR H 198 55.37 36.67 12.33
C TYR H 198 55.03 36.36 13.78
N THR H 199 53.73 36.15 14.04
CA THR H 199 53.20 36.02 15.37
C THR H 199 52.39 34.74 15.48
N CYS H 200 52.75 33.94 16.44
CA CYS H 200 52.05 32.74 16.83
C CYS H 200 51.44 33.01 18.20
N GLU H 201 50.11 33.04 18.27
CA GLU H 201 49.46 33.32 19.54
C GLU H 201 48.54 32.17 19.93
N ALA H 202 48.46 31.88 21.22
CA ALA H 202 47.79 30.68 21.72
C ALA H 202 46.71 31.07 22.72
N THR H 203 45.48 30.63 22.49
CA THR H 203 44.35 30.86 23.40
C THR H 203 44.02 29.54 24.06
N HIS H 204 43.99 29.55 25.38
CA HIS H 204 43.76 28.35 26.17
C HIS H 204 42.90 28.69 27.38
N LYS H 205 42.46 27.63 28.06
CA LYS H 205 41.64 27.76 29.26
C LYS H 205 42.38 28.46 30.38
N THR H 206 43.70 28.35 30.39
CA THR H 206 44.50 28.81 31.52
C THR H 206 44.53 30.32 31.66
N SER H 207 44.44 31.07 30.54
CA SER H 207 44.49 32.52 30.57
C SER H 207 43.39 33.12 29.69
N THR H 208 42.85 34.24 30.14
CA THR H 208 41.88 34.99 29.36
C THR H 208 42.55 35.68 28.18
N SER H 209 43.78 36.12 28.37
CA SER H 209 44.71 36.73 27.44
C SER H 209 45.58 35.66 26.78
N PRO H 210 45.83 35.78 25.47
CA PRO H 210 46.62 34.77 24.77
C PRO H 210 48.12 34.85 25.05
N ILE H 211 48.79 33.70 24.93
CA ILE H 211 50.24 33.63 25.02
C ILE H 211 50.83 33.89 23.65
N VAL H 212 51.68 34.91 23.55
CA VAL H 212 52.10 35.44 22.25
C VAL H 212 53.62 35.28 22.12
N LYS H 213 54.05 34.66 21.01
CA LYS H 213 55.46 34.62 20.63
C LYS H 213 55.60 35.15 19.20
N SER H 214 56.72 35.83 18.94
CA SER H 214 56.83 36.56 17.69
C SER H 214 58.29 36.69 17.29
N PHE H 215 58.47 37.03 16.01
CA PHE H 215 59.78 37.46 15.53
C PHE H 215 59.58 38.34 14.32
N ASN H 216 60.54 39.24 14.12
CA ASN H 216 60.63 40.05 12.92
C ASN H 216 61.72 39.49 12.03
N ARG H 217 61.37 39.22 10.78
CA ARG H 217 62.32 38.69 9.80
C ARG H 217 63.59 39.54 9.65
N ASN H 218 63.52 40.86 9.88
CA ASN H 218 64.72 41.71 9.80
C ASN H 218 65.49 41.79 11.11
N ALA H 219 64.86 41.52 12.26
CA ALA H 219 65.43 41.86 13.57
C ALA H 219 66.64 41.00 13.93
N ALA I 4 52.78 -27.17 29.82
CA ALA I 4 52.86 -27.11 28.36
C ALA I 4 52.21 -25.84 27.76
N GLY I 5 53.00 -25.10 27.00
CA GLY I 5 52.64 -23.88 26.29
C GLY I 5 52.47 -24.04 24.80
N ASN I 6 52.33 -25.28 24.34
CA ASN I 6 52.02 -25.58 22.95
C ASN I 6 50.63 -26.21 22.80
N GLN I 7 49.86 -26.27 23.90
CA GLN I 7 48.47 -26.72 23.89
C GLN I 7 47.65 -25.70 24.66
N PRO I 8 47.28 -24.59 24.02
CA PRO I 8 46.54 -23.55 24.72
C PRO I 8 45.06 -23.87 24.81
N GLY I 9 44.41 -23.25 25.78
CA GLY I 9 42.98 -23.43 26.01
C GLY I 9 42.69 -24.38 27.16
N ALA I 10 41.40 -24.66 27.33
CA ALA I 10 40.97 -25.50 28.44
C ALA I 10 41.36 -26.96 28.22
N ASN I 11 41.18 -27.44 26.98
CA ASN I 11 41.62 -28.77 26.51
C ASN I 11 41.12 -29.96 27.36
N GLN J 3 -69.00 14.87 -24.57
CA GLN J 3 -67.56 14.98 -24.40
C GLN J 3 -66.84 14.03 -25.38
N ILE J 4 -65.50 14.10 -25.42
CA ILE J 4 -64.69 13.14 -26.17
C ILE J 4 -64.21 12.08 -25.18
N GLN J 5 -64.53 10.82 -25.46
CA GLN J 5 -64.24 9.75 -24.52
C GLN J 5 -63.91 8.44 -25.23
N LEU J 6 -63.01 7.68 -24.61
CA LEU J 6 -62.74 6.30 -24.98
C LEU J 6 -63.03 5.44 -23.75
N VAL J 7 -64.04 4.58 -23.84
CA VAL J 7 -64.45 3.76 -22.71
C VAL J 7 -64.18 2.29 -23.01
N GLN J 8 -63.37 1.66 -22.18
CA GLN J 8 -62.96 0.29 -22.38
C GLN J 8 -63.79 -0.63 -21.51
N SER J 9 -63.74 -1.92 -21.82
CA SER J 9 -64.51 -2.93 -21.12
C SER J 9 -63.94 -3.17 -19.72
N GLY J 10 -64.64 -3.96 -18.93
CA GLY J 10 -64.21 -4.23 -17.56
C GLY J 10 -63.05 -5.20 -17.50
N PRO J 11 -62.49 -5.35 -16.30
CA PRO J 11 -61.34 -6.25 -16.12
C PRO J 11 -61.69 -7.71 -16.34
N GLU J 12 -60.70 -8.49 -16.76
CA GLU J 12 -60.94 -9.88 -17.11
C GLU J 12 -60.03 -10.82 -16.34
N LEU J 13 -60.59 -11.96 -15.98
CA LEU J 13 -59.86 -13.08 -15.41
C LEU J 13 -59.99 -14.26 -16.36
N LYS J 14 -58.85 -14.76 -16.84
CA LYS J 14 -58.83 -15.92 -17.70
C LYS J 14 -57.84 -16.94 -17.16
N LYS J 15 -57.98 -18.17 -17.61
CA LYS J 15 -57.07 -19.26 -17.32
C LYS J 15 -56.02 -19.35 -18.42
N PRO J 16 -54.88 -19.97 -18.15
CA PRO J 16 -53.89 -20.17 -19.23
C PRO J 16 -54.44 -21.04 -20.35
N GLY J 17 -54.24 -20.59 -21.59
CA GLY J 17 -54.70 -21.30 -22.75
C GLY J 17 -56.01 -20.81 -23.35
N GLU J 18 -56.69 -19.87 -22.70
CA GLU J 18 -58.01 -19.42 -23.13
C GLU J 18 -57.91 -18.22 -24.07
N THR J 19 -59.07 -17.63 -24.40
CA THR J 19 -59.20 -16.53 -25.34
C THR J 19 -59.95 -15.39 -24.65
N VAL J 20 -59.44 -14.16 -24.80
CA VAL J 20 -60.04 -12.98 -24.19
C VAL J 20 -60.27 -11.93 -25.29
N LYS J 21 -61.37 -11.19 -25.17
CA LYS J 21 -61.67 -10.11 -26.11
C LYS J 21 -62.05 -8.87 -25.31
N ILE J 22 -61.28 -7.80 -25.49
CA ILE J 22 -61.41 -6.52 -24.81
C ILE J 22 -62.05 -5.53 -25.77
N SER J 23 -62.98 -4.73 -25.28
CA SER J 23 -63.63 -3.70 -26.09
C SER J 23 -63.11 -2.31 -25.72
N CYS J 24 -63.26 -1.39 -26.68
CA CYS J 24 -62.97 0.02 -26.48
C CYS J 24 -63.88 0.82 -27.40
N LYS J 25 -64.96 1.39 -26.87
CA LYS J 25 -65.86 2.16 -27.70
C LYS J 25 -65.62 3.67 -27.52
N ALA J 26 -65.72 4.40 -28.62
CA ALA J 26 -65.40 5.81 -28.68
C ALA J 26 -66.66 6.66 -28.83
N SER J 27 -66.57 7.89 -28.29
CA SER J 27 -67.65 8.86 -28.42
C SER J 27 -67.05 10.26 -28.56
N GLY J 28 -67.73 11.11 -29.34
CA GLY J 28 -67.41 12.51 -29.45
C GLY J 28 -66.66 12.94 -30.69
N TYR J 29 -66.36 12.04 -31.62
CA TYR J 29 -65.59 12.42 -32.81
C TYR J 29 -65.93 11.49 -33.96
N THR J 30 -65.53 11.89 -35.18
CA THR J 30 -65.75 11.07 -36.37
C THR J 30 -64.84 9.84 -36.31
N PHE J 31 -65.45 8.67 -36.11
CA PHE J 31 -64.75 7.45 -35.70
C PHE J 31 -63.85 6.91 -36.81
N THR J 32 -64.29 6.98 -38.07
CA THR J 32 -63.65 6.24 -39.13
C THR J 32 -62.48 7.01 -39.79
N ASN J 33 -62.01 8.07 -39.12
CA ASN J 33 -60.89 8.87 -39.56
C ASN J 33 -59.67 8.80 -38.66
N TYR J 34 -59.73 8.02 -37.57
CA TYR J 34 -58.66 7.92 -36.60
C TYR J 34 -58.43 6.45 -36.30
N GLY J 35 -57.22 5.97 -36.53
CA GLY J 35 -56.90 4.60 -36.22
C GLY J 35 -56.80 4.36 -34.72
N MET J 36 -56.74 3.09 -34.35
CA MET J 36 -56.77 2.75 -32.93
C MET J 36 -55.53 1.95 -32.57
N ASN J 37 -54.73 2.49 -31.65
CA ASN J 37 -53.56 1.77 -31.14
C ASN J 37 -53.90 1.01 -29.86
N TRP J 38 -53.13 -0.05 -29.62
CA TRP J 38 -53.22 -0.79 -28.39
C TRP J 38 -51.85 -0.83 -27.72
N VAL J 39 -51.82 -0.52 -26.44
CA VAL J 39 -50.57 -0.43 -25.68
C VAL J 39 -50.68 -1.33 -24.45
N LYS J 40 -49.65 -2.13 -24.23
CA LYS J 40 -49.60 -3.07 -23.12
C LYS J 40 -48.78 -2.47 -21.99
N GLN J 41 -49.20 -2.71 -20.75
CA GLN J 41 -48.42 -2.33 -19.56
C GLN J 41 -48.49 -3.45 -18.54
N ALA J 42 -47.45 -4.26 -18.52
CA ALA J 42 -47.33 -5.27 -17.48
C ALA J 42 -47.18 -4.57 -16.12
N PRO J 43 -47.63 -5.19 -15.03
CA PRO J 43 -47.61 -4.50 -13.72
C PRO J 43 -46.19 -4.15 -13.29
N GLY J 44 -45.99 -2.87 -12.96
CA GLY J 44 -44.71 -2.35 -12.58
C GLY J 44 -43.77 -2.11 -13.72
N LYS J 45 -44.21 -2.32 -14.95
CA LYS J 45 -43.37 -2.20 -16.12
C LYS J 45 -43.85 -1.01 -16.96
N GLY J 46 -43.20 -0.80 -18.10
CA GLY J 46 -43.48 0.35 -18.94
C GLY J 46 -44.56 0.07 -19.97
N LEU J 47 -44.66 0.99 -20.92
CA LEU J 47 -45.61 0.89 -22.02
C LEU J 47 -44.96 0.21 -23.23
N LYS J 48 -45.62 -0.79 -23.80
CA LYS J 48 -45.14 -1.46 -25.02
C LYS J 48 -46.23 -1.32 -26.07
N TRP J 49 -45.92 -0.64 -27.17
CA TRP J 49 -46.86 -0.54 -28.27
C TRP J 49 -46.91 -1.89 -29.01
N MET J 50 -48.09 -2.49 -29.08
CA MET J 50 -48.22 -3.80 -29.71
C MET J 50 -48.74 -3.74 -31.14
N GLY J 51 -49.39 -2.65 -31.53
CA GLY J 51 -49.91 -2.54 -32.88
C GLY J 51 -51.07 -1.58 -32.95
N TRP J 52 -51.60 -1.46 -34.18
CA TRP J 52 -52.72 -0.57 -34.42
C TRP J 52 -53.59 -1.11 -35.55
N ILE J 53 -54.81 -0.56 -35.64
CA ILE J 53 -55.76 -0.93 -36.69
C ILE J 53 -56.23 0.32 -37.42
N ASN J 54 -56.16 0.25 -38.76
CA ASN J 54 -56.65 1.29 -39.64
C ASN J 54 -58.17 1.23 -39.63
N SER J 55 -58.76 2.37 -39.27
CA SER J 55 -60.18 2.49 -38.99
C SER J 55 -61.06 2.56 -40.22
N ASN J 56 -60.53 2.96 -41.39
CA ASN J 56 -61.38 2.98 -42.56
C ASN J 56 -61.37 1.65 -43.30
N THR J 57 -60.18 1.09 -43.46
CA THR J 57 -60.01 -0.14 -44.22
C THR J 57 -60.21 -1.34 -43.30
N GLY J 58 -59.93 -1.15 -42.03
CA GLY J 58 -59.95 -2.25 -41.08
C GLY J 58 -58.64 -2.99 -41.06
N GLU J 59 -57.53 -2.31 -41.35
CA GLU J 59 -56.30 -3.02 -41.65
C GLU J 59 -55.44 -3.10 -40.41
N PRO J 60 -55.17 -4.29 -39.86
CA PRO J 60 -54.31 -4.37 -38.67
C PRO J 60 -52.83 -4.48 -39.01
N THR J 61 -52.00 -3.86 -38.17
CA THR J 61 -50.56 -4.03 -38.18
C THR J 61 -50.11 -4.29 -36.75
N TYR J 62 -49.37 -5.37 -36.55
CA TYR J 62 -48.91 -5.84 -35.26
C TYR J 62 -47.39 -5.68 -35.17
N ALA J 63 -46.88 -5.52 -33.95
CA ALA J 63 -45.45 -5.62 -33.73
C ALA J 63 -45.04 -7.08 -33.87
N GLU J 64 -43.73 -7.32 -34.03
CA GLU J 64 -43.26 -8.65 -34.41
C GLU J 64 -43.50 -9.69 -33.32
N GLU J 65 -43.43 -9.29 -32.05
CA GLU J 65 -43.62 -10.24 -30.98
C GLU J 65 -45.09 -10.44 -30.61
N PHE J 66 -46.00 -9.91 -31.42
CA PHE J 66 -47.44 -10.08 -31.22
C PHE J 66 -48.12 -10.75 -32.41
N LYS J 67 -47.35 -11.27 -33.37
CA LYS J 67 -47.98 -12.00 -34.46
C LYS J 67 -48.41 -13.37 -33.95
N GLY J 68 -49.50 -13.89 -34.53
CA GLY J 68 -49.98 -15.22 -34.23
C GLY J 68 -50.93 -15.37 -33.06
N ARG J 69 -50.71 -14.59 -32.00
CA ARG J 69 -51.46 -14.74 -30.77
C ARG J 69 -52.42 -13.59 -30.48
N PHE J 70 -52.29 -12.46 -31.18
CA PHE J 70 -53.07 -11.26 -30.92
C PHE J 70 -53.78 -10.85 -32.19
N ALA J 71 -55.00 -10.32 -32.03
CA ALA J 71 -55.85 -9.97 -33.16
C ALA J 71 -56.60 -8.67 -32.88
N PHE J 72 -56.65 -7.80 -33.89
CA PHE J 72 -57.42 -6.57 -33.85
C PHE J 72 -58.72 -6.72 -34.65
N SER J 73 -59.78 -6.05 -34.19
CA SER J 73 -61.08 -6.12 -34.85
C SER J 73 -61.74 -4.76 -34.79
N LEU J 74 -62.75 -4.56 -35.65
CA LEU J 74 -63.45 -3.28 -35.71
C LEU J 74 -64.97 -3.47 -35.73
N GLU J 75 -65.70 -2.46 -35.21
CA GLU J 75 -67.17 -2.37 -35.22
C GLU J 75 -67.54 -0.93 -35.54
N THR J 76 -67.76 -0.64 -36.82
CA THR J 76 -67.94 0.76 -37.21
C THR J 76 -69.30 1.33 -36.80
N SER J 77 -70.36 0.52 -36.79
CA SER J 77 -71.69 1.04 -36.49
C SER J 77 -71.80 1.54 -35.06
N ALA J 78 -71.18 0.84 -34.10
CA ALA J 78 -71.22 1.21 -32.69
C ALA J 78 -69.94 1.88 -32.23
N SER J 79 -69.02 2.17 -33.15
CA SER J 79 -67.76 2.87 -32.88
C SER J 79 -66.86 2.16 -31.85
N THR J 80 -66.63 0.86 -32.07
CA THR J 80 -65.93 0.03 -31.09
C THR J 80 -64.73 -0.64 -31.74
N ALA J 81 -63.61 -0.72 -31.03
CA ALA J 81 -62.44 -1.50 -31.44
C ALA J 81 -62.25 -2.67 -30.49
N TYR J 82 -61.71 -3.78 -31.01
CA TYR J 82 -61.59 -4.99 -30.22
C TYR J 82 -60.18 -5.55 -30.28
N LEU J 83 -59.70 -6.04 -29.13
CA LEU J 83 -58.43 -6.75 -29.05
C LEU J 83 -58.69 -8.16 -28.52
N GLN J 84 -58.28 -9.17 -29.27
CA GLN J 84 -58.49 -10.57 -28.90
C GLN J 84 -57.13 -11.23 -28.68
N ILE J 85 -56.99 -11.91 -27.55
CA ILE J 85 -55.77 -12.65 -27.24
C ILE J 85 -56.16 -14.12 -27.07
N ASN J 86 -55.56 -14.99 -27.89
CA ASN J 86 -55.77 -16.43 -27.81
C ASN J 86 -54.62 -17.09 -27.06
N ASN J 87 -54.89 -18.29 -26.51
CA ASN J 87 -53.89 -19.14 -25.85
C ASN J 87 -53.05 -18.40 -24.82
N LEU J 88 -53.65 -18.00 -23.71
CA LEU J 88 -53.02 -17.04 -22.82
C LEU J 88 -51.90 -17.66 -22.01
N LYS J 89 -50.79 -16.94 -21.93
CA LYS J 89 -49.72 -17.27 -21.02
C LYS J 89 -49.67 -16.20 -19.93
N ASN J 90 -48.80 -16.42 -18.94
CA ASN J 90 -48.67 -15.50 -17.82
C ASN J 90 -47.90 -14.22 -18.20
N GLU J 91 -47.23 -14.17 -19.34
CA GLU J 91 -46.63 -12.92 -19.82
C GLU J 91 -47.70 -11.93 -20.27
N ASP J 92 -48.95 -12.40 -20.44
CA ASP J 92 -50.02 -11.55 -20.92
C ASP J 92 -50.78 -10.81 -19.83
N THR J 93 -50.54 -11.13 -18.55
CA THR J 93 -51.22 -10.41 -17.45
C THR J 93 -50.73 -8.97 -17.39
N ALA J 94 -51.62 -8.04 -17.72
CA ALA J 94 -51.22 -6.65 -17.92
C ALA J 94 -52.45 -5.75 -17.98
N THR J 95 -52.19 -4.46 -18.12
CA THR J 95 -53.23 -3.49 -18.41
C THR J 95 -53.12 -3.08 -19.87
N TYR J 96 -54.22 -3.19 -20.58
CA TYR J 96 -54.25 -2.90 -22.01
C TYR J 96 -55.02 -1.61 -22.19
N PHE J 97 -54.41 -0.67 -22.90
CA PHE J 97 -55.02 0.62 -23.21
C PHE J 97 -55.30 0.69 -24.70
N CYS J 98 -56.43 1.27 -25.07
CA CYS J 98 -56.64 1.73 -26.43
C CYS J 98 -56.34 3.22 -26.47
N ALA J 99 -55.74 3.67 -27.57
CA ALA J 99 -55.38 5.08 -27.70
C ALA J 99 -55.62 5.51 -29.13
N ARG J 100 -56.24 6.67 -29.32
CA ARG J 100 -56.60 7.12 -30.66
C ARG J 100 -55.44 7.87 -31.31
N TRP J 101 -55.15 7.55 -32.59
CA TRP J 101 -54.20 8.36 -33.34
C TRP J 101 -54.67 9.80 -33.44
N ALA J 102 -53.77 10.73 -33.26
CA ALA J 102 -54.18 12.12 -33.35
C ALA J 102 -54.35 12.52 -34.82
N ASN J 103 -54.89 13.71 -35.03
CA ASN J 103 -55.15 14.14 -36.39
C ASN J 103 -53.87 14.48 -37.14
N CYS J 104 -52.77 14.75 -36.41
CA CYS J 104 -51.47 14.94 -37.04
C CYS J 104 -50.91 13.65 -37.59
N GLY J 105 -51.38 12.50 -37.10
CA GLY J 105 -50.74 11.23 -37.43
C GLY J 105 -49.41 11.02 -36.76
N CYS J 106 -49.17 11.75 -35.67
CA CYS J 106 -47.90 11.82 -34.99
C CYS J 106 -47.97 11.54 -33.50
N ALA J 107 -49.17 11.36 -32.94
CA ALA J 107 -49.32 11.28 -31.50
C ALA J 107 -50.60 10.52 -31.14
N MET J 108 -50.75 10.22 -29.86
CA MET J 108 -51.97 9.59 -29.34
C MET J 108 -52.69 10.59 -28.46
N ASP J 109 -53.82 11.08 -28.95
CA ASP J 109 -54.55 12.23 -28.43
C ASP J 109 -55.31 11.89 -27.15
N TYR J 110 -56.15 10.87 -27.24
CA TYR J 110 -57.01 10.48 -26.15
C TYR J 110 -56.80 9.01 -25.86
N TRP J 111 -57.01 8.64 -24.61
CA TRP J 111 -56.77 7.29 -24.14
C TRP J 111 -58.03 6.73 -23.48
N GLY J 112 -58.21 5.42 -23.63
CA GLY J 112 -59.15 4.73 -22.79
C GLY J 112 -58.56 4.57 -21.41
N GLN J 113 -59.39 4.15 -20.45
CA GLN J 113 -58.92 4.03 -19.08
C GLN J 113 -58.07 2.79 -18.80
N GLY J 114 -58.05 1.81 -19.70
CA GLY J 114 -57.32 0.57 -19.58
C GLY J 114 -58.18 -0.53 -18.99
N THR J 115 -57.87 -1.78 -19.37
CA THR J 115 -58.49 -2.98 -18.80
C THR J 115 -57.40 -3.92 -18.36
N THR J 116 -57.46 -4.38 -17.12
CA THR J 116 -56.47 -5.32 -16.62
C THR J 116 -56.96 -6.74 -16.91
N VAL J 117 -56.14 -7.49 -17.61
CA VAL J 117 -56.37 -8.90 -17.85
C VAL J 117 -55.42 -9.67 -16.93
N THR J 118 -56.01 -10.51 -16.09
CA THR J 118 -55.27 -11.36 -15.16
C THR J 118 -55.41 -12.82 -15.58
N VAL J 119 -54.28 -13.48 -15.75
CA VAL J 119 -54.20 -14.90 -16.08
C VAL J 119 -53.62 -15.64 -14.89
N SER J 120 -54.32 -16.66 -14.41
CA SER J 120 -53.81 -17.42 -13.30
C SER J 120 -54.39 -18.82 -13.34
N SER J 121 -53.60 -19.79 -12.87
CA SER J 121 -54.08 -21.16 -12.83
C SER J 121 -54.82 -21.48 -11.54
N ALA J 122 -54.61 -20.68 -10.50
CA ALA J 122 -55.16 -21.01 -9.18
C ALA J 122 -56.65 -20.74 -9.12
N LYS J 123 -57.24 -21.21 -8.03
CA LYS J 123 -58.68 -21.12 -7.84
C LYS J 123 -59.08 -19.68 -7.50
N THR J 124 -60.26 -19.29 -7.97
CA THR J 124 -60.87 -18.04 -7.57
C THR J 124 -61.42 -18.19 -6.16
N THR J 125 -61.05 -17.28 -5.28
CA THR J 125 -61.54 -17.27 -3.92
C THR J 125 -62.21 -15.94 -3.62
N PRO J 126 -63.40 -15.94 -3.05
CA PRO J 126 -64.06 -14.70 -2.68
C PRO J 126 -63.38 -14.07 -1.47
N PRO J 127 -63.53 -12.76 -1.27
CA PRO J 127 -62.91 -12.09 -0.13
C PRO J 127 -63.72 -12.16 1.15
N SER J 128 -63.04 -11.87 2.25
CA SER J 128 -63.65 -11.63 3.55
C SER J 128 -63.41 -10.18 3.93
N VAL J 129 -64.46 -9.45 4.26
CA VAL J 129 -64.39 -8.03 4.53
C VAL J 129 -64.71 -7.79 6.01
N TYR J 130 -63.79 -7.11 6.70
CA TYR J 130 -63.93 -6.85 8.13
C TYR J 130 -63.85 -5.36 8.39
N PRO J 131 -64.67 -4.82 9.29
CA PRO J 131 -64.59 -3.41 9.64
C PRO J 131 -63.41 -3.15 10.57
N LEU J 132 -62.99 -1.89 10.65
CA LEU J 132 -61.85 -1.49 11.49
C LEU J 132 -62.24 -0.20 12.19
N ALA J 133 -62.67 -0.28 13.46
CA ALA J 133 -63.10 0.84 14.29
C ALA J 133 -62.20 1.09 15.49
N PRO J 134 -62.01 2.35 15.92
CA PRO J 134 -61.19 2.66 17.09
C PRO J 134 -61.89 2.27 18.39
N GLY J 135 -61.31 1.33 19.13
CA GLY J 135 -61.96 0.85 20.35
C GLY J 135 -62.09 1.88 21.47
N SER J 136 -60.97 2.32 22.04
CA SER J 136 -61.00 3.42 22.99
C SER J 136 -61.08 4.73 22.22
N ALA J 137 -61.95 5.63 22.66
CA ALA J 137 -62.26 6.85 21.92
C ALA J 137 -61.36 7.99 22.41
N ALA J 138 -60.61 8.60 21.48
CA ALA J 138 -59.81 9.77 21.75
C ALA J 138 -60.66 11.00 21.45
N GLN J 139 -61.18 11.62 22.50
CA GLN J 139 -62.05 12.79 22.38
C GLN J 139 -61.31 13.99 21.78
N THR J 140 -60.02 14.12 22.09
CA THR J 140 -59.23 15.29 21.71
C THR J 140 -58.98 15.34 20.20
N ASN J 141 -58.87 14.17 19.54
CA ASN J 141 -58.62 14.11 18.11
C ASN J 141 -59.78 14.70 17.32
N SER J 142 -59.46 15.63 16.41
CA SER J 142 -60.47 16.22 15.54
C SER J 142 -60.81 15.31 14.38
N MET J 143 -59.98 14.32 14.09
CA MET J 143 -60.23 13.38 13.02
C MET J 143 -60.19 11.96 13.58
N VAL J 144 -61.06 11.13 13.06
CA VAL J 144 -61.11 9.72 13.39
C VAL J 144 -60.73 8.94 12.14
N THR J 145 -59.84 7.97 12.32
CA THR J 145 -59.42 7.13 11.23
C THR J 145 -60.15 5.80 11.36
N LEU J 146 -60.71 5.34 10.25
CA LEU J 146 -61.45 4.10 10.16
C LEU J 146 -60.88 3.27 9.01
N GLY J 147 -61.25 2.00 8.94
CA GLY J 147 -60.73 1.26 7.81
C GLY J 147 -61.46 -0.04 7.61
N CYS J 148 -61.03 -0.78 6.60
CA CYS J 148 -61.57 -2.12 6.43
C CYS J 148 -60.53 -3.00 5.79
N LEU J 149 -60.61 -4.26 6.17
CA LEU J 149 -59.64 -5.27 5.79
C LEU J 149 -60.28 -6.26 4.84
N VAL J 150 -59.68 -6.43 3.68
CA VAL J 150 -60.12 -7.35 2.65
C VAL J 150 -59.12 -8.49 2.62
N LYS J 151 -59.49 -9.63 3.16
CA LYS J 151 -58.50 -10.68 3.39
C LYS J 151 -58.92 -11.94 2.65
N GLY J 152 -57.93 -12.66 2.12
CA GLY J 152 -58.13 -13.98 1.58
C GLY J 152 -58.87 -14.09 0.27
N TYR J 153 -58.52 -13.26 -0.71
CA TYR J 153 -59.16 -13.33 -2.02
C TYR J 153 -58.09 -13.61 -3.08
N PHE J 154 -58.56 -14.19 -4.18
CA PHE J 154 -57.71 -14.45 -5.32
C PHE J 154 -58.60 -14.52 -6.56
N PRO J 155 -58.21 -13.91 -7.67
CA PRO J 155 -57.00 -13.09 -7.76
C PRO J 155 -57.32 -11.60 -7.62
N GLU J 156 -56.32 -10.74 -7.79
CA GLU J 156 -56.57 -9.30 -7.92
C GLU J 156 -57.28 -9.02 -9.25
N PRO J 157 -58.06 -7.92 -9.35
CA PRO J 157 -58.29 -6.85 -8.38
C PRO J 157 -59.59 -6.86 -7.56
N VAL J 158 -59.58 -6.00 -6.55
CA VAL J 158 -60.76 -5.62 -5.78
C VAL J 158 -60.85 -4.09 -5.84
N THR J 159 -62.07 -3.58 -5.91
CA THR J 159 -62.37 -2.17 -5.86
C THR J 159 -62.88 -1.83 -4.48
N VAL J 160 -62.26 -0.83 -3.85
CA VAL J 160 -62.66 -0.38 -2.54
C VAL J 160 -63.09 1.08 -2.63
N THR J 161 -64.34 1.34 -2.29
CA THR J 161 -64.84 2.70 -2.17
C THR J 161 -65.43 2.89 -0.79
N TRP J 162 -65.66 4.16 -0.46
CA TRP J 162 -66.22 4.53 0.82
C TRP J 162 -67.50 5.33 0.58
N ASN J 163 -68.58 4.87 1.21
CA ASN J 163 -69.94 5.41 1.04
C ASN J 163 -70.32 5.41 -0.43
N SER J 164 -70.03 4.29 -1.11
CA SER J 164 -70.35 4.07 -2.52
C SER J 164 -69.69 5.13 -3.42
N GLY J 165 -68.49 5.58 -3.06
CA GLY J 165 -67.75 6.57 -3.81
C GLY J 165 -67.93 8.01 -3.36
N SER J 166 -68.89 8.27 -2.46
CA SER J 166 -69.15 9.62 -1.96
C SER J 166 -68.00 10.14 -1.10
N LEU J 167 -67.32 9.25 -0.41
CA LEU J 167 -66.28 9.59 0.54
C LEU J 167 -64.94 9.22 -0.10
N SER J 168 -64.26 10.21 -0.66
CA SER J 168 -63.04 10.00 -1.40
C SER J 168 -61.83 10.82 -0.93
N SER J 169 -62.02 11.87 -0.15
CA SER J 169 -60.88 12.63 0.38
C SER J 169 -60.45 12.08 1.73
N GLY J 170 -59.13 12.02 1.94
CA GLY J 170 -58.60 11.42 3.14
C GLY J 170 -58.59 9.91 3.10
N VAL J 171 -58.61 9.31 1.92
CA VAL J 171 -58.64 7.86 1.75
C VAL J 171 -57.27 7.37 1.29
N HIS J 172 -56.76 6.33 1.93
CA HIS J 172 -55.55 5.65 1.50
C HIS J 172 -55.88 4.17 1.35
N THR J 173 -55.91 3.70 0.11
CA THR J 173 -56.05 2.29 -0.19
C THR J 173 -54.68 1.71 -0.54
N PHE J 174 -54.22 0.76 0.26
CA PHE J 174 -52.91 0.14 0.26
C PHE J 174 -52.86 -1.03 -0.71
N PRO J 175 -51.71 -1.23 -1.34
CA PRO J 175 -51.58 -2.34 -2.29
C PRO J 175 -51.69 -3.69 -1.60
N ALA J 176 -52.26 -4.63 -2.33
CA ALA J 176 -52.47 -5.97 -1.80
C ALA J 176 -51.15 -6.73 -1.76
N VAL J 177 -51.04 -7.60 -0.76
CA VAL J 177 -49.89 -8.47 -0.58
C VAL J 177 -50.37 -9.92 -0.66
N LEU J 178 -49.58 -10.76 -1.31
CA LEU J 178 -49.92 -12.16 -1.55
C LEU J 178 -49.25 -13.01 -0.48
N GLN J 179 -50.04 -13.40 0.54
CA GLN J 179 -49.56 -14.19 1.67
C GLN J 179 -49.07 -15.55 1.20
N SER J 180 -49.96 -16.40 0.69
CA SER J 180 -49.55 -17.69 0.15
C SER J 180 -50.09 -17.90 -1.26
N ASP J 181 -51.40 -17.96 -1.39
CA ASP J 181 -52.06 -17.94 -2.68
C ASP J 181 -53.28 -17.04 -2.55
N LEU J 182 -53.38 -16.27 -1.45
CA LEU J 182 -54.51 -15.40 -1.21
C LEU J 182 -54.02 -13.98 -0.94
N TYR J 183 -54.76 -13.00 -1.45
CA TYR J 183 -54.39 -11.60 -1.30
C TYR J 183 -55.05 -11.02 -0.07
N THR J 184 -54.36 -10.05 0.52
CA THR J 184 -54.88 -9.32 1.65
C THR J 184 -54.60 -7.84 1.41
N LEU J 185 -55.61 -7.02 1.65
CA LEU J 185 -55.57 -5.60 1.38
C LEU J 185 -56.24 -4.88 2.54
N SER J 186 -55.91 -3.61 2.71
CA SER J 186 -56.49 -2.77 3.74
C SER J 186 -56.73 -1.39 3.15
N SER J 187 -57.68 -0.68 3.75
CA SER J 187 -57.92 0.69 3.33
C SER J 187 -58.33 1.52 4.53
N SER J 188 -57.91 2.79 4.52
CA SER J 188 -58.18 3.72 5.60
C SER J 188 -58.93 4.91 5.02
N VAL J 189 -59.81 5.47 5.86
CA VAL J 189 -60.50 6.72 5.55
C VAL J 189 -60.43 7.58 6.81
N THR J 190 -60.23 8.88 6.64
CA THR J 190 -60.15 9.78 7.77
C THR J 190 -61.25 10.83 7.66
N VAL J 191 -62.12 10.88 8.66
CA VAL J 191 -63.27 11.78 8.67
C VAL J 191 -63.21 12.64 9.93
N PRO J 192 -63.92 13.77 9.96
CA PRO J 192 -63.98 14.55 11.22
C PRO J 192 -64.68 13.79 12.35
N SER J 193 -64.25 14.09 13.58
CA SER J 193 -64.80 13.45 14.77
C SER J 193 -66.25 13.82 15.02
N SER J 194 -66.70 14.94 14.46
CA SER J 194 -68.10 15.34 14.56
C SER J 194 -69.00 14.42 13.73
N THR J 195 -68.52 14.00 12.55
CA THR J 195 -69.33 13.26 11.59
C THR J 195 -69.56 11.80 12.00
N TRP J 196 -68.52 11.11 12.56
CA TRP J 196 -68.59 9.69 12.92
C TRP J 196 -68.52 9.50 14.45
N PRO J 197 -69.37 8.62 15.06
CA PRO J 197 -70.30 7.66 14.45
C PRO J 197 -71.70 8.17 14.11
N SER J 198 -71.86 9.50 14.00
CA SER J 198 -73.18 10.07 13.69
C SER J 198 -73.65 9.64 12.31
N GLU J 199 -72.77 9.77 11.32
CA GLU J 199 -73.05 9.41 9.94
C GLU J 199 -72.37 8.07 9.64
N THR J 200 -73.17 7.06 9.26
CA THR J 200 -72.64 5.71 9.12
C THR J 200 -71.77 5.58 7.88
N VAL J 201 -70.56 5.07 8.07
CA VAL J 201 -69.62 4.84 6.99
C VAL J 201 -69.58 3.35 6.67
N THR J 202 -69.64 3.05 5.37
CA THR J 202 -69.68 1.69 4.82
C THR J 202 -68.53 1.55 3.82
N CYS J 203 -67.87 0.42 3.93
CA CYS J 203 -66.77 0.03 3.07
C CYS J 203 -67.34 -0.85 1.95
N ASN J 204 -67.16 -0.42 0.71
CA ASN J 204 -67.71 -1.13 -0.45
C ASN J 204 -66.59 -1.83 -1.20
N VAL J 205 -66.68 -3.15 -1.30
CA VAL J 205 -65.65 -4.01 -1.89
C VAL J 205 -66.26 -4.79 -3.06
N ALA J 206 -65.53 -4.80 -4.18
CA ALA J 206 -65.94 -5.51 -5.39
C ALA J 206 -64.82 -6.45 -5.77
N HIS J 207 -65.13 -7.74 -5.89
CA HIS J 207 -64.21 -8.75 -6.43
C HIS J 207 -64.93 -9.37 -7.62
N PRO J 208 -64.71 -8.87 -8.83
CA PRO J 208 -65.49 -9.35 -9.97
C PRO J 208 -65.14 -10.76 -10.39
N ALA J 209 -63.95 -11.26 -10.04
CA ALA J 209 -63.57 -12.63 -10.41
C ALA J 209 -64.46 -13.66 -9.73
N SER J 210 -64.79 -13.44 -8.47
CA SER J 210 -65.74 -14.28 -7.77
C SER J 210 -67.18 -13.76 -7.86
N SER J 211 -67.40 -12.63 -8.55
CA SER J 211 -68.69 -11.94 -8.65
C SER J 211 -69.23 -11.60 -7.25
N THR J 212 -68.42 -10.81 -6.53
CA THR J 212 -68.66 -10.48 -5.14
C THR J 212 -68.83 -8.98 -5.02
N LYS J 213 -69.99 -8.56 -4.57
CA LYS J 213 -70.28 -7.17 -4.28
C LYS J 213 -70.69 -7.15 -2.81
N VAL J 214 -69.86 -6.54 -1.97
CA VAL J 214 -70.11 -6.57 -0.54
C VAL J 214 -70.02 -5.15 0.01
N ASP J 215 -71.07 -4.73 0.71
CA ASP J 215 -71.09 -3.51 1.51
C ASP J 215 -70.93 -3.92 2.96
N LYS J 216 -70.04 -3.27 3.69
CA LYS J 216 -69.80 -3.62 5.10
C LYS J 216 -69.79 -2.37 5.96
N LYS J 217 -70.80 -2.25 6.82
CA LYS J 217 -70.91 -1.14 7.73
C LYS J 217 -69.86 -1.26 8.83
N ILE J 218 -69.19 -0.17 9.14
CA ILE J 218 -68.24 -0.16 10.26
C ILE J 218 -68.95 0.42 11.49
N VAL J 219 -68.97 -0.35 12.57
CA VAL J 219 -69.73 0.03 13.77
C VAL J 219 -68.77 0.22 14.94
N PRO J 220 -69.07 1.11 15.92
CA PRO J 220 -68.20 1.26 17.10
C PRO J 220 -68.47 0.21 18.18
N ASP K 1 -35.96 -1.41 -36.24
CA ASP K 1 -36.42 -1.28 -34.86
C ASP K 1 -35.66 -0.17 -34.14
N ILE K 2 -36.32 0.99 -33.98
CA ILE K 2 -35.73 2.15 -33.33
C ILE K 2 -35.79 1.96 -31.82
N VAL K 3 -34.65 2.17 -31.17
CA VAL K 3 -34.53 2.04 -29.72
C VAL K 3 -34.60 3.44 -29.14
N MET K 4 -35.49 3.63 -28.13
CA MET K 4 -35.64 4.91 -27.44
C MET K 4 -35.05 4.82 -26.03
N THR K 5 -33.97 5.58 -25.79
CA THR K 5 -33.24 5.61 -24.53
C THR K 5 -33.56 6.91 -23.80
N GLN K 6 -34.11 6.77 -22.60
CA GLN K 6 -34.57 7.88 -21.79
C GLN K 6 -33.65 8.09 -20.59
N SER K 7 -33.40 9.35 -20.20
CA SER K 7 -32.48 9.59 -19.09
C SER K 7 -32.83 10.88 -18.36
N PRO K 8 -32.76 10.92 -17.02
CA PRO K 8 -32.41 9.84 -16.08
C PRO K 8 -33.58 8.87 -15.92
N SER K 9 -33.35 7.68 -15.37
CA SER K 9 -34.44 6.74 -15.11
C SER K 9 -35.36 7.21 -13.97
N SER K 10 -34.80 7.94 -13.00
CA SER K 10 -35.55 8.46 -11.87
C SER K 10 -34.94 9.80 -11.45
N LEU K 11 -35.79 10.70 -10.98
CA LEU K 11 -35.33 12.02 -10.58
C LEU K 11 -36.22 12.55 -9.46
N THR K 12 -35.62 13.28 -8.51
CA THR K 12 -36.35 13.72 -7.32
C THR K 12 -36.12 15.21 -7.08
N VAL K 13 -37.19 16.00 -7.06
CA VAL K 13 -37.00 17.44 -6.85
C VAL K 13 -37.96 17.96 -5.80
N THR K 14 -37.57 19.09 -5.21
CA THR K 14 -38.44 19.85 -4.36
C THR K 14 -39.35 20.68 -5.24
N ALA K 15 -40.56 20.93 -4.75
CA ALA K 15 -41.52 21.69 -5.54
C ALA K 15 -41.05 23.12 -5.77
N GLY K 16 -41.28 23.61 -6.99
CA GLY K 16 -40.85 24.94 -7.38
C GLY K 16 -39.56 25.00 -8.20
N GLU K 17 -38.90 23.87 -8.40
CA GLU K 17 -37.66 23.78 -9.13
C GLU K 17 -37.93 23.41 -10.60
N LYS K 18 -36.86 23.39 -11.40
CA LYS K 18 -36.94 23.07 -12.82
C LYS K 18 -36.30 21.70 -13.06
N VAL K 19 -36.84 20.94 -14.01
CA VAL K 19 -36.31 19.60 -14.31
C VAL K 19 -36.18 19.41 -15.82
N SER K 20 -35.24 18.55 -16.21
CA SER K 20 -35.04 18.21 -17.61
C SER K 20 -34.89 16.71 -17.79
N MET K 21 -35.47 16.20 -18.88
CA MET K 21 -35.44 14.78 -19.21
C MET K 21 -35.01 14.63 -20.65
N SER K 22 -34.23 13.61 -20.90
CA SER K 22 -33.60 13.34 -22.17
C SER K 22 -34.20 12.10 -22.82
N CYS K 23 -34.30 12.16 -24.15
CA CYS K 23 -34.72 11.06 -25.01
C CYS K 23 -33.83 11.02 -26.26
N LYS K 24 -33.16 9.88 -26.46
CA LYS K 24 -32.35 9.64 -27.64
C LYS K 24 -32.88 8.45 -28.43
N SER K 25 -32.80 8.55 -29.75
CA SER K 25 -33.34 7.52 -30.63
C SER K 25 -32.20 6.91 -31.42
N SER K 26 -32.30 5.59 -31.69
CA SER K 26 -31.23 4.91 -32.42
C SER K 26 -31.19 5.32 -33.89
N GLN K 27 -32.32 5.71 -34.46
CA GLN K 27 -32.36 6.30 -35.79
C GLN K 27 -32.88 7.74 -35.69
N SER K 28 -32.75 8.51 -36.77
CA SER K 28 -33.21 9.90 -36.76
C SER K 28 -34.70 10.01 -37.06
N LEU K 29 -35.35 10.96 -36.38
CA LEU K 29 -36.80 11.13 -36.44
C LEU K 29 -37.24 12.41 -37.14
N PHE K 30 -36.38 13.01 -37.95
CA PHE K 30 -36.75 14.21 -38.70
C PHE K 30 -37.15 13.79 -40.12
N THR K 31 -38.25 14.34 -40.66
CA THR K 31 -38.63 14.13 -42.05
C THR K 31 -38.32 15.43 -42.80
N SER K 32 -37.55 15.33 -43.88
CA SER K 32 -37.18 16.54 -44.59
C SER K 32 -38.37 17.15 -45.33
N GLY K 33 -39.33 16.33 -45.76
CA GLY K 33 -40.47 16.85 -46.51
C GLY K 33 -41.37 17.74 -45.66
N LYS K 34 -41.83 17.24 -44.51
CA LYS K 34 -42.74 18.01 -43.67
C LYS K 34 -42.02 18.86 -42.62
N GLN K 35 -40.70 18.69 -42.49
CA GLN K 35 -39.85 19.48 -41.60
C GLN K 35 -40.32 19.38 -40.15
N LYS K 36 -40.54 18.14 -39.68
CA LYS K 36 -41.02 17.90 -38.31
C LYS K 36 -40.32 16.69 -37.68
N ASN K 37 -40.26 16.71 -36.35
CA ASN K 37 -39.75 15.57 -35.59
C ASN K 37 -40.92 14.76 -35.04
N TYR K 38 -40.99 13.48 -35.42
CA TYR K 38 -42.07 12.59 -35.00
C TYR K 38 -41.73 11.92 -33.66
N LEU K 39 -41.69 12.75 -32.60
CA LEU K 39 -41.42 12.27 -31.25
C LEU K 39 -42.46 12.81 -30.28
N THR K 40 -42.95 11.94 -29.38
CA THR K 40 -44.06 12.31 -28.51
C THR K 40 -43.74 12.16 -27.02
N TRP K 41 -44.24 13.09 -26.20
CA TRP K 41 -44.08 13.04 -24.75
C TRP K 41 -45.44 12.85 -24.08
N TYR K 42 -45.51 11.84 -23.22
CA TYR K 42 -46.69 11.52 -22.42
C TYR K 42 -46.36 11.54 -20.92
N GLN K 43 -47.37 11.82 -20.12
CA GLN K 43 -47.32 11.81 -18.66
C GLN K 43 -48.28 10.76 -18.12
N GLN K 44 -47.81 9.93 -17.20
CA GLN K 44 -48.64 8.92 -16.54
C GLN K 44 -48.51 9.11 -15.05
N LYS K 45 -49.62 9.51 -14.41
CA LYS K 45 -49.71 9.57 -12.97
C LYS K 45 -50.08 8.21 -12.43
N PRO K 46 -49.81 7.92 -11.16
CA PRO K 46 -50.14 6.59 -10.61
C PRO K 46 -51.64 6.32 -10.66
N GLY K 47 -51.99 5.17 -11.22
CA GLY K 47 -53.37 4.77 -11.33
C GLY K 47 -54.11 5.31 -12.54
N GLN K 48 -53.50 6.23 -13.27
CA GLN K 48 -54.17 6.89 -14.37
C GLN K 48 -53.58 6.44 -15.69
N PRO K 49 -54.32 6.57 -16.79
CA PRO K 49 -53.74 6.30 -18.11
C PRO K 49 -52.75 7.39 -18.52
N PRO K 50 -51.88 7.13 -19.50
CA PRO K 50 -50.99 8.20 -19.97
C PRO K 50 -51.77 9.34 -20.60
N LYS K 51 -51.36 10.56 -20.27
CA LYS K 51 -51.97 11.77 -20.80
C LYS K 51 -50.99 12.41 -21.79
N LEU K 52 -51.50 12.82 -22.95
CA LEU K 52 -50.64 13.45 -23.95
C LEU K 52 -50.17 14.81 -23.47
N LEU K 53 -48.86 15.01 -23.51
CA LEU K 53 -48.24 16.26 -23.16
C LEU K 53 -47.82 17.04 -24.40
N ILE K 54 -46.96 16.45 -25.22
CA ILE K 54 -46.30 17.21 -26.28
C ILE K 54 -46.19 16.35 -27.53
N TYR K 55 -46.65 16.89 -28.65
CA TYR K 55 -46.52 16.25 -29.94
C TYR K 55 -45.61 17.07 -30.83
N TRP K 56 -45.06 16.41 -31.86
CA TRP K 56 -44.06 16.96 -32.80
C TRP K 56 -42.85 17.51 -32.08
N ALA K 57 -42.62 16.96 -30.87
CA ALA K 57 -41.48 17.16 -29.99
C ALA K 57 -41.45 18.55 -29.35
N SER K 58 -42.28 19.47 -29.84
CA SER K 58 -42.30 20.83 -29.32
C SER K 58 -43.68 21.42 -29.09
N THR K 59 -44.73 20.90 -29.71
CA THR K 59 -46.07 21.48 -29.63
C THR K 59 -46.87 20.95 -28.45
N ARG K 60 -47.47 21.87 -27.69
CA ARG K 60 -48.28 21.53 -26.54
C ARG K 60 -49.71 21.15 -26.91
N ASN K 61 -50.26 20.18 -26.18
CA ASN K 61 -51.65 19.77 -26.34
C ASN K 61 -52.59 20.81 -25.75
N SER K 62 -53.84 20.80 -26.25
CA SER K 62 -54.81 21.82 -25.90
C SER K 62 -55.12 21.76 -24.41
N GLY K 63 -55.04 22.90 -23.74
CA GLY K 63 -55.33 22.94 -22.32
C GLY K 63 -54.16 22.63 -21.43
N LEU K 64 -53.01 22.29 -21.99
CA LEU K 64 -51.85 21.92 -21.17
C LEU K 64 -51.27 23.16 -20.51
N PRO K 65 -50.84 23.07 -19.23
CA PRO K 65 -50.10 24.20 -18.65
C PRO K 65 -48.79 24.36 -19.37
N ASP K 66 -48.39 25.62 -19.60
CA ASP K 66 -47.22 25.88 -20.45
C ASP K 66 -45.89 25.77 -19.72
N ARG K 67 -45.91 25.40 -18.43
CA ARG K 67 -44.65 25.13 -17.75
C ARG K 67 -43.97 23.86 -18.25
N PHE K 68 -44.69 23.02 -18.99
CA PHE K 68 -44.12 21.89 -19.73
C PHE K 68 -43.68 22.37 -21.11
N THR K 69 -42.39 22.28 -21.40
CA THR K 69 -41.82 22.76 -22.65
C THR K 69 -40.98 21.64 -23.27
N GLY K 70 -41.22 21.33 -24.54
CA GLY K 70 -40.42 20.39 -25.29
C GLY K 70 -39.39 21.06 -26.17
N SER K 71 -38.27 20.36 -26.40
CA SER K 71 -37.20 20.90 -27.21
C SER K 71 -36.37 19.77 -27.82
N GLY K 72 -35.60 20.11 -28.85
CA GLY K 72 -34.67 19.20 -29.49
C GLY K 72 -35.05 18.89 -30.93
N SER K 73 -34.19 18.09 -31.58
CA SER K 73 -34.37 17.70 -32.98
C SER K 73 -33.51 16.48 -33.29
N GLY K 74 -33.79 15.89 -34.45
CA GLY K 74 -33.00 14.79 -34.95
C GLY K 74 -33.08 13.54 -34.11
N THR K 75 -32.03 13.27 -33.32
CA THR K 75 -32.03 12.16 -32.39
C THR K 75 -32.14 12.57 -30.93
N ASP K 76 -31.91 13.86 -30.60
CA ASP K 76 -31.76 14.28 -29.20
C ASP K 76 -32.91 15.21 -28.82
N PHE K 77 -33.64 14.85 -27.76
CA PHE K 77 -34.81 15.61 -27.35
C PHE K 77 -34.84 15.70 -25.84
N THR K 78 -35.44 16.79 -25.32
CA THR K 78 -35.56 17.02 -23.89
C THR K 78 -36.92 17.64 -23.58
N LEU K 79 -37.52 17.17 -22.48
CA LEU K 79 -38.72 17.75 -21.89
C LEU K 79 -38.36 18.46 -20.59
N THR K 80 -38.85 19.67 -20.40
CA THR K 80 -38.51 20.53 -19.28
C THR K 80 -39.76 20.99 -18.56
N ILE K 81 -39.75 20.90 -17.23
CA ILE K 81 -40.83 21.43 -16.38
C ILE K 81 -40.31 22.63 -15.62
N SER K 82 -41.02 23.77 -15.77
CA SER K 82 -40.52 25.07 -15.33
C SER K 82 -40.47 25.20 -13.81
N SER K 83 -41.61 25.00 -13.16
CA SER K 83 -41.67 25.07 -11.70
C SER K 83 -42.54 23.93 -11.21
N VAL K 84 -41.88 22.91 -10.65
CA VAL K 84 -42.57 21.66 -10.33
C VAL K 84 -43.53 21.88 -9.19
N GLN K 85 -44.75 21.38 -9.36
CA GLN K 85 -45.79 21.36 -8.36
C GLN K 85 -45.95 19.93 -7.87
N ALA K 86 -46.71 19.76 -6.78
CA ALA K 86 -46.85 18.44 -6.19
C ALA K 86 -47.60 17.47 -7.09
N GLU K 87 -48.54 17.97 -7.90
CA GLU K 87 -49.28 17.12 -8.82
C GLU K 87 -48.49 16.73 -10.07
N ASP K 88 -47.30 17.30 -10.30
CA ASP K 88 -46.42 16.87 -11.40
C ASP K 88 -45.69 15.57 -11.13
N LEU K 89 -45.98 14.91 -10.01
CA LEU K 89 -45.46 13.60 -9.67
C LEU K 89 -45.97 12.56 -10.65
N ALA K 90 -45.08 11.95 -11.44
CA ALA K 90 -45.52 11.09 -12.54
C ALA K 90 -44.32 10.35 -13.13
N VAL K 91 -44.61 9.53 -14.12
CA VAL K 91 -43.62 8.98 -15.03
C VAL K 91 -43.85 9.57 -16.42
N TYR K 92 -42.77 10.03 -17.06
CA TYR K 92 -42.79 10.68 -18.37
C TYR K 92 -42.17 9.76 -19.43
N TYR K 93 -42.94 9.50 -20.48
CA TYR K 93 -42.54 8.61 -21.57
C TYR K 93 -42.36 9.40 -22.87
N CYS K 94 -41.39 8.98 -23.69
CA CYS K 94 -41.32 9.43 -25.06
C CYS K 94 -41.64 8.24 -25.97
N GLN K 95 -42.13 8.57 -27.15
CA GLN K 95 -42.48 7.58 -28.15
C GLN K 95 -41.94 7.99 -29.50
N ASN K 96 -41.25 7.05 -30.14
CA ASN K 96 -40.98 7.16 -31.56
C ASN K 96 -42.29 7.10 -32.33
N ASP K 97 -42.52 8.10 -33.17
CA ASP K 97 -43.65 8.03 -34.07
C ASP K 97 -43.24 8.23 -35.52
N TYR K 98 -41.95 8.07 -35.81
CA TYR K 98 -41.43 8.19 -37.18
C TYR K 98 -41.79 6.97 -38.00
N SER K 99 -41.51 5.79 -37.47
CA SER K 99 -41.55 4.57 -38.26
C SER K 99 -42.10 3.41 -37.43
N TYR K 100 -42.63 2.43 -38.14
CA TYR K 100 -43.02 1.19 -37.51
C TYR K 100 -41.75 0.41 -37.13
N PRO K 101 -41.70 -0.19 -35.94
CA PRO K 101 -42.68 -0.12 -34.85
C PRO K 101 -42.53 1.18 -34.07
N PHE K 102 -43.65 1.74 -33.61
CA PHE K 102 -43.68 3.02 -32.91
C PHE K 102 -43.35 2.74 -31.43
N THR K 103 -42.06 2.69 -31.13
CA THR K 103 -41.57 2.18 -29.87
C THR K 103 -41.53 3.26 -28.78
N PHE K 104 -41.72 2.83 -27.53
CA PHE K 104 -41.65 3.71 -26.37
C PHE K 104 -40.27 3.63 -25.71
N GLY K 105 -39.94 4.67 -24.94
CA GLY K 105 -38.81 4.63 -24.03
C GLY K 105 -39.17 3.96 -22.72
N SER K 106 -38.16 3.81 -21.87
CA SER K 106 -38.33 3.19 -20.54
C SER K 106 -38.89 4.13 -19.48
N GLY K 107 -38.96 5.44 -19.75
CA GLY K 107 -39.59 6.41 -18.89
C GLY K 107 -38.64 7.09 -17.92
N THR K 108 -39.04 8.26 -17.46
CA THR K 108 -38.38 8.98 -16.38
C THR K 108 -39.37 9.20 -15.25
N LYS K 109 -39.04 8.69 -14.06
CA LYS K 109 -39.90 8.86 -12.89
C LYS K 109 -39.54 10.17 -12.20
N LEU K 110 -40.54 11.03 -12.01
CA LEU K 110 -40.43 12.29 -11.29
C LEU K 110 -41.10 12.13 -9.91
N GLU K 111 -40.27 12.21 -8.86
CA GLU K 111 -40.64 12.14 -7.46
C GLU K 111 -40.42 13.50 -6.78
N ILE K 112 -41.05 13.69 -5.64
CA ILE K 112 -41.11 15.00 -4.99
C ILE K 112 -40.41 14.92 -3.64
N LYS K 113 -39.64 15.96 -3.34
CA LYS K 113 -39.10 16.19 -2.01
C LYS K 113 -39.88 17.29 -1.30
N ARG K 114 -40.39 16.98 -0.12
CA ARG K 114 -41.10 17.93 0.72
C ARG K 114 -40.39 18.04 2.08
N ALA K 115 -40.99 18.84 2.96
CA ALA K 115 -40.50 18.89 4.32
C ALA K 115 -40.77 17.58 5.04
N ASP K 116 -40.00 17.33 6.09
CA ASP K 116 -40.19 16.11 6.87
C ASP K 116 -41.53 16.17 7.57
N ALA K 117 -42.17 15.02 7.69
CA ALA K 117 -43.52 14.96 8.25
C ALA K 117 -43.65 13.70 9.07
N ALA K 118 -44.25 13.82 10.28
CA ALA K 118 -44.46 12.67 11.16
C ALA K 118 -45.73 11.92 10.75
N PRO K 119 -45.73 10.59 10.89
CA PRO K 119 -46.94 9.81 10.57
C PRO K 119 -47.99 9.93 11.66
N THR K 120 -49.27 9.93 11.26
CA THR K 120 -50.36 9.71 12.21
C THR K 120 -50.66 8.22 12.27
N VAL K 121 -50.53 7.64 13.45
CA VAL K 121 -50.57 6.20 13.65
C VAL K 121 -51.88 5.81 14.34
N SER K 122 -52.53 4.75 13.84
CA SER K 122 -53.80 4.27 14.39
C SER K 122 -53.78 2.75 14.46
N ILE K 123 -54.21 2.20 15.60
CA ILE K 123 -54.23 0.76 15.82
C ILE K 123 -55.68 0.29 15.92
N PHE K 124 -55.95 -0.91 15.40
CA PHE K 124 -57.32 -1.44 15.30
C PHE K 124 -57.35 -2.90 15.70
N PRO K 125 -58.22 -3.25 16.67
CA PRO K 125 -58.36 -4.64 17.13
C PRO K 125 -59.11 -5.47 16.10
N PRO K 126 -59.11 -6.82 16.22
CA PRO K 126 -59.82 -7.66 15.25
C PRO K 126 -61.32 -7.42 15.21
N SER K 127 -61.92 -7.73 14.07
CA SER K 127 -63.37 -7.66 13.94
C SER K 127 -64.03 -8.83 14.70
N SER K 128 -65.31 -8.62 15.03
CA SER K 128 -66.10 -9.67 15.66
C SER K 128 -66.31 -10.85 14.72
N GLU K 129 -66.39 -10.58 13.40
CA GLU K 129 -66.67 -11.61 12.41
C GLU K 129 -65.44 -12.42 12.06
N GLN K 130 -64.28 -11.77 12.03
CA GLN K 130 -63.06 -12.55 11.85
C GLN K 130 -62.80 -13.42 13.06
N LEU K 131 -63.09 -12.87 14.26
CA LEU K 131 -62.95 -13.64 15.49
C LEU K 131 -63.91 -14.81 15.48
N THR K 132 -65.07 -14.62 14.86
CA THR K 132 -66.01 -15.71 14.68
C THR K 132 -65.51 -16.74 13.66
N SER K 133 -64.63 -16.34 12.74
CA SER K 133 -64.07 -17.27 11.77
C SER K 133 -62.81 -18.01 12.23
N GLY K 134 -62.28 -17.70 13.43
CA GLY K 134 -61.12 -18.38 13.97
C GLY K 134 -59.82 -17.64 13.77
N GLY K 135 -59.77 -16.65 12.86
CA GLY K 135 -58.57 -15.86 12.65
C GLY K 135 -58.62 -14.52 13.37
N ALA K 136 -57.45 -13.88 13.47
CA ALA K 136 -57.42 -12.57 14.09
C ALA K 136 -56.39 -11.68 13.40
N SER K 137 -56.75 -10.42 13.12
CA SER K 137 -55.83 -9.48 12.50
C SER K 137 -55.91 -8.13 13.21
N VAL K 138 -54.77 -7.71 13.79
CA VAL K 138 -54.63 -6.37 14.36
C VAL K 138 -53.92 -5.50 13.33
N VAL K 139 -54.53 -4.37 12.98
CA VAL K 139 -54.00 -3.59 11.89
C VAL K 139 -53.55 -2.22 12.40
N CYS K 140 -52.55 -1.67 11.71
CA CYS K 140 -51.95 -0.40 12.09
C CYS K 140 -51.74 0.44 10.84
N PHE K 141 -52.34 1.62 10.82
CA PHE K 141 -52.19 2.58 9.72
C PHE K 141 -51.23 3.68 10.11
N LEU K 142 -50.28 4.00 9.23
CA LEU K 142 -49.28 5.03 9.48
C LEU K 142 -49.36 5.99 8.31
N ASN K 143 -50.06 7.10 8.50
CA ASN K 143 -50.51 7.94 7.41
C ASN K 143 -49.83 9.29 7.35
N ASN K 144 -49.52 9.69 6.11
CA ASN K 144 -49.09 11.04 5.72
C ASN K 144 -47.76 11.46 6.34
N PHE K 145 -46.72 10.72 6.01
CA PHE K 145 -45.37 11.02 6.46
C PHE K 145 -44.42 11.16 5.27
N TYR K 146 -43.29 11.84 5.52
CA TYR K 146 -42.18 11.96 4.54
C TYR K 146 -40.90 12.05 5.35
N PRO K 147 -39.82 11.35 4.95
CA PRO K 147 -39.69 10.47 3.77
C PRO K 147 -40.26 9.07 3.99
N LYS K 148 -40.10 8.20 2.98
CA LYS K 148 -40.72 6.89 2.95
C LYS K 148 -40.07 5.89 3.90
N ASP K 149 -38.86 6.12 4.37
CA ASP K 149 -38.21 5.16 5.25
C ASP K 149 -38.82 5.24 6.65
N ILE K 150 -39.39 4.13 7.12
CA ILE K 150 -40.05 4.07 8.42
C ILE K 150 -39.88 2.67 8.99
N ASN K 151 -39.88 2.56 10.31
CA ASN K 151 -39.83 1.23 10.89
C ASN K 151 -40.99 1.03 11.85
N VAL K 152 -41.64 -0.11 11.75
CA VAL K 152 -42.73 -0.41 12.67
C VAL K 152 -42.47 -1.76 13.33
N LYS K 153 -42.62 -1.80 14.64
CA LYS K 153 -42.54 -3.06 15.36
C LYS K 153 -43.79 -3.26 16.21
N TRP K 154 -44.11 -4.54 16.44
CA TRP K 154 -45.27 -4.97 17.21
C TRP K 154 -44.78 -5.58 18.52
N LYS K 155 -45.36 -5.14 19.63
CA LYS K 155 -45.06 -5.67 20.95
C LYS K 155 -46.34 -6.22 21.58
N ILE K 156 -46.34 -7.50 21.90
CA ILE K 156 -47.45 -8.19 22.53
C ILE K 156 -47.02 -8.55 23.95
N ASP K 157 -47.75 -7.99 24.93
CA ASP K 157 -47.43 -8.07 26.36
C ASP K 157 -46.03 -7.52 26.60
N GLY K 158 -45.67 -6.48 25.84
CA GLY K 158 -44.37 -5.86 25.93
C GLY K 158 -43.28 -6.59 25.18
N SER K 159 -43.53 -7.82 24.72
CA SER K 159 -42.52 -8.62 24.04
C SER K 159 -42.67 -8.47 22.52
N GLU K 160 -41.57 -8.24 21.83
CA GLU K 160 -41.57 -7.97 20.40
C GLU K 160 -42.00 -9.22 19.63
N ARG K 161 -43.23 -9.25 19.14
CA ARG K 161 -43.62 -10.29 18.20
C ARG K 161 -43.45 -9.77 16.79
N GLN K 162 -42.89 -10.62 15.92
CA GLN K 162 -42.84 -10.32 14.51
C GLN K 162 -43.51 -11.38 13.65
N ASN K 163 -44.04 -12.45 14.24
CA ASN K 163 -44.59 -13.54 13.44
C ASN K 163 -45.91 -13.09 12.80
N GLY K 164 -46.07 -13.35 11.50
CA GLY K 164 -47.35 -13.05 10.88
C GLY K 164 -47.61 -11.60 10.54
N VAL K 165 -46.57 -10.81 10.26
CA VAL K 165 -46.74 -9.39 10.02
C VAL K 165 -46.61 -9.13 8.53
N LEU K 166 -47.58 -8.40 7.97
CA LEU K 166 -47.55 -7.98 6.58
C LEU K 166 -47.52 -6.45 6.53
N ASN K 167 -46.68 -5.92 5.65
CA ASN K 167 -46.50 -4.48 5.43
C ASN K 167 -46.89 -4.10 4.01
N SER K 168 -47.47 -2.92 3.83
CA SER K 168 -47.79 -2.41 2.49
C SER K 168 -47.65 -0.89 2.46
N TRP K 169 -46.96 -0.35 1.45
CA TRP K 169 -46.75 1.09 1.30
C TRP K 169 -47.55 1.67 0.15
N THR K 170 -48.07 2.88 0.33
CA THR K 170 -48.65 3.57 -0.80
C THR K 170 -47.58 4.17 -1.72
N ASP K 171 -48.03 4.61 -2.89
CA ASP K 171 -47.16 5.47 -3.67
C ASP K 171 -47.18 6.84 -3.03
N GLN K 172 -46.29 7.69 -3.50
CA GLN K 172 -46.28 9.08 -3.07
C GLN K 172 -47.59 9.72 -3.51
N ASP K 173 -48.21 10.50 -2.61
CA ASP K 173 -49.52 11.02 -2.95
C ASP K 173 -49.40 12.26 -3.85
N SER K 174 -50.27 12.34 -4.85
CA SER K 174 -50.19 13.41 -5.85
C SER K 174 -50.59 14.79 -5.34
N LYS K 175 -51.14 14.91 -4.14
CA LYS K 175 -51.58 16.20 -3.65
C LYS K 175 -50.77 16.75 -2.49
N ASP K 176 -50.27 15.89 -1.58
CA ASP K 176 -49.45 16.37 -0.47
C ASP K 176 -48.06 15.75 -0.39
N SER K 177 -47.66 14.94 -1.38
CA SER K 177 -46.30 14.43 -1.55
C SER K 177 -45.84 13.56 -0.37
N THR K 178 -46.78 13.01 0.40
CA THR K 178 -46.45 12.15 1.52
C THR K 178 -46.68 10.69 1.15
N TYR K 179 -46.18 9.81 2.02
CA TYR K 179 -46.36 8.37 1.93
C TYR K 179 -47.19 7.85 3.11
N SER K 180 -47.75 6.66 2.94
CA SER K 180 -48.50 5.97 3.99
C SER K 180 -48.30 4.48 3.87
N MET K 181 -48.38 3.80 5.01
CA MET K 181 -48.16 2.36 5.10
C MET K 181 -49.08 1.71 6.13
N SER K 182 -49.49 0.48 5.84
CA SER K 182 -50.32 -0.33 6.72
C SER K 182 -49.56 -1.59 7.11
N SER K 183 -49.75 -2.03 8.35
CA SER K 183 -49.19 -3.28 8.84
C SER K 183 -50.28 -4.12 9.52
N THR K 184 -50.35 -5.38 9.13
CA THR K 184 -51.35 -6.33 9.60
C THR K 184 -50.63 -7.48 10.31
N LEU K 185 -50.93 -7.66 11.60
CA LEU K 185 -50.41 -8.76 12.42
C LEU K 185 -51.53 -9.80 12.55
N THR K 186 -51.33 -10.97 11.94
CA THR K 186 -52.33 -12.03 11.86
C THR K 186 -51.96 -13.23 12.74
N LEU K 187 -52.91 -13.60 13.61
CA LEU K 187 -52.79 -14.70 14.56
C LEU K 187 -54.00 -15.61 14.37
N THR K 188 -53.97 -16.76 15.04
CA THR K 188 -55.19 -17.53 15.18
C THR K 188 -56.00 -16.98 16.36
N LYS K 189 -57.20 -17.53 16.56
CA LYS K 189 -58.03 -17.03 17.66
C LYS K 189 -57.50 -17.50 19.01
N ASP K 190 -57.12 -18.77 19.13
CA ASP K 190 -56.69 -19.28 20.43
C ASP K 190 -55.37 -18.68 20.88
N GLU K 191 -54.50 -18.27 19.96
CA GLU K 191 -53.34 -17.50 20.39
C GLU K 191 -53.66 -16.03 20.64
N TYR K 192 -54.64 -15.47 19.94
CA TYR K 192 -55.04 -14.10 20.19
C TYR K 192 -55.70 -13.94 21.55
N GLU K 193 -56.39 -14.99 22.02
CA GLU K 193 -57.13 -14.94 23.27
C GLU K 193 -56.23 -14.96 24.50
N ARG K 194 -54.95 -15.36 24.34
CA ARG K 194 -54.05 -15.45 25.49
C ARG K 194 -53.46 -14.10 25.89
N HIS K 195 -53.40 -13.11 25.00
CA HIS K 195 -52.62 -11.92 25.29
C HIS K 195 -53.52 -10.72 25.56
N ASN K 196 -52.95 -9.72 26.24
CA ASN K 196 -53.72 -8.57 26.72
C ASN K 196 -53.32 -7.29 26.01
N SER K 197 -52.03 -6.90 26.02
CA SER K 197 -51.60 -5.61 25.48
C SER K 197 -51.04 -5.79 24.07
N TYR K 198 -51.56 -5.02 23.12
CA TYR K 198 -51.07 -5.02 21.74
C TYR K 198 -50.57 -3.63 21.40
N THR K 199 -49.30 -3.54 20.98
CA THR K 199 -48.62 -2.27 20.86
C THR K 199 -47.99 -2.15 19.48
N CYS K 200 -48.33 -1.07 18.78
CA CYS K 200 -47.81 -0.76 17.46
C CYS K 200 -46.92 0.47 17.59
N GLU K 201 -45.62 0.30 17.35
CA GLU K 201 -44.66 1.37 17.60
C GLU K 201 -43.89 1.72 16.32
N ALA K 202 -43.88 3.01 15.99
CA ALA K 202 -43.36 3.50 14.72
C ALA K 202 -42.21 4.48 14.95
N THR K 203 -41.07 4.20 14.34
CA THR K 203 -39.92 5.08 14.41
C THR K 203 -39.69 5.73 13.06
N HIS K 204 -39.50 7.05 13.07
CA HIS K 204 -39.32 7.85 11.87
C HIS K 204 -38.22 8.87 12.11
N LYS K 205 -37.75 9.50 11.02
CA LYS K 205 -36.67 10.50 11.09
C LYS K 205 -37.04 11.72 11.92
N THR K 206 -38.33 12.03 11.99
CA THR K 206 -38.78 13.29 12.58
C THR K 206 -38.56 13.35 14.08
N SER K 207 -38.63 12.21 14.77
CA SER K 207 -38.49 12.14 16.22
C SER K 207 -37.51 11.04 16.60
N THR K 208 -36.70 11.31 17.63
CA THR K 208 -35.88 10.24 18.16
C THR K 208 -36.71 9.24 18.94
N SER K 209 -37.78 9.71 19.58
CA SER K 209 -38.69 8.82 20.31
C SER K 209 -39.78 8.29 19.37
N PRO K 210 -40.07 6.99 19.39
CA PRO K 210 -41.08 6.44 18.49
C PRO K 210 -42.48 6.83 18.90
N ILE K 211 -43.37 6.86 17.92
CA ILE K 211 -44.79 7.09 18.16
C ILE K 211 -45.44 5.74 18.48
N VAL K 212 -46.11 5.65 19.62
CA VAL K 212 -46.65 4.39 20.09
C VAL K 212 -48.17 4.51 20.22
N LYS K 213 -48.90 3.57 19.61
CA LYS K 213 -50.33 3.44 19.83
C LYS K 213 -50.64 2.01 20.29
N SER K 214 -51.64 1.85 21.14
CA SER K 214 -51.81 0.53 21.73
C SER K 214 -53.24 0.35 22.17
N PHE K 215 -53.57 -0.90 22.45
CA PHE K 215 -54.83 -1.19 23.14
C PHE K 215 -54.62 -2.42 24.00
N ASN K 216 -55.35 -2.45 25.11
CA ASN K 216 -55.12 -3.48 26.12
C ASN K 216 -56.23 -4.50 26.21
N ARG K 217 -57.18 -4.53 25.26
CA ARG K 217 -58.17 -5.59 25.12
C ARG K 217 -59.10 -5.70 26.35
N ASN K 218 -59.06 -4.72 27.26
CA ASN K 218 -59.87 -4.71 28.50
C ASN K 218 -60.62 -3.38 28.62
N GLY L 3 -56.35 15.89 -41.26
CA GLY L 3 -56.39 14.97 -42.37
C GLY L 3 -56.40 13.52 -41.89
N ALA L 4 -55.22 13.01 -41.55
CA ALA L 4 -55.09 11.60 -41.18
C ALA L 4 -53.86 11.42 -40.30
N GLY L 5 -54.01 10.80 -39.14
CA GLY L 5 -55.23 10.17 -38.66
C GLY L 5 -55.31 8.66 -38.89
N ASN L 6 -55.37 8.24 -40.15
CA ASN L 6 -55.30 6.82 -40.48
C ASN L 6 -54.05 6.49 -41.28
N GLN L 7 -53.11 7.44 -41.43
CA GLN L 7 -51.83 7.18 -42.09
C GLN L 7 -50.73 7.77 -41.22
N PRO L 8 -50.32 7.06 -40.18
CA PRO L 8 -49.18 7.55 -39.37
C PRO L 8 -47.84 7.17 -39.98
N GLY L 9 -46.80 7.87 -39.52
CA GLY L 9 -45.44 7.65 -39.97
C GLY L 9 -44.93 8.75 -40.89
N ALA L 10 -43.77 8.47 -41.48
CA ALA L 10 -43.11 9.44 -42.34
C ALA L 10 -43.84 9.65 -43.67
N ASN L 11 -44.52 8.62 -44.19
CA ASN L 11 -45.24 8.63 -45.47
C ASN L 11 -44.37 8.96 -46.70
#